data_1UTD
#
_entry.id   1UTD
#
_cell.length_a   115.110
_cell.length_b   134.230
_cell.length_c   119.740
_cell.angle_alpha   90.00
_cell.angle_beta   106.45
_cell.angle_gamma   90.00
#
_symmetry.space_group_name_H-M   'C 1 2 1'
#
loop_
_entity.id
_entity.type
_entity.pdbx_description
1 polymer "5'-R(*GP*UP*UP*UP*GP*AP)-3'"
2 polymer 'TRANSCRIPTION ATTENUATION PROTEIN MTRB'
3 non-polymer TRYPTOPHAN
4 water water
#
loop_
_entity_poly.entity_id
_entity_poly.type
_entity_poly.pdbx_seq_one_letter_code
_entity_poly.pdbx_strand_id
1 'polyribonucleotide' GUUUGA 0,1,2,3,4,5,6,7,8,9,Z
2 'polypeptide(L)' MYTNSDFVVIKALEDGVNVIGLTRGADTRFHHSEKLDKGEVLIAQFTEHTSAIKVRGKAYIQTRHGVIESEGKK A,B,C,D,E,F,G,H,I,J,K,L,M,N,O,P,Q,R,S,T,U,V
#
loop_
_chem_comp.id
_chem_comp.type
_chem_comp.name
_chem_comp.formula
A RNA linking ADENOSINE-5'-MONOPHOSPHATE 'C10 H14 N5 O7 P'
G RNA linking GUANOSINE-5'-MONOPHOSPHATE 'C10 H14 N5 O8 P'
U RNA linking URIDINE-5'-MONOPHOSPHATE 'C9 H13 N2 O9 P'
#
# COMPACT_ATOMS: atom_id res chain seq x y z
N THR K 3 17.33 -22.92 11.38
CA THR K 3 17.76 -23.02 9.95
C THR K 3 16.86 -22.14 9.00
N ASN K 4 16.34 -21.01 9.52
CA ASN K 4 15.58 -19.99 8.75
C ASN K 4 16.37 -18.72 8.42
N SER K 5 17.63 -18.84 8.03
CA SER K 5 18.38 -17.66 7.62
C SER K 5 17.99 -17.25 6.20
N ASP K 6 18.55 -16.16 5.70
CA ASP K 6 18.23 -15.74 4.35
C ASP K 6 18.85 -16.59 3.25
N PHE K 7 18.34 -16.43 2.04
CA PHE K 7 18.85 -17.17 0.91
C PHE K 7 18.88 -16.29 -0.34
N VAL K 8 19.62 -16.75 -1.33
CA VAL K 8 19.76 -16.05 -2.59
C VAL K 8 19.38 -17.05 -3.68
N VAL K 9 18.75 -16.53 -4.75
CA VAL K 9 18.41 -17.36 -5.91
C VAL K 9 19.34 -16.95 -7.03
N ILE K 10 20.01 -17.91 -7.67
CA ILE K 10 20.91 -17.62 -8.77
C ILE K 10 20.45 -18.46 -9.98
N LYS K 11 20.19 -17.82 -11.11
CA LYS K 11 19.88 -18.52 -12.37
C LYS K 11 21.02 -18.22 -13.34
N ALA K 12 21.78 -19.26 -13.71
CA ALA K 12 22.86 -19.09 -14.71
C ALA K 12 22.31 -18.66 -16.06
N LEU K 13 22.88 -17.60 -16.65
CA LEU K 13 22.49 -17.16 -18.01
C LEU K 13 23.50 -17.64 -19.06
N GLU K 14 24.54 -18.36 -18.65
CA GLU K 14 25.53 -18.95 -19.59
C GLU K 14 26.06 -20.16 -18.84
N ASP K 15 26.80 -21.01 -19.53
CA ASP K 15 27.50 -22.15 -18.95
C ASP K 15 28.65 -21.69 -18.05
N GLY K 16 28.99 -22.51 -17.05
CA GLY K 16 30.20 -22.32 -16.28
C GLY K 16 30.12 -21.27 -15.18
N VAL K 17 28.91 -20.81 -14.85
CA VAL K 17 28.74 -19.89 -13.75
C VAL K 17 29.18 -20.58 -12.45
N ASN K 18 29.91 -19.84 -11.62
CA ASN K 18 30.33 -20.33 -10.30
C ASN K 18 29.65 -19.58 -9.16
N VAL K 19 29.02 -20.35 -8.28
CA VAL K 19 28.53 -19.80 -7.02
C VAL K 19 29.48 -20.29 -5.90
N ILE K 20 30.19 -19.36 -5.29
CA ILE K 20 31.26 -19.72 -4.36
C ILE K 20 30.90 -19.38 -2.90
N GLY K 21 31.05 -20.34 -1.98
CA GLY K 21 30.80 -20.08 -0.58
C GLY K 21 32.08 -19.67 0.15
N LEU K 22 32.01 -18.58 0.90
CA LEU K 22 33.12 -18.10 1.74
C LEU K 22 32.86 -18.55 3.18
N THR K 23 33.90 -19.08 3.85
CA THR K 23 33.79 -19.58 5.23
C THR K 23 33.39 -18.53 6.25
N ARG K 24 32.46 -18.89 7.12
CA ARG K 24 32.18 -18.13 8.34
C ARG K 24 33.33 -18.27 9.34
N GLY K 25 33.64 -17.19 10.05
CA GLY K 25 34.59 -17.25 11.14
C GLY K 25 35.74 -16.25 11.01
N ALA K 26 36.76 -16.39 11.85
CA ALA K 26 37.96 -15.55 11.82
C ALA K 26 38.69 -15.68 10.48
N ASP K 27 38.63 -16.89 9.92
CA ASP K 27 39.26 -17.23 8.63
C ASP K 27 38.32 -17.11 7.44
N THR K 28 38.77 -16.47 6.37
CA THR K 28 37.98 -16.31 5.15
C THR K 28 38.67 -16.95 3.93
N ARG K 29 38.06 -17.98 3.41
CA ARG K 29 38.56 -18.63 2.21
C ARG K 29 37.35 -19.24 1.53
N PHE K 30 37.53 -19.68 0.29
CA PHE K 30 36.44 -20.35 -0.45
C PHE K 30 36.41 -21.81 0.05
N HIS K 31 35.23 -22.35 0.41
CA HIS K 31 35.13 -23.79 0.77
C HIS K 31 34.42 -24.62 -0.32
N HIS K 32 33.66 -23.97 -1.17
CA HIS K 32 32.98 -24.71 -2.22
C HIS K 32 32.64 -23.79 -3.36
N SER K 33 32.88 -24.25 -4.59
CA SER K 33 32.37 -23.57 -5.79
C SER K 33 31.34 -24.48 -6.49
N GLU K 34 30.10 -24.00 -6.62
CA GLU K 34 29.07 -24.78 -7.30
C GLU K 34 28.96 -24.26 -8.71
N LYS K 35 29.13 -25.17 -9.66
CA LYS K 35 29.02 -24.84 -11.06
C LYS K 35 27.60 -24.94 -11.55
N LEU K 36 27.12 -23.90 -12.22
CA LEU K 36 25.78 -23.88 -12.80
C LEU K 36 25.87 -23.67 -14.29
N ASP K 37 25.20 -24.52 -15.08
CA ASP K 37 25.18 -24.31 -16.51
C ASP K 37 23.94 -23.56 -16.93
N LYS K 38 23.87 -23.21 -18.20
CA LYS K 38 22.92 -22.22 -18.62
C LYS K 38 21.48 -22.69 -18.29
N GLY K 39 20.71 -21.81 -17.63
CA GLY K 39 19.32 -22.09 -17.32
C GLY K 39 19.05 -22.83 -16.00
N GLU K 40 20.09 -23.39 -15.36
CA GLU K 40 19.98 -24.03 -14.07
C GLU K 40 19.85 -22.94 -12.96
N VAL K 41 19.14 -23.29 -11.89
CA VAL K 41 18.83 -22.38 -10.79
C VAL K 41 19.34 -23.03 -9.50
N LEU K 42 20.12 -22.25 -8.74
CA LEU K 42 20.53 -22.59 -7.39
C LEU K 42 19.88 -21.62 -6.38
N ILE K 43 19.33 -22.21 -5.32
CA ILE K 43 18.80 -21.43 -4.23
C ILE K 43 19.61 -21.85 -3.01
N ALA K 44 20.30 -20.87 -2.43
CA ALA K 44 21.36 -21.19 -1.51
C ALA K 44 21.21 -20.31 -0.25
N GLN K 45 21.22 -20.95 0.91
CA GLN K 45 21.18 -20.21 2.17
C GLN K 45 22.54 -19.70 2.64
N PHE K 46 22.50 -18.67 3.51
CA PHE K 46 23.58 -18.40 4.46
C PHE K 46 23.44 -19.41 5.59
N THR K 47 24.55 -19.90 6.12
CA THR K 47 24.54 -21.07 7.02
C THR K 47 25.65 -20.94 8.04
N GLU K 48 25.72 -21.93 8.92
CA GLU K 48 26.81 -22.01 9.89
C GLU K 48 28.17 -21.94 9.18
N HIS K 49 28.26 -22.50 7.97
CA HIS K 49 29.55 -22.54 7.24
C HIS K 49 29.80 -21.50 6.16
N THR K 50 28.75 -20.79 5.75
CA THR K 50 28.82 -19.83 4.65
C THR K 50 28.23 -18.51 5.08
N SER K 51 29.07 -17.48 5.21
CA SER K 51 28.59 -16.15 5.62
C SER K 51 28.76 -15.14 4.51
N ALA K 52 29.20 -15.61 3.34
CA ALA K 52 29.29 -14.73 2.16
C ALA K 52 29.31 -15.59 0.93
N ILE K 53 28.74 -15.09 -0.16
CA ILE K 53 28.53 -15.86 -1.39
C ILE K 53 29.01 -14.97 -2.55
N LYS K 54 29.90 -15.53 -3.40
CA LYS K 54 30.38 -14.83 -4.58
C LYS K 54 29.84 -15.50 -5.83
N VAL K 55 29.35 -14.68 -6.77
CA VAL K 55 28.88 -15.21 -8.05
C VAL K 55 29.78 -14.68 -9.16
N ARG K 56 30.35 -15.60 -9.96
CA ARG K 56 31.21 -15.29 -11.07
C ARG K 56 30.58 -15.82 -12.35
N GLY K 57 30.42 -14.97 -13.37
CA GLY K 57 29.82 -15.38 -14.64
C GLY K 57 28.46 -14.73 -14.75
N LYS K 58 27.81 -14.89 -15.91
CA LYS K 58 26.57 -14.18 -16.18
C LYS K 58 25.36 -14.86 -15.53
N ALA K 59 24.68 -14.14 -14.64
CA ALA K 59 23.62 -14.73 -13.85
C ALA K 59 22.55 -13.70 -13.45
N TYR K 60 21.31 -14.16 -13.30
CA TYR K 60 20.23 -13.33 -12.78
C TYR K 60 20.06 -13.69 -11.31
N ILE K 61 20.19 -12.71 -10.41
CA ILE K 61 20.19 -13.05 -8.98
C ILE K 61 19.01 -12.39 -8.26
N GLN K 62 18.29 -13.13 -7.41
CA GLN K 62 17.29 -12.49 -6.53
C GLN K 62 17.69 -12.61 -5.04
N THR K 63 17.61 -11.50 -4.31
CA THR K 63 17.68 -11.55 -2.85
C THR K 63 16.53 -10.78 -2.25
N ARG K 64 16.45 -10.79 -0.93
CA ARG K 64 15.50 -9.93 -0.23
C ARG K 64 15.59 -8.47 -0.69
N HIS K 65 16.74 -8.03 -1.22
CA HIS K 65 16.86 -6.59 -1.58
C HIS K 65 16.52 -6.33 -3.02
N GLY K 66 16.19 -7.39 -3.75
CA GLY K 66 15.69 -7.24 -5.11
C GLY K 66 16.58 -8.02 -6.08
N VAL K 67 16.53 -7.60 -7.32
CA VAL K 67 17.23 -8.27 -8.41
C VAL K 67 18.62 -7.62 -8.61
N ILE K 68 19.65 -8.45 -8.83
CA ILE K 68 20.93 -7.92 -9.33
C ILE K 68 21.43 -8.90 -10.40
N GLU K 69 22.27 -8.43 -11.34
CA GLU K 69 22.77 -9.36 -12.36
C GLU K 69 24.29 -9.36 -12.38
N SER K 70 24.89 -10.53 -12.23
CA SER K 70 26.35 -10.63 -12.38
C SER K 70 26.64 -10.74 -13.85
N GLU K 71 27.79 -10.21 -14.26
CA GLU K 71 28.15 -10.22 -15.67
C GLU K 71 29.48 -10.93 -15.89
N GLY K 72 29.56 -11.72 -16.96
CA GLY K 72 30.77 -12.50 -17.26
C GLY K 72 31.93 -11.62 -17.69
N THR L 3 10.44 -26.14 13.20
CA THR L 3 10.37 -26.70 11.80
C THR L 3 9.81 -25.61 10.82
N ASN L 4 10.51 -24.47 10.85
CA ASN L 4 9.97 -23.12 10.53
C ASN L 4 10.53 -22.49 9.23
N SER L 5 11.44 -23.20 8.57
CA SER L 5 12.23 -22.70 7.43
C SER L 5 11.45 -22.15 6.22
N ASP L 6 12.17 -21.42 5.37
CA ASP L 6 11.70 -21.08 4.05
C ASP L 6 11.53 -22.36 3.23
N PHE L 7 10.71 -22.25 2.20
CA PHE L 7 10.51 -23.32 1.24
C PHE L 7 10.48 -22.69 -0.14
N VAL L 8 10.68 -23.57 -1.13
CA VAL L 8 10.62 -23.25 -2.56
C VAL L 8 9.45 -24.05 -3.17
N VAL L 9 8.75 -23.46 -4.13
CA VAL L 9 7.77 -24.22 -4.89
C VAL L 9 8.32 -24.47 -6.28
N ILE L 10 8.37 -25.74 -6.72
CA ILE L 10 8.88 -26.07 -8.06
C ILE L 10 7.79 -26.78 -8.86
N LYS L 11 7.41 -26.21 -10.01
CA LYS L 11 6.52 -26.93 -10.94
C LYS L 11 7.28 -27.31 -12.22
N ALA L 12 7.38 -28.63 -12.51
CA ALA L 12 8.01 -29.12 -13.74
C ALA L 12 7.20 -28.71 -14.96
N LEU L 13 7.85 -28.06 -15.94
CA LEU L 13 7.23 -27.68 -17.19
C LEU L 13 7.57 -28.68 -18.31
N GLU L 14 8.33 -29.74 -18.00
CA GLU L 14 8.62 -30.84 -18.92
C GLU L 14 8.96 -32.05 -18.01
N ASP L 15 9.03 -33.24 -18.58
CA ASP L 15 9.44 -34.42 -17.83
C ASP L 15 10.93 -34.37 -17.48
N GLY L 16 11.28 -34.98 -16.35
CA GLY L 16 12.67 -35.22 -15.99
C GLY L 16 13.33 -34.05 -15.26
N VAL L 17 12.54 -33.12 -14.75
CA VAL L 17 13.10 -32.06 -13.91
C VAL L 17 13.72 -32.71 -12.65
N ASN L 18 14.95 -32.33 -12.31
CA ASN L 18 15.64 -32.83 -11.11
C ASN L 18 15.70 -31.69 -10.12
N VAL L 19 15.12 -31.90 -8.94
CA VAL L 19 15.32 -31.00 -7.79
C VAL L 19 16.34 -31.68 -6.87
N ILE L 20 17.47 -31.03 -6.67
CA ILE L 20 18.65 -31.64 -5.98
C ILE L 20 18.92 -30.98 -4.63
N GLY L 21 19.02 -31.78 -3.57
CA GLY L 21 19.36 -31.24 -2.26
C GLY L 21 20.85 -31.34 -1.99
N LEU L 22 21.47 -30.22 -1.61
CA LEU L 22 22.87 -30.21 -1.26
C LEU L 22 23.03 -30.16 0.26
N THR L 23 24.01 -30.92 0.76
CA THR L 23 24.18 -31.09 2.20
C THR L 23 24.52 -29.80 2.94
N ARG L 24 23.84 -29.59 4.05
CA ARG L 24 24.26 -28.58 5.04
C ARG L 24 25.53 -29.05 5.74
N GLY L 25 26.45 -28.14 6.03
CA GLY L 25 27.66 -28.51 6.80
C GLY L 25 28.95 -28.04 6.14
N ALA L 26 30.07 -28.45 6.72
CA ALA L 26 31.39 -28.12 6.17
C ALA L 26 31.56 -28.73 4.77
N ASP L 27 30.93 -29.90 4.52
CA ASP L 27 30.94 -30.52 3.20
C ASP L 27 29.73 -30.17 2.35
N THR L 28 29.95 -30.01 1.04
CA THR L 28 28.85 -29.79 0.09
C THR L 28 28.79 -30.89 -0.95
N ARG L 29 27.73 -31.68 -0.88
CA ARG L 29 27.56 -32.83 -1.77
C ARG L 29 26.07 -33.01 -2.06
N PHE L 30 25.75 -33.62 -3.19
CA PHE L 30 24.39 -34.02 -3.50
C PHE L 30 23.96 -35.07 -2.46
N HIS L 31 22.77 -34.97 -1.89
CA HIS L 31 22.30 -36.09 -1.04
C HIS L 31 20.97 -36.67 -1.54
N HIS L 32 20.30 -35.94 -2.41
CA HIS L 32 19.05 -36.44 -2.96
C HIS L 32 18.68 -35.71 -4.24
N SER L 33 18.14 -36.44 -5.19
CA SER L 33 17.61 -35.88 -6.41
C SER L 33 16.16 -36.33 -6.52
N GLU L 34 15.22 -35.38 -6.57
CA GLU L 34 13.82 -35.74 -6.75
C GLU L 34 13.45 -35.44 -8.18
N LYS L 35 13.04 -36.47 -8.90
CA LYS L 35 12.68 -36.30 -10.28
C LYS L 35 11.17 -36.01 -10.43
N LEU L 36 10.84 -34.97 -11.22
CA LEU L 36 9.44 -34.55 -11.47
C LEU L 36 9.01 -34.76 -12.91
N ASP L 37 7.81 -35.30 -13.08
CA ASP L 37 7.16 -35.42 -14.38
C ASP L 37 6.48 -34.09 -14.67
N LYS L 38 6.23 -33.83 -15.95
CA LYS L 38 5.62 -32.59 -16.36
C LYS L 38 4.31 -32.31 -15.59
N GLY L 39 4.20 -31.12 -15.02
CA GLY L 39 2.97 -30.77 -14.33
C GLY L 39 2.95 -31.12 -12.84
N GLU L 40 3.87 -31.98 -12.36
CA GLU L 40 4.05 -32.21 -10.92
C GLU L 40 4.59 -31.00 -10.17
N VAL L 41 4.23 -30.89 -8.88
CA VAL L 41 4.66 -29.76 -8.05
C VAL L 41 5.33 -30.29 -6.78
N LEU L 42 6.57 -29.88 -6.56
CA LEU L 42 7.27 -30.13 -5.32
C LEU L 42 7.38 -28.84 -4.48
N ILE L 43 7.05 -28.93 -3.21
CA ILE L 43 7.15 -27.82 -2.29
C ILE L 43 8.13 -28.31 -1.23
N ALA L 44 9.30 -27.67 -1.18
CA ALA L 44 10.45 -28.23 -0.48
C ALA L 44 11.09 -27.21 0.44
N GLN L 45 11.31 -27.58 1.70
CA GLN L 45 11.90 -26.65 2.66
C GLN L 45 13.43 -26.76 2.64
N PHE L 46 14.11 -25.73 3.15
CA PHE L 46 15.48 -25.87 3.64
C PHE L 46 15.37 -26.51 5.02
N THR L 47 16.34 -27.34 5.39
CA THR L 47 16.19 -28.23 6.54
C THR L 47 17.54 -28.39 7.21
N GLU L 48 17.55 -29.14 8.32
CA GLU L 48 18.80 -29.55 8.96
C GLU L 48 19.79 -30.20 7.96
N HIS L 49 19.27 -30.92 6.97
CA HIS L 49 20.12 -31.64 6.02
C HIS L 49 20.32 -30.95 4.68
N THR L 50 19.48 -29.96 4.37
CA THR L 50 19.51 -29.34 3.07
C THR L 50 19.62 -27.84 3.23
N SER L 51 20.74 -27.26 2.83
CA SER L 51 20.91 -25.80 2.89
C SER L 51 21.08 -25.16 1.52
N ALA L 52 20.95 -25.95 0.46
CA ALA L 52 21.01 -25.38 -0.90
C ALA L 52 20.29 -26.34 -1.82
N ILE L 53 19.56 -25.81 -2.79
CA ILE L 53 18.74 -26.62 -3.68
C ILE L 53 19.07 -26.22 -5.11
N LYS L 54 19.30 -27.22 -5.97
CA LYS L 54 19.58 -26.99 -7.39
C LYS L 54 18.44 -27.52 -8.25
N VAL L 55 17.99 -26.74 -9.22
CA VAL L 55 16.98 -27.20 -10.15
C VAL L 55 17.51 -27.30 -11.58
N ARG L 56 17.39 -28.49 -12.17
CA ARG L 56 17.80 -28.74 -13.54
C ARG L 56 16.60 -29.12 -14.39
N GLY L 57 16.50 -28.55 -15.58
CA GLY L 57 15.35 -28.76 -16.43
C GLY L 57 14.37 -27.60 -16.35
N LYS L 58 13.37 -27.61 -17.23
CA LYS L 58 12.44 -26.51 -17.34
C LYS L 58 11.38 -26.56 -16.24
N ALA L 59 11.39 -25.52 -15.41
CA ALA L 59 10.50 -25.47 -14.27
C ALA L 59 10.07 -24.05 -13.95
N TYR L 60 8.87 -23.92 -13.37
CA TYR L 60 8.41 -22.62 -12.82
C TYR L 60 8.65 -22.63 -11.32
N ILE L 61 9.35 -21.61 -10.85
CA ILE L 61 9.78 -21.65 -9.46
C ILE L 61 9.26 -20.46 -8.67
N GLN L 62 8.67 -20.71 -7.51
CA GLN L 62 8.35 -19.56 -6.65
C GLN L 62 9.10 -19.63 -5.35
N THR L 63 9.64 -18.47 -4.91
CA THR L 63 10.21 -18.36 -3.55
C THR L 63 9.67 -17.09 -2.98
N ARG L 64 10.06 -16.82 -1.75
CA ARG L 64 9.75 -15.55 -1.12
C ARG L 64 10.26 -14.34 -1.96
N HIS L 65 11.26 -14.54 -2.84
CA HIS L 65 11.80 -13.38 -3.61
C HIS L 65 11.09 -13.19 -4.92
N GLY L 66 10.12 -14.07 -5.21
CA GLY L 66 9.29 -13.98 -6.40
C GLY L 66 9.43 -15.19 -7.31
N VAL L 67 9.09 -14.99 -8.58
CA VAL L 67 9.08 -16.07 -9.55
C VAL L 67 10.45 -16.11 -10.27
N ILE L 68 10.93 -17.32 -10.53
CA ILE L 68 12.09 -17.50 -11.42
C ILE L 68 11.80 -18.77 -12.25
N GLU L 69 12.33 -18.86 -13.46
CA GLU L 69 12.16 -20.06 -14.25
C GLU L 69 13.50 -20.74 -14.55
N SER L 70 13.62 -22.04 -14.31
CA SER L 70 14.84 -22.72 -14.77
C SER L 70 14.59 -23.16 -16.18
N GLU L 71 15.65 -23.33 -16.95
CA GLU L 71 15.46 -23.69 -18.35
C GLU L 71 16.34 -24.87 -18.71
N GLY L 72 15.81 -25.73 -19.60
CA GLY L 72 16.46 -26.97 -19.97
C GLY L 72 17.15 -26.90 -21.31
N LYS L 73 18.19 -27.73 -21.45
CA LYS L 73 19.03 -27.80 -22.65
C LYS L 73 18.25 -28.19 -23.91
N THR M 3 4.64 -26.37 16.11
CA THR M 3 3.24 -26.49 15.58
C THR M 3 2.83 -25.25 14.74
N ASN M 4 3.80 -24.34 14.54
CA ASN M 4 3.62 -23.06 13.83
C ASN M 4 4.19 -22.96 12.39
N SER M 5 4.66 -24.08 11.86
CA SER M 5 5.20 -24.18 10.51
C SER M 5 4.21 -23.75 9.43
N ASP M 6 4.74 -23.38 8.26
CA ASP M 6 3.96 -23.12 7.06
C ASP M 6 3.05 -24.29 6.67
N PHE M 7 2.02 -23.98 5.87
CA PHE M 7 1.11 -25.01 5.33
C PHE M 7 0.81 -24.69 3.83
N VAL M 8 0.30 -25.71 3.15
CA VAL M 8 -0.07 -25.69 1.73
C VAL M 8 -1.56 -26.05 1.69
N VAL M 9 -2.30 -25.42 0.78
CA VAL M 9 -3.69 -25.73 0.57
C VAL M 9 -3.71 -26.41 -0.80
N ILE M 10 -4.28 -27.63 -0.87
CA ILE M 10 -4.41 -28.36 -2.14
C ILE M 10 -5.88 -28.66 -2.40
N LYS M 11 -6.41 -28.18 -3.53
CA LYS M 11 -7.77 -28.54 -3.92
C LYS M 11 -7.69 -29.42 -5.15
N ALA M 12 -8.16 -30.67 -5.03
CA ALA M 12 -8.17 -31.60 -6.16
C ALA M 12 -9.17 -31.13 -7.23
N LEU M 13 -8.73 -31.13 -8.48
CA LEU M 13 -9.57 -30.71 -9.60
C LEU M 13 -10.00 -31.93 -10.43
N GLU M 14 -9.54 -33.12 -10.05
CA GLU M 14 -10.00 -34.37 -10.67
C GLU M 14 -9.92 -35.41 -9.58
N ASP M 15 -10.49 -36.60 -9.80
CA ASP M 15 -10.29 -37.71 -8.84
C ASP M 15 -8.84 -38.21 -8.85
N GLY M 16 -8.38 -38.80 -7.75
CA GLY M 16 -7.13 -39.55 -7.70
C GLY M 16 -5.88 -38.70 -7.49
N VAL M 17 -6.03 -37.45 -7.08
CA VAL M 17 -4.90 -36.57 -6.81
C VAL M 17 -4.15 -37.13 -5.59
N ASN M 18 -2.82 -37.17 -5.68
CA ASN M 18 -1.97 -37.65 -4.57
C ASN M 18 -1.16 -36.51 -3.98
N VAL M 19 -1.28 -36.31 -2.67
CA VAL M 19 -0.42 -35.36 -1.95
C VAL M 19 0.54 -36.20 -1.11
N ILE M 20 1.83 -36.12 -1.43
CA ILE M 20 2.82 -37.08 -0.93
C ILE M 20 3.78 -36.38 0.03
N GLY M 21 3.91 -36.91 1.24
CA GLY M 21 4.85 -36.38 2.22
C GLY M 21 6.19 -37.07 2.12
N LEU M 22 7.26 -36.28 2.01
CA LEU M 22 8.64 -36.79 1.96
C LEU M 22 9.25 -36.63 3.35
N THR M 23 9.95 -37.66 3.81
CA THR M 23 10.54 -37.67 5.13
C THR M 23 11.61 -36.57 5.37
N ARG M 24 11.49 -35.91 6.51
CA ARG M 24 12.57 -35.06 7.01
C ARG M 24 13.77 -35.92 7.44
N GLY M 25 15.00 -35.43 7.24
CA GLY M 25 16.15 -36.11 7.76
C GLY M 25 17.16 -36.40 6.69
N ALA M 26 18.14 -37.23 7.03
CA ALA M 26 19.25 -37.57 6.12
C ALA M 26 18.69 -38.32 4.92
N ASP M 27 17.62 -39.06 5.17
CA ASP M 27 17.04 -39.92 4.16
C ASP M 27 15.78 -39.30 3.57
N THR M 28 15.59 -39.48 2.27
CA THR M 28 14.43 -38.92 1.59
C THR M 28 13.64 -40.03 0.89
N ARG M 29 12.39 -40.19 1.31
CA ARG M 29 11.50 -41.24 0.80
C ARG M 29 10.09 -40.78 1.11
N PHE M 30 9.11 -41.40 0.45
CA PHE M 30 7.70 -41.10 0.62
C PHE M 30 7.26 -41.85 1.89
N HIS M 31 6.62 -41.17 2.84
CA HIS M 31 6.12 -41.89 4.02
C HIS M 31 4.60 -41.97 4.00
N HIS M 32 3.95 -41.09 3.24
CA HIS M 32 2.49 -41.13 3.15
C HIS M 32 2.02 -40.52 1.84
N SER M 33 0.98 -41.11 1.24
CA SER M 33 0.29 -40.49 0.11
C SER M 33 -1.20 -40.31 0.43
N GLU M 34 -1.67 -39.07 0.50
CA GLU M 34 -3.05 -38.79 0.79
C GLU M 34 -3.77 -38.65 -0.56
N LYS M 35 -4.74 -39.52 -0.78
CA LYS M 35 -5.50 -39.48 -2.02
C LYS M 35 -6.69 -38.56 -1.89
N LEU M 36 -6.81 -37.59 -2.81
CA LEU M 36 -7.94 -36.64 -2.84
C LEU M 36 -8.82 -36.83 -4.06
N ASP M 37 -10.14 -36.84 -3.84
CA ASP M 37 -11.06 -36.82 -4.97
C ASP M 37 -11.54 -35.42 -5.35
N LYS M 38 -12.17 -35.33 -6.51
CA LYS M 38 -12.45 -34.05 -7.11
C LYS M 38 -13.22 -33.17 -6.13
N GLY M 39 -12.68 -31.96 -5.90
CA GLY M 39 -13.35 -30.97 -5.08
C GLY M 39 -12.94 -30.97 -3.63
N GLU M 40 -12.24 -32.01 -3.16
CA GLU M 40 -11.79 -32.04 -1.75
C GLU M 40 -10.62 -31.10 -1.54
N VAL M 41 -10.49 -30.54 -0.32
CA VAL M 41 -9.40 -29.62 -0.01
C VAL M 41 -8.59 -30.23 1.13
N LEU M 42 -7.28 -30.29 0.96
CA LEU M 42 -6.38 -30.72 2.01
C LEU M 42 -5.51 -29.46 2.36
N ILE M 43 -5.44 -29.16 3.65
CA ILE M 43 -4.54 -28.14 4.19
C ILE M 43 -3.51 -28.86 5.06
N ALA M 44 -2.26 -28.82 4.64
CA ALA M 44 -1.23 -29.69 5.21
C ALA M 44 0.02 -28.86 5.60
N GLN M 45 0.49 -29.06 6.84
CA GLN M 45 1.70 -28.40 7.29
C GLN M 45 2.97 -29.18 6.92
N PHE M 46 4.08 -28.44 6.91
CA PHE M 46 5.40 -29.03 7.08
C PHE M 46 5.52 -29.32 8.56
N THR M 47 6.14 -30.44 8.90
CA THR M 47 6.13 -30.98 10.26
C THR M 47 7.51 -31.55 10.61
N GLU M 48 7.67 -32.01 11.84
CA GLU M 48 8.81 -32.87 12.23
C GLU M 48 9.08 -34.05 11.25
N HIS M 49 8.02 -34.66 10.69
CA HIS M 49 8.16 -35.81 9.78
C HIS M 49 8.14 -35.50 8.26
N THR M 50 7.68 -34.30 7.88
CA THR M 50 7.48 -33.97 6.49
C THR M 50 8.16 -32.64 6.17
N SER M 51 9.25 -32.68 5.41
CA SER M 51 9.96 -31.46 5.02
C SER M 51 9.84 -31.12 3.54
N ALA M 52 9.11 -31.95 2.79
CA ALA M 52 8.82 -31.67 1.38
C ALA M 52 7.51 -32.36 1.01
N ILE M 53 6.71 -31.72 0.14
CA ILE M 53 5.41 -32.23 -0.27
C ILE M 53 5.35 -32.26 -1.81
N LYS M 54 4.93 -33.39 -2.38
CA LYS M 54 4.78 -33.52 -3.83
C LYS M 54 3.31 -33.67 -4.16
N VAL M 55 2.84 -32.91 -5.17
CA VAL M 55 1.47 -33.07 -5.62
C VAL M 55 1.45 -33.65 -7.05
N ARG M 56 0.75 -34.78 -7.22
CA ARG M 56 0.57 -35.47 -8.49
C ARG M 56 -0.89 -35.47 -8.90
N GLY M 57 -1.20 -35.03 -10.10
CA GLY M 57 -2.59 -34.93 -10.52
C GLY M 57 -3.03 -33.47 -10.56
N LYS M 58 -4.21 -33.23 -11.13
CA LYS M 58 -4.64 -31.87 -11.39
C LYS M 58 -5.23 -31.24 -10.11
N ALA M 59 -4.60 -30.16 -9.66
CA ALA M 59 -4.91 -29.53 -8.38
C ALA M 59 -4.60 -28.03 -8.42
N TYR M 60 -5.35 -27.28 -7.64
CA TYR M 60 -5.18 -25.84 -7.46
C TYR M 60 -4.50 -25.71 -6.11
N ILE M 61 -3.31 -25.07 -6.10
CA ILE M 61 -2.50 -25.07 -4.88
C ILE M 61 -2.26 -23.63 -4.38
N GLN M 62 -2.38 -23.39 -3.07
CA GLN M 62 -2.04 -22.07 -2.53
C GLN M 62 -0.99 -22.28 -1.48
N THR M 63 0.03 -21.43 -1.53
CA THR M 63 1.02 -21.30 -0.46
C THR M 63 1.22 -19.84 -0.18
N ARG M 64 2.09 -19.56 0.78
CA ARG M 64 2.58 -18.23 1.09
C ARG M 64 3.10 -17.48 -0.17
N HIS M 65 3.61 -18.23 -1.15
CA HIS M 65 4.19 -17.60 -2.34
C HIS M 65 3.16 -17.35 -3.42
N GLY M 66 1.93 -17.79 -3.18
CA GLY M 66 0.84 -17.50 -4.08
C GLY M 66 0.23 -18.79 -4.63
N VAL M 67 -0.43 -18.65 -5.76
CA VAL M 67 -1.15 -19.76 -6.39
C VAL M 67 -0.24 -20.47 -7.41
N ILE M 68 -0.32 -21.79 -7.45
CA ILE M 68 0.24 -22.57 -8.55
C ILE M 68 -0.70 -23.77 -8.81
N GLU M 69 -0.62 -24.36 -10.00
CA GLU M 69 -1.49 -25.46 -10.36
C GLU M 69 -0.68 -26.68 -10.82
N SER M 70 -0.96 -27.86 -10.25
CA SER M 70 -0.31 -29.05 -10.77
C SER M 70 -1.20 -29.57 -11.89
N GLU M 71 -0.58 -30.26 -12.84
CA GLU M 71 -1.35 -30.73 -13.97
C GLU M 71 -1.46 -32.24 -14.00
N GLY M 72 -2.58 -32.73 -14.52
CA GLY M 72 -2.83 -34.15 -14.72
C GLY M 72 -1.90 -34.73 -15.75
N THR N 3 0.52 -22.58 21.43
CA THR N 3 -0.94 -22.52 21.05
C THR N 3 -1.29 -21.24 20.21
N ASN N 4 -0.26 -20.66 19.56
CA ASN N 4 -0.40 -19.58 18.54
C ASN N 4 -0.22 -20.03 17.07
N SER N 5 -0.75 -21.20 16.74
CA SER N 5 -0.59 -21.71 15.39
C SER N 5 -1.62 -21.13 14.43
N ASP N 6 -1.42 -21.39 13.15
CA ASP N 6 -2.41 -21.11 12.13
C ASP N 6 -3.74 -21.83 12.36
N PHE N 7 -4.79 -21.26 11.79
CA PHE N 7 -6.11 -21.86 11.83
C PHE N 7 -6.79 -21.68 10.47
N VAL N 8 -7.84 -22.47 10.26
CA VAL N 8 -8.64 -22.38 9.06
C VAL N 8 -10.10 -22.14 9.49
N VAL N 9 -10.81 -21.36 8.68
CA VAL N 9 -12.24 -21.11 8.89
C VAL N 9 -12.98 -21.96 7.86
N ILE N 10 -13.93 -22.78 8.33
CA ILE N 10 -14.75 -23.60 7.43
C ILE N 10 -16.24 -23.31 7.62
N LYS N 11 -16.89 -22.87 6.53
CA LYS N 11 -18.32 -22.63 6.54
C LYS N 11 -18.99 -23.66 5.65
N ALA N 12 -19.84 -24.54 6.24
CA ALA N 12 -20.64 -25.52 5.49
C ALA N 12 -21.63 -24.83 4.55
N LEU N 13 -21.60 -25.18 3.26
CA LEU N 13 -22.58 -24.67 2.31
C LEU N 13 -23.71 -25.70 2.07
N GLU N 14 -23.63 -26.86 2.70
CA GLU N 14 -24.69 -27.89 2.62
C GLU N 14 -24.56 -28.68 3.90
N ASP N 15 -25.56 -29.50 4.23
CA ASP N 15 -25.48 -30.38 5.41
C ASP N 15 -24.46 -31.51 5.20
N GLY N 16 -23.88 -32.02 6.29
CA GLY N 16 -22.96 -33.13 6.25
C GLY N 16 -21.53 -32.87 5.77
N VAL N 17 -21.11 -31.60 5.73
CA VAL N 17 -19.70 -31.28 5.49
C VAL N 17 -18.88 -31.98 6.60
N ASN N 18 -17.73 -32.53 6.24
CA ASN N 18 -16.92 -33.30 7.16
C ASN N 18 -15.53 -32.71 7.20
N VAL N 19 -15.16 -32.15 8.35
CA VAL N 19 -13.83 -31.63 8.57
C VAL N 19 -13.01 -32.69 9.27
N ILE N 20 -11.96 -33.17 8.60
CA ILE N 20 -11.24 -34.37 9.02
C ILE N 20 -9.83 -34.02 9.49
N GLY N 21 -9.53 -34.27 10.77
CA GLY N 21 -8.20 -33.98 11.31
C GLY N 21 -7.30 -35.17 11.21
N LEU N 22 -6.12 -34.97 10.61
CA LEU N 22 -5.15 -36.03 10.39
C LEU N 22 -4.02 -35.91 11.43
N THR N 23 -3.58 -37.07 11.93
CA THR N 23 -2.62 -37.15 13.03
C THR N 23 -1.23 -36.62 12.70
N ARG N 24 -0.70 -35.81 13.61
CA ARG N 24 0.69 -35.42 13.56
C ARG N 24 1.53 -36.63 13.91
N GLY N 25 2.69 -36.76 13.29
CA GLY N 25 3.61 -37.83 13.66
C GLY N 25 4.07 -38.65 12.47
N ALA N 26 4.83 -39.70 12.77
CA ALA N 26 5.31 -40.64 11.77
C ALA N 26 4.13 -41.27 11.03
N ASP N 27 3.05 -41.50 11.74
CA ASP N 27 1.86 -42.07 11.13
C ASP N 27 0.81 -41.06 10.77
N THR N 28 0.11 -41.38 9.69
CA THR N 28 -0.94 -40.51 9.17
C THR N 28 -2.29 -41.24 9.05
N ARG N 29 -3.27 -40.81 9.82
CA ARG N 29 -4.63 -41.32 9.66
C ARG N 29 -5.51 -40.31 10.31
N PHE N 30 -6.82 -40.41 10.10
CA PHE N 30 -7.69 -39.42 10.70
C PHE N 30 -7.94 -39.81 12.16
N HIS N 31 -8.00 -38.80 13.04
CA HIS N 31 -8.28 -39.05 14.46
C HIS N 31 -9.63 -38.44 14.87
N HIS N 32 -10.15 -37.51 14.06
CA HIS N 32 -11.41 -36.86 14.39
C HIS N 32 -12.12 -36.42 13.12
N SER N 33 -13.42 -36.63 13.08
CA SER N 33 -14.23 -36.11 11.98
C SER N 33 -15.31 -35.22 12.58
N GLU N 34 -15.37 -33.96 12.20
CA GLU N 34 -16.38 -33.05 12.74
C GLU N 34 -17.35 -32.69 11.65
N LYS N 35 -18.61 -33.10 11.82
CA LYS N 35 -19.63 -32.80 10.83
C LYS N 35 -20.24 -31.45 11.05
N LEU N 36 -20.47 -30.74 9.94
CA LEU N 36 -21.14 -29.43 9.96
C LEU N 36 -22.43 -29.44 9.14
N ASP N 37 -23.47 -28.83 9.71
CA ASP N 37 -24.70 -28.60 8.96
C ASP N 37 -24.55 -27.31 8.21
N LYS N 38 -25.40 -27.11 7.22
CA LYS N 38 -25.37 -25.94 6.36
C LYS N 38 -25.43 -24.65 7.19
N GLY N 39 -24.52 -23.73 6.88
CA GLY N 39 -24.46 -22.45 7.54
C GLY N 39 -23.60 -22.43 8.80
N GLU N 40 -23.29 -23.59 9.39
CA GLU N 40 -22.39 -23.67 10.57
C GLU N 40 -20.94 -23.35 10.18
N VAL N 41 -20.21 -22.75 11.12
CA VAL N 41 -18.82 -22.35 10.87
C VAL N 41 -17.93 -23.02 11.92
N LEU N 42 -16.84 -23.62 11.45
CA LEU N 42 -15.83 -24.18 12.33
C LEU N 42 -14.52 -23.41 12.11
N ILE N 43 -13.91 -22.96 13.21
CA ILE N 43 -12.60 -22.30 13.19
C ILE N 43 -11.63 -23.22 13.91
N ALA N 44 -10.68 -23.78 13.18
CA ALA N 44 -9.91 -24.92 13.69
C ALA N 44 -8.41 -24.70 13.49
N GLN N 45 -7.63 -24.93 14.55
CA GLN N 45 -6.19 -24.71 14.51
C GLN N 45 -5.43 -25.97 14.11
N PHE N 46 -4.18 -25.76 13.65
CA PHE N 46 -3.20 -26.85 13.65
C PHE N 46 -2.69 -26.96 15.07
N THR N 47 -2.43 -28.19 15.51
CA THR N 47 -2.15 -28.45 16.93
C THR N 47 -1.07 -29.52 17.09
N GLU N 48 -0.74 -29.83 18.35
CA GLU N 48 0.09 -30.98 18.67
C GLU N 48 -0.45 -32.28 18.02
N HIS N 49 -1.77 -32.43 17.93
CA HIS N 49 -2.35 -33.67 17.42
C HIS N 49 -2.83 -33.62 15.95
N THR N 50 -2.96 -32.42 15.38
CA THR N 50 -3.47 -32.27 14.02
C THR N 50 -2.47 -31.46 13.18
N SER N 51 -1.80 -32.10 12.22
CA SER N 51 -0.89 -31.39 11.31
C SER N 51 -1.44 -31.28 9.87
N ALA N 52 -2.62 -31.82 9.62
CA ALA N 52 -3.26 -31.63 8.31
C ALA N 52 -4.76 -31.79 8.49
N ILE N 53 -5.53 -31.06 7.68
CA ILE N 53 -6.97 -31.02 7.78
C ILE N 53 -7.58 -31.22 6.41
N LYS N 54 -8.57 -32.15 6.31
CA LYS N 54 -9.21 -32.45 5.03
C LYS N 54 -10.68 -32.05 5.09
N VAL N 55 -11.19 -31.37 4.05
CA VAL N 55 -12.60 -31.00 4.04
C VAL N 55 -13.30 -31.73 2.92
N ARG N 56 -14.34 -32.49 3.26
CA ARG N 56 -15.21 -33.14 2.31
C ARG N 56 -16.58 -32.50 2.30
N GLY N 57 -17.14 -32.30 1.12
CA GLY N 57 -18.43 -31.64 1.00
C GLY N 57 -18.28 -30.15 0.62
N LYS N 58 -19.41 -29.50 0.39
CA LYS N 58 -19.41 -28.12 -0.09
C LYS N 58 -19.21 -27.10 1.04
N ALA N 59 -18.09 -26.38 0.98
CA ALA N 59 -17.70 -25.45 2.03
C ALA N 59 -16.94 -24.22 1.48
N TYR N 60 -17.10 -23.10 2.17
CA TYR N 60 -16.32 -21.88 1.93
C TYR N 60 -15.20 -21.86 2.96
N ILE N 61 -13.96 -21.83 2.50
CA ILE N 61 -12.80 -21.94 3.39
C ILE N 61 -11.89 -20.72 3.30
N GLN N 62 -11.53 -20.16 4.45
CA GLN N 62 -10.54 -19.07 4.51
C GLN N 62 -9.32 -19.55 5.30
N THR N 63 -8.13 -19.25 4.75
CA THR N 63 -6.89 -19.46 5.46
C THR N 63 -6.06 -18.21 5.28
N ARG N 64 -4.86 -18.22 5.87
CA ARG N 64 -3.89 -17.14 5.64
C ARG N 64 -3.61 -16.90 4.13
N HIS N 65 -3.76 -17.93 3.31
CA HIS N 65 -3.45 -17.79 1.88
C HIS N 65 -4.65 -17.33 1.05
N GLY N 66 -5.80 -17.14 1.70
CA GLY N 66 -6.97 -16.59 1.02
C GLY N 66 -8.16 -17.53 1.09
N VAL N 67 -9.10 -17.32 0.17
CA VAL N 67 -10.31 -18.12 0.11
C VAL N 67 -10.13 -19.29 -0.86
N ILE N 68 -10.71 -20.43 -0.47
CA ILE N 68 -10.81 -21.59 -1.33
C ILE N 68 -12.17 -22.26 -1.03
N GLU N 69 -12.77 -22.88 -2.05
CA GLU N 69 -14.02 -23.59 -1.86
C GLU N 69 -13.86 -25.09 -2.11
N SER N 70 -14.35 -25.93 -1.19
CA SER N 70 -14.40 -27.36 -1.46
C SER N 70 -15.72 -27.69 -2.14
N GLU N 71 -15.70 -28.73 -2.95
CA GLU N 71 -16.87 -29.10 -3.74
C GLU N 71 -17.23 -30.54 -3.39
N GLY N 72 -18.54 -30.79 -3.31
CA GLY N 72 -19.04 -31.98 -2.66
C GLY N 72 -19.05 -33.22 -3.50
N LYS N 73 -18.66 -34.31 -2.83
CA LYS N 73 -19.04 -35.68 -3.11
C LYS N 73 -18.49 -36.45 -1.90
N THR O 3 -1.33 -17.38 26.56
CA THR O 3 -2.37 -16.32 26.79
C THR O 3 -2.30 -15.20 25.70
N ASN O 4 -1.77 -15.60 24.54
CA ASN O 4 -1.26 -14.70 23.48
C ASN O 4 -1.81 -15.02 22.07
N SER O 5 -2.66 -16.04 22.02
CA SER O 5 -3.16 -16.62 20.78
C SER O 5 -4.01 -15.69 19.91
N ASP O 6 -4.37 -16.21 18.75
CA ASP O 6 -5.42 -15.63 17.95
C ASP O 6 -6.78 -15.66 18.71
N PHE O 7 -7.69 -14.79 18.29
CA PHE O 7 -9.04 -14.75 18.84
C PHE O 7 -10.02 -14.57 17.68
N VAL O 8 -11.29 -14.82 17.94
CA VAL O 8 -12.36 -14.70 16.98
C VAL O 8 -13.38 -13.75 17.64
N VAL O 9 -14.04 -12.90 16.84
CA VAL O 9 -15.12 -12.06 17.33
C VAL O 9 -16.41 -12.66 16.78
N ILE O 10 -17.41 -12.84 17.64
CA ILE O 10 -18.70 -13.33 17.17
C ILE O 10 -19.80 -12.38 17.62
N LYS O 11 -20.56 -11.85 16.66
CA LYS O 11 -21.73 -11.05 17.05
C LYS O 11 -22.99 -11.84 16.68
N ALA O 12 -23.85 -12.11 17.68
CA ALA O 12 -25.15 -12.79 17.48
C ALA O 12 -26.14 -11.95 16.67
N LEU O 13 -26.61 -12.47 15.53
CA LEU O 13 -27.61 -11.78 14.72
C LEU O 13 -29.03 -12.25 15.03
N GLU O 14 -29.17 -13.26 15.90
CA GLU O 14 -30.48 -13.75 16.38
C GLU O 14 -30.28 -14.25 17.82
N ASP O 15 -31.37 -14.54 18.53
CA ASP O 15 -31.30 -15.18 19.83
C ASP O 15 -30.79 -16.63 19.73
N GLY O 16 -30.13 -17.12 20.78
CA GLY O 16 -29.79 -18.54 20.89
C GLY O 16 -28.60 -19.04 20.07
N VAL O 17 -27.71 -18.14 19.67
CA VAL O 17 -26.50 -18.51 18.94
C VAL O 17 -25.62 -19.24 19.96
N ASN O 18 -24.98 -20.34 19.53
CA ASN O 18 -24.08 -21.07 20.40
C ASN O 18 -22.66 -20.93 19.88
N VAL O 19 -21.74 -20.55 20.75
CA VAL O 19 -20.31 -20.60 20.43
C VAL O 19 -19.68 -21.72 21.25
N ILE O 20 -19.20 -22.75 20.57
CA ILE O 20 -18.83 -24.00 21.23
C ILE O 20 -17.31 -24.22 21.18
N GLY O 21 -16.69 -24.40 22.33
CA GLY O 21 -15.29 -24.77 22.39
C GLY O 21 -15.04 -26.26 22.26
N LEU O 22 -14.11 -26.65 21.39
CA LEU O 22 -13.70 -28.06 21.28
C LEU O 22 -12.35 -28.26 21.96
N THR O 23 -12.19 -29.40 22.62
CA THR O 23 -11.03 -29.64 23.48
C THR O 23 -9.77 -29.80 22.66
N ARG O 24 -8.72 -29.16 23.15
CA ARG O 24 -7.36 -29.40 22.66
C ARG O 24 -6.87 -30.76 23.15
N GLY O 25 -6.18 -31.50 22.31
CA GLY O 25 -5.54 -32.75 22.75
C GLY O 25 -5.90 -33.89 21.83
N ALA O 26 -5.52 -35.10 22.23
CA ALA O 26 -5.81 -36.32 21.47
C ALA O 26 -7.33 -36.56 21.39
N ASP O 27 -8.00 -36.21 22.48
CA ASP O 27 -9.44 -36.30 22.61
C ASP O 27 -10.14 -35.02 22.11
N THR O 28 -11.18 -35.18 21.29
CA THR O 28 -11.94 -34.05 20.77
C THR O 28 -13.41 -34.17 21.19
N ARG O 29 -13.90 -33.13 21.88
CA ARG O 29 -15.28 -33.06 22.34
C ARG O 29 -15.60 -31.64 22.69
N PHE O 30 -16.89 -31.33 22.80
CA PHE O 30 -17.35 -30.01 23.21
C PHE O 30 -17.14 -29.89 24.74
N HIS O 31 -16.50 -28.81 25.23
CA HIS O 31 -16.34 -28.64 26.69
C HIS O 31 -17.15 -27.44 27.20
N HIS O 32 -17.53 -26.56 26.29
CA HIS O 32 -18.33 -25.41 26.68
C HIS O 32 -19.13 -24.89 25.52
N SER O 33 -20.34 -24.45 25.80
CA SER O 33 -21.16 -23.80 24.80
C SER O 33 -21.64 -22.47 25.39
N GLU O 34 -21.21 -21.36 24.83
CA GLU O 34 -21.65 -20.06 25.32
C GLU O 34 -22.82 -19.57 24.44
N LYS O 35 -23.99 -19.35 25.05
CA LYS O 35 -25.16 -18.85 24.34
C LYS O 35 -25.15 -17.34 24.27
N LEU O 36 -25.36 -16.82 23.06
CA LEU O 36 -25.43 -15.38 22.84
C LEU O 36 -26.82 -14.99 22.33
N ASP O 37 -27.43 -13.98 22.97
CA ASP O 37 -28.68 -13.44 22.44
C ASP O 37 -28.40 -12.32 21.43
N LYS O 38 -29.44 -11.91 20.71
CA LYS O 38 -29.29 -11.02 19.58
C LYS O 38 -28.51 -9.74 19.95
N GLY O 39 -27.49 -9.42 19.18
CA GLY O 39 -26.75 -8.20 19.43
C GLY O 39 -25.54 -8.34 20.36
N GLU O 40 -25.49 -9.40 21.17
CA GLU O 40 -24.34 -9.66 22.06
C GLU O 40 -23.07 -10.07 21.30
N VAL O 41 -21.91 -9.70 21.86
CA VAL O 41 -20.63 -9.97 21.20
C VAL O 41 -19.74 -10.76 22.16
N LEU O 42 -19.08 -11.78 21.61
CA LEU O 42 -18.17 -12.64 22.34
C LEU O 42 -16.82 -12.53 21.61
N ILE O 43 -15.76 -12.26 22.34
CA ILE O 43 -14.42 -12.25 21.77
C ILE O 43 -13.67 -13.35 22.51
N ALA O 44 -13.24 -14.35 21.76
CA ALA O 44 -12.81 -15.60 22.36
C ALA O 44 -11.49 -16.03 21.76
N GLN O 45 -10.52 -16.29 22.63
CA GLN O 45 -9.22 -16.78 22.17
C GLN O 45 -9.21 -18.29 21.93
N PHE O 46 -8.23 -18.73 21.13
CA PHE O 46 -7.70 -20.09 21.21
C PHE O 46 -6.83 -20.20 22.45
N THR O 47 -6.89 -21.34 23.16
CA THR O 47 -6.24 -21.46 24.45
C THR O 47 -5.59 -22.83 24.66
N GLU O 48 -4.98 -23.04 25.82
CA GLU O 48 -4.56 -24.37 26.24
C GLU O 48 -5.70 -25.42 26.14
N HIS O 49 -6.95 -25.01 26.39
CA HIS O 49 -8.07 -25.96 26.43
C HIS O 49 -8.98 -25.95 25.22
N THR O 50 -8.82 -24.96 24.34
CA THR O 50 -9.71 -24.80 23.18
C THR O 50 -8.85 -24.62 21.95
N SER O 51 -8.85 -25.62 21.04
CA SER O 51 -8.08 -25.54 19.79
C SER O 51 -8.99 -25.49 18.55
N ALA O 52 -10.30 -25.52 18.74
CA ALA O 52 -11.25 -25.29 17.65
C ALA O 52 -12.52 -24.71 18.23
N ILE O 53 -13.26 -23.93 17.42
CA ILE O 53 -14.45 -23.21 17.91
C ILE O 53 -15.47 -23.38 16.81
N LYS O 54 -16.68 -23.79 17.21
CA LYS O 54 -17.84 -23.96 16.33
C LYS O 54 -18.89 -22.91 16.64
N VAL O 55 -19.42 -22.28 15.59
CA VAL O 55 -20.53 -21.34 15.76
C VAL O 55 -21.79 -21.88 15.09
N ARG O 56 -22.88 -21.91 15.84
CA ARG O 56 -24.16 -22.46 15.38
C ARG O 56 -25.20 -21.39 15.60
N GLY O 57 -25.98 -21.07 14.57
CA GLY O 57 -26.91 -19.95 14.61
C GLY O 57 -26.39 -18.75 13.81
N LYS O 58 -27.25 -17.76 13.59
CA LYS O 58 -26.92 -16.61 12.73
C LYS O 58 -26.01 -15.61 13.43
N ALA O 59 -24.81 -15.41 12.89
CA ALA O 59 -23.80 -14.61 13.54
C ALA O 59 -22.87 -13.95 12.52
N TYR O 60 -22.35 -12.78 12.91
CA TYR O 60 -21.35 -12.09 12.10
C TYR O 60 -20.02 -12.41 12.76
N ILE O 61 -19.08 -12.97 12.01
CA ILE O 61 -17.83 -13.41 12.62
C ILE O 61 -16.61 -12.67 12.02
N GLN O 62 -15.67 -12.25 12.86
CA GLN O 62 -14.40 -11.67 12.40
C GLN O 62 -13.24 -12.49 12.91
N THR O 63 -12.33 -12.83 11.99
CA THR O 63 -11.02 -13.38 12.37
C THR O 63 -9.95 -12.62 11.64
N ARG O 64 -8.70 -13.00 11.91
CA ARG O 64 -7.56 -12.51 11.17
C ARG O 64 -7.76 -12.67 9.65
N HIS O 65 -8.53 -13.69 9.22
CA HIS O 65 -8.69 -13.92 7.76
C HIS O 65 -9.87 -13.17 7.18
N GLY O 66 -10.55 -12.39 8.00
CA GLY O 66 -11.60 -11.54 7.49
C GLY O 66 -12.96 -11.87 8.09
N VAL O 67 -14.02 -11.41 7.43
CA VAL O 67 -15.38 -11.57 7.89
C VAL O 67 -15.97 -12.89 7.30
N ILE O 68 -16.71 -13.62 8.12
CA ILE O 68 -17.55 -14.72 7.62
C ILE O 68 -18.87 -14.72 8.40
N GLU O 69 -19.94 -15.26 7.80
CA GLU O 69 -21.22 -15.26 8.52
C GLU O 69 -21.70 -16.68 8.75
N SER O 70 -22.11 -17.01 9.97
CA SER O 70 -22.77 -18.31 10.15
C SER O 70 -24.25 -18.06 9.87
N GLU O 71 -24.94 -19.10 9.43
CA GLU O 71 -26.37 -18.99 9.15
C GLU O 71 -27.13 -19.99 10.00
N GLY O 72 -28.29 -19.56 10.51
CA GLY O 72 -29.13 -20.44 11.31
C GLY O 72 -29.84 -21.49 10.47
N THR P 3 3.87 -9.46 29.15
CA THR P 3 2.45 -9.00 29.32
C THR P 3 1.89 -8.31 28.03
N ASN P 4 2.19 -8.89 26.85
CA ASN P 4 1.74 -8.32 25.54
C ASN P 4 0.66 -9.12 24.78
N SER P 5 -0.41 -9.51 25.47
CA SER P 5 -1.58 -10.04 24.78
C SER P 5 -2.26 -8.96 23.95
N ASP P 6 -3.27 -9.38 23.21
CA ASP P 6 -4.17 -8.48 22.53
C ASP P 6 -5.08 -7.80 23.57
N PHE P 7 -5.71 -6.73 23.16
CA PHE P 7 -6.69 -6.06 23.97
C PHE P 7 -7.87 -5.67 23.07
N VAL P 8 -9.00 -5.42 23.70
CA VAL P 8 -10.18 -4.90 23.02
C VAL P 8 -10.54 -3.53 23.64
N VAL P 9 -11.03 -2.63 22.80
CA VAL P 9 -11.52 -1.34 23.27
C VAL P 9 -13.03 -1.36 23.24
N ILE P 10 -13.65 -1.06 24.38
CA ILE P 10 -15.11 -1.00 24.47
C ILE P 10 -15.57 0.38 24.91
N LYS P 11 -16.36 1.04 24.06
CA LYS P 11 -17.04 2.28 24.47
C LYS P 11 -18.58 2.09 24.63
N ALA P 12 -19.10 2.29 25.83
CA ALA P 12 -20.54 2.23 26.09
C ALA P 12 -21.31 3.32 25.34
N LEU P 13 -22.31 2.90 24.58
CA LEU P 13 -23.22 3.84 23.90
C LEU P 13 -24.50 4.08 24.69
N GLU P 14 -24.66 3.38 25.81
CA GLU P 14 -25.76 3.60 26.75
C GLU P 14 -25.26 3.20 28.15
N ASP P 15 -26.05 3.51 29.16
CA ASP P 15 -25.74 3.14 30.54
C ASP P 15 -25.92 1.63 30.75
N GLY P 16 -25.17 1.05 31.69
CA GLY P 16 -25.38 -0.33 32.10
C GLY P 16 -24.81 -1.39 31.16
N VAL P 17 -23.90 -1.01 30.26
CA VAL P 17 -23.18 -1.98 29.47
C VAL P 17 -22.32 -2.82 30.43
N ASN P 18 -22.27 -4.14 30.20
CA ASN P 18 -21.45 -5.03 31.00
C ASN P 18 -20.36 -5.69 30.14
N VAL P 19 -19.11 -5.59 30.58
CA VAL P 19 -17.99 -6.27 29.94
C VAL P 19 -17.61 -7.44 30.85
N ILE P 20 -17.88 -8.65 30.41
CA ILE P 20 -17.76 -9.80 31.30
C ILE P 20 -16.55 -10.62 30.90
N GLY P 21 -15.66 -10.92 31.88
CA GLY P 21 -14.53 -11.79 31.62
C GLY P 21 -14.87 -13.23 31.94
N LEU P 22 -14.54 -14.13 31.00
CA LEU P 22 -14.68 -15.58 31.18
C LEU P 22 -13.33 -16.23 31.58
N THR P 23 -13.36 -17.12 32.58
CA THR P 23 -12.16 -17.74 33.08
C THR P 23 -11.37 -18.53 32.03
N ARG P 24 -10.05 -18.33 32.02
CA ARG P 24 -9.12 -19.21 31.30
C ARG P 24 -9.10 -20.56 32.00
N GLY P 25 -8.99 -21.65 31.24
CA GLY P 25 -8.78 -22.95 31.87
C GLY P 25 -9.81 -23.98 31.43
N ALA P 26 -9.86 -25.10 32.12
CA ALA P 26 -10.72 -26.20 31.75
C ALA P 26 -12.16 -25.78 32.03
N ASP P 27 -12.33 -24.89 33.02
CA ASP P 27 -13.63 -24.38 33.43
C ASP P 27 -13.92 -23.04 32.82
N THR P 28 -15.18 -22.84 32.39
CA THR P 28 -15.58 -21.55 31.82
C THR P 28 -16.72 -20.92 32.62
N ARG P 29 -16.43 -19.82 33.30
CA ARG P 29 -17.44 -19.09 34.04
C ARG P 29 -17.10 -17.63 34.08
N PHE P 30 -18.06 -16.80 34.46
CA PHE P 30 -17.85 -15.38 34.52
C PHE P 30 -17.13 -15.11 35.82
N HIS P 31 -15.98 -14.43 35.79
CA HIS P 31 -15.31 -14.09 37.06
C HIS P 31 -15.43 -12.60 37.37
N HIS P 32 -15.68 -11.78 36.38
CA HIS P 32 -15.90 -10.36 36.67
C HIS P 32 -16.83 -9.76 35.63
N SER P 33 -17.71 -8.87 36.05
CA SER P 33 -18.43 -8.05 35.06
C SER P 33 -18.19 -6.55 35.33
N GLU P 34 -17.62 -5.85 34.35
CA GLU P 34 -17.37 -4.42 34.54
C GLU P 34 -18.52 -3.61 33.96
N LYS P 35 -19.20 -2.87 34.82
CA LYS P 35 -20.29 -2.01 34.41
C LYS P 35 -19.76 -0.70 33.81
N LEU P 36 -20.18 -0.37 32.60
CA LEU P 36 -19.80 0.88 31.91
C LEU P 36 -21.00 1.80 31.71
N ASP P 37 -20.91 3.05 32.15
CA ASP P 37 -21.97 4.00 31.79
C ASP P 37 -21.71 4.68 30.43
N LYS P 38 -22.75 5.29 29.88
CA LYS P 38 -22.69 5.85 28.55
C LYS P 38 -21.49 6.78 28.38
N GLY P 39 -20.67 6.46 27.37
CA GLY P 39 -19.54 7.29 26.99
C GLY P 39 -18.24 6.95 27.67
N GLU P 40 -18.27 6.07 28.68
CA GLU P 40 -17.06 5.56 29.36
C GLU P 40 -16.38 4.52 28.45
N VAL P 41 -15.05 4.42 28.52
CA VAL P 41 -14.30 3.55 27.64
C VAL P 41 -13.44 2.60 28.49
N LEU P 42 -13.52 1.29 28.19
CA LEU P 42 -12.71 0.25 28.80
C LEU P 42 -11.76 -0.36 27.76
N ILE P 43 -10.49 -0.43 28.12
CA ILE P 43 -9.48 -1.05 27.27
C ILE P 43 -8.98 -2.24 28.03
N ALA P 44 -9.34 -3.44 27.56
CA ALA P 44 -9.16 -4.64 28.37
C ALA P 44 -8.34 -5.70 27.64
N GLN P 45 -7.36 -6.26 28.33
CA GLN P 45 -6.50 -7.27 27.72
C GLN P 45 -7.07 -8.66 27.95
N PHE P 46 -6.66 -9.59 27.10
CA PHE P 46 -6.70 -11.02 27.43
C PHE P 46 -5.53 -11.32 28.34
N THR P 47 -5.74 -12.16 29.37
CA THR P 47 -4.76 -12.33 30.44
C THR P 47 -4.67 -13.79 30.87
N GLU P 48 -3.75 -14.07 31.79
CA GLU P 48 -3.69 -15.35 32.49
C GLU P 48 -5.07 -15.80 33.01
N HIS P 49 -5.91 -14.85 33.43
CA HIS P 49 -7.24 -15.21 33.99
C HIS P 49 -8.45 -15.03 33.08
N THR P 50 -8.28 -14.34 31.96
CA THR P 50 -9.38 -14.01 31.06
C THR P 50 -9.02 -14.43 29.66
N SER P 51 -9.71 -15.43 29.12
CA SER P 51 -9.45 -15.88 27.75
C SER P 51 -10.62 -15.65 26.80
N ALA P 52 -11.71 -15.06 27.30
CA ALA P 52 -12.85 -14.69 26.47
C ALA P 52 -13.58 -13.56 27.17
N ILE P 53 -14.18 -12.69 26.37
CA ILE P 53 -14.76 -11.46 26.84
C ILE P 53 -16.14 -11.35 26.16
N LYS P 54 -17.16 -11.08 26.97
CA LYS P 54 -18.52 -10.97 26.47
C LYS P 54 -19.00 -9.56 26.72
N VAL P 55 -19.60 -8.94 25.71
CA VAL P 55 -20.13 -7.58 25.89
C VAL P 55 -21.61 -7.60 25.74
N ARG P 56 -22.31 -7.08 26.75
CA ARG P 56 -23.76 -7.03 26.76
C ARG P 56 -24.18 -5.60 26.85
N GLY P 57 -25.10 -5.19 25.98
CA GLY P 57 -25.52 -3.80 25.92
C GLY P 57 -24.96 -3.08 24.71
N LYS P 58 -25.41 -1.86 24.46
CA LYS P 58 -25.04 -1.15 23.24
C LYS P 58 -23.66 -0.51 23.39
N ALA P 59 -22.71 -0.95 22.57
CA ALA P 59 -21.31 -0.54 22.67
C ALA P 59 -20.61 -0.53 21.31
N TYR P 60 -19.66 0.37 21.17
CA TYR P 60 -18.76 0.41 20.02
C TYR P 60 -17.48 -0.34 20.37
N ILE P 61 -17.08 -1.31 19.59
CA ILE P 61 -15.92 -2.13 19.96
C ILE P 61 -14.83 -2.08 18.89
N GLN P 62 -13.59 -1.95 19.30
CA GLN P 62 -12.45 -2.10 18.38
C GLN P 62 -11.58 -3.25 18.81
N THR P 63 -11.19 -4.09 17.83
CA THR P 63 -10.17 -5.07 18.07
C THR P 63 -9.19 -5.00 16.92
N ARG P 64 -8.17 -5.83 16.99
CA ARG P 64 -7.25 -6.00 15.87
C ARG P 64 -7.97 -6.38 14.54
N HIS P 65 -9.17 -6.96 14.64
CA HIS P 65 -9.90 -7.35 13.41
C HIS P 65 -10.82 -6.24 12.89
N GLY P 66 -10.91 -5.14 13.63
CA GLY P 66 -11.63 -3.99 13.13
C GLY P 66 -12.75 -3.61 14.09
N VAL P 67 -13.72 -2.83 13.62
CA VAL P 67 -14.79 -2.44 14.52
C VAL P 67 -16.00 -3.38 14.45
N ILE P 68 -16.65 -3.56 15.60
CA ILE P 68 -17.92 -4.27 15.67
C ILE P 68 -18.74 -3.54 16.72
N GLU P 69 -20.07 -3.60 16.59
CA GLU P 69 -20.97 -2.99 17.57
C GLU P 69 -21.84 -4.05 18.25
N SER P 70 -21.86 -4.07 19.58
CA SER P 70 -22.85 -4.86 20.28
C SER P 70 -24.13 -4.03 20.34
N GLU P 71 -25.26 -4.71 20.33
CA GLU P 71 -26.55 -4.03 20.32
C GLU P 71 -27.31 -4.44 21.56
N GLY P 72 -27.95 -3.45 22.18
CA GLY P 72 -28.45 -3.57 23.55
C GLY P 72 -29.94 -3.40 23.66
N THR Q 3 10.36 -4.91 28.81
CA THR Q 3 9.22 -4.04 29.29
C THR Q 3 8.44 -3.33 28.13
N ASN Q 4 8.10 -4.10 27.09
CA ASN Q 4 7.49 -3.57 25.84
C ASN Q 4 6.04 -4.00 25.52
N SER Q 5 5.13 -3.80 26.47
CA SER Q 5 3.71 -4.04 26.22
C SER Q 5 3.08 -2.89 25.42
N ASP Q 6 1.82 -3.08 25.03
CA ASP Q 6 1.02 -2.02 24.43
C ASP Q 6 0.78 -0.87 25.37
N PHE Q 7 0.45 0.27 24.78
CA PHE Q 7 0.12 1.46 25.55
C PHE Q 7 -1.08 2.19 24.93
N VAL Q 8 -1.72 2.98 25.77
CA VAL Q 8 -2.85 3.85 25.39
C VAL Q 8 -2.38 5.31 25.51
N VAL Q 9 -2.88 6.19 24.66
CA VAL Q 9 -2.64 7.61 24.78
C VAL Q 9 -3.97 8.24 25.15
N ILE Q 10 -4.02 9.00 26.24
CA ILE Q 10 -5.26 9.68 26.64
C ILE Q 10 -4.99 11.19 26.74
N LYS Q 11 -5.79 11.99 26.03
CA LYS Q 11 -5.74 13.46 26.19
C LYS Q 11 -7.05 13.98 26.76
N ALA Q 12 -7.00 14.65 27.93
CA ALA Q 12 -8.20 15.17 28.58
C ALA Q 12 -8.78 16.34 27.79
N LEU Q 13 -10.09 16.30 27.50
CA LEU Q 13 -10.75 17.38 26.76
C LEU Q 13 -11.50 18.30 27.73
N GLU Q 14 -11.44 17.99 29.02
CA GLU Q 14 -12.05 18.80 30.10
C GLU Q 14 -11.30 18.44 31.40
N ASP Q 15 -11.51 19.22 32.43
CA ASP Q 15 -10.95 18.92 33.76
C ASP Q 15 -11.55 17.66 34.38
N GLY Q 16 -10.77 16.97 35.21
CA GLY Q 16 -11.30 15.93 36.08
C GLY Q 16 -11.44 14.58 35.42
N VAL Q 17 -10.82 14.39 34.27
CA VAL Q 17 -10.87 13.10 33.61
C VAL Q 17 -10.06 12.10 34.48
N ASN Q 18 -10.62 10.90 34.65
CA ASN Q 18 -9.95 9.83 35.41
C ASN Q 18 -9.50 8.69 34.49
N VAL Q 19 -8.22 8.34 34.58
CA VAL Q 19 -7.71 7.14 33.94
C VAL Q 19 -7.47 6.13 35.05
N ILE Q 20 -8.17 5.00 34.99
CA ILE Q 20 -8.26 4.06 36.10
C ILE Q 20 -7.65 2.72 35.74
N GLY Q 21 -6.68 2.29 36.55
CA GLY Q 21 -6.04 1.02 36.30
C GLY Q 21 -6.72 -0.09 37.08
N LEU Q 22 -7.03 -1.17 36.38
CA LEU Q 22 -7.64 -2.35 37.00
C LEU Q 22 -6.58 -3.44 37.22
N THR Q 23 -6.65 -4.11 38.39
CA THR Q 23 -5.61 -5.06 38.78
C THR Q 23 -5.55 -6.28 37.86
N ARG Q 24 -4.33 -6.65 37.48
CA ARG Q 24 -4.08 -7.95 36.82
C ARG Q 24 -4.30 -9.04 37.86
N GLY Q 25 -4.83 -10.19 37.45
CA GLY Q 25 -4.93 -11.31 38.38
C GLY Q 25 -6.33 -11.87 38.49
N ALA Q 26 -6.51 -12.80 39.43
CA ALA Q 26 -7.81 -13.45 39.64
C ALA Q 26 -8.84 -12.43 40.13
N ASP Q 27 -8.39 -11.44 40.90
CA ASP Q 27 -9.25 -10.34 41.35
C ASP Q 27 -9.19 -9.13 40.45
N THR Q 28 -10.33 -8.46 40.34
CA THR Q 28 -10.44 -7.25 39.54
C THR Q 28 -10.95 -6.10 40.40
N ARG Q 29 -10.09 -5.11 40.62
CA ARG Q 29 -10.44 -3.92 41.40
C ARG Q 29 -9.59 -2.77 40.90
N PHE Q 30 -9.98 -1.55 41.22
CA PHE Q 30 -9.24 -0.35 40.82
C PHE Q 30 -8.06 -0.18 41.78
N HIS Q 31 -6.83 -0.07 41.29
CA HIS Q 31 -5.67 0.19 42.18
C HIS Q 31 -5.20 1.63 42.06
N HIS Q 32 -5.54 2.30 40.98
CA HIS Q 32 -5.12 3.70 40.84
C HIS Q 32 -6.03 4.48 39.92
N SER Q 33 -6.35 5.72 40.28
CA SER Q 33 -7.03 6.61 39.36
C SER Q 33 -6.17 7.86 39.15
N GLU Q 34 -5.74 8.08 37.92
CA GLU Q 34 -4.95 9.26 37.60
C GLU Q 34 -5.90 10.33 37.08
N LYS Q 35 -5.89 11.47 37.76
CA LYS Q 35 -6.70 12.61 37.36
C LYS Q 35 -5.96 13.49 36.33
N LEU Q 36 -6.59 13.71 35.18
CA LEU Q 36 -6.05 14.59 34.15
C LEU Q 36 -6.90 15.85 33.98
N ASP Q 37 -6.28 17.01 34.08
CA ASP Q 37 -6.98 18.25 33.77
C ASP Q 37 -6.89 18.55 32.28
N LYS Q 38 -7.75 19.45 31.82
CA LYS Q 38 -7.90 19.75 30.41
C LYS Q 38 -6.58 20.02 29.66
N GLY Q 39 -6.34 19.24 28.60
CA GLY Q 39 -5.19 19.45 27.75
C GLY Q 39 -3.97 18.63 28.14
N GLU Q 40 -4.00 17.99 29.31
CA GLU Q 40 -2.93 17.10 29.74
C GLU Q 40 -3.03 15.77 28.99
N VAL Q 41 -1.88 15.14 28.74
CA VAL Q 41 -1.81 13.86 28.04
C VAL Q 41 -1.11 12.82 28.93
N LEU Q 42 -1.72 11.63 29.00
CA LEU Q 42 -1.17 10.49 29.69
C LEU Q 42 -0.94 9.33 28.70
N ILE Q 43 0.28 8.81 28.71
CA ILE Q 43 0.63 7.67 27.89
C ILE Q 43 0.91 6.52 28.85
N ALA Q 44 0.05 5.51 28.85
CA ALA Q 44 0.02 4.52 29.91
C ALA Q 44 0.10 3.09 29.33
N GLN Q 45 0.99 2.27 29.89
CA GLN Q 45 1.18 0.90 29.40
C GLN Q 45 0.25 -0.02 30.16
N PHE Q 46 -0.05 -1.17 29.56
CA PHE Q 46 -0.46 -2.35 30.31
C PHE Q 46 0.80 -2.93 30.94
N THR Q 47 0.67 -3.51 32.15
CA THR Q 47 1.83 -3.87 32.96
C THR Q 47 1.55 -5.15 33.76
N GLU Q 48 2.55 -5.63 34.49
CA GLU Q 48 2.36 -6.68 35.48
C GLU Q 48 1.18 -6.35 36.44
N HIS Q 49 0.94 -5.07 36.74
CA HIS Q 49 -0.12 -4.70 37.71
C HIS Q 49 -1.46 -4.22 37.10
N THR Q 50 -1.43 -3.87 35.81
CA THR Q 50 -2.58 -3.30 35.16
C THR Q 50 -2.88 -4.06 33.88
N SER Q 51 -4.00 -4.78 33.84
CA SER Q 51 -4.42 -5.49 32.63
C SER Q 51 -5.69 -4.91 31.99
N ALA Q 52 -6.25 -3.88 32.58
CA ALA Q 52 -7.38 -3.16 31.96
C ALA Q 52 -7.38 -1.71 32.42
N ILE Q 53 -7.79 -0.80 31.54
CA ILE Q 53 -7.78 0.62 31.83
C ILE Q 53 -9.16 1.20 31.50
N LYS Q 54 -9.72 1.98 32.43
CA LYS Q 54 -11.03 2.62 32.25
C LYS Q 54 -10.83 4.11 32.15
N VAL Q 55 -11.48 4.74 31.17
CA VAL Q 55 -11.44 6.21 31.07
C VAL Q 55 -12.83 6.78 31.34
N ARG Q 56 -12.92 7.63 32.37
CA ARG Q 56 -14.15 8.34 32.78
C ARG Q 56 -13.96 9.85 32.51
N GLY Q 57 -14.89 10.46 31.78
CA GLY Q 57 -14.78 11.86 31.39
C GLY Q 57 -14.48 12.05 29.92
N LYS Q 58 -14.54 13.29 29.46
CA LYS Q 58 -14.32 13.58 28.05
C LYS Q 58 -12.83 13.55 27.67
N ALA Q 59 -12.46 12.63 26.77
CA ALA Q 59 -11.06 12.43 26.42
C ALA Q 59 -10.90 11.89 24.99
N TYR Q 60 -9.78 12.26 24.35
CA TYR Q 60 -9.42 11.73 23.03
C TYR Q 60 -8.45 10.61 23.26
N ILE Q 61 -8.75 9.42 22.76
CA ILE Q 61 -7.91 8.27 23.07
C ILE Q 61 -7.30 7.62 21.82
N GLN Q 62 -6.00 7.32 21.84
CA GLN Q 62 -5.40 6.59 20.72
C GLN Q 62 -4.89 5.27 21.22
N THR Q 63 -5.18 4.19 20.48
CA THR Q 63 -4.55 2.88 20.72
C THR Q 63 -4.06 2.34 19.41
N ARG Q 64 -3.48 1.16 19.45
CA ARG Q 64 -3.11 0.42 18.23
C ARG Q 64 -4.33 0.24 17.31
N HIS Q 65 -5.56 0.25 17.86
CA HIS Q 65 -6.72 -0.05 16.99
C HIS Q 65 -7.32 1.23 16.45
N GLY Q 66 -6.76 2.36 16.82
CA GLY Q 66 -7.16 3.63 16.26
C GLY Q 66 -7.67 4.59 17.33
N VAL Q 67 -8.40 5.61 16.88
CA VAL Q 67 -8.93 6.67 17.75
C VAL Q 67 -10.31 6.26 18.31
N ILE Q 68 -10.52 6.52 19.59
CA ILE Q 68 -11.84 6.47 20.19
C ILE Q 68 -11.97 7.68 21.15
N GLU Q 69 -13.20 8.15 21.40
CA GLU Q 69 -13.40 9.28 22.32
C GLU Q 69 -14.31 8.81 23.47
N SER Q 70 -13.88 9.01 24.71
CA SER Q 70 -14.76 8.87 25.85
C SER Q 70 -15.57 10.16 26.00
N GLU Q 71 -16.75 10.03 26.58
CA GLU Q 71 -17.59 11.20 26.80
C GLU Q 71 -18.04 11.31 28.26
N GLY Q 72 -17.98 12.53 28.79
CA GLY Q 72 -18.29 12.82 30.17
C GLY Q 72 -19.67 12.36 30.60
N THR R 3 16.62 -4.01 26.39
CA THR R 3 16.40 -2.51 26.30
C THR R 3 15.54 -2.09 25.08
N ASN R 4 14.49 -2.87 24.81
CA ASN R 4 13.67 -2.84 23.56
C ASN R 4 12.39 -1.98 23.47
N SER R 5 11.97 -1.38 24.58
CA SER R 5 10.66 -0.73 24.70
C SER R 5 10.26 0.35 23.65
N ASP R 6 8.96 0.65 23.58
CA ASP R 6 8.55 1.85 22.87
C ASP R 6 9.00 3.14 23.53
N PHE R 7 8.95 4.22 22.76
CA PHE R 7 9.34 5.53 23.24
C PHE R 7 8.34 6.56 22.74
N VAL R 8 8.39 7.73 23.33
CA VAL R 8 7.53 8.84 23.05
C VAL R 8 8.48 10.00 22.68
N VAL R 9 8.09 10.82 21.71
CA VAL R 9 8.84 12.02 21.37
C VAL R 9 8.05 13.21 21.89
N ILE R 10 8.71 14.10 22.65
CA ILE R 10 8.02 15.31 23.11
C ILE R 10 8.77 16.56 22.69
N LYS R 11 8.10 17.40 21.93
CA LYS R 11 8.65 18.73 21.69
C LYS R 11 7.86 19.81 22.41
N ALA R 12 8.54 20.56 23.29
CA ALA R 12 7.92 21.69 23.99
C ALA R 12 7.59 22.84 23.06
N LEU R 13 6.34 23.27 23.06
CA LEU R 13 5.95 24.47 22.32
C LEU R 13 5.91 25.77 23.14
N GLU R 14 6.29 25.70 24.42
CA GLU R 14 6.39 26.86 25.31
C GLU R 14 7.35 26.48 26.43
N ASP R 15 7.86 27.47 27.16
CA ASP R 15 8.68 27.19 28.35
C ASP R 15 7.91 26.40 29.41
N GLY R 16 8.65 25.61 30.20
CA GLY R 16 8.15 25.03 31.43
C GLY R 16 7.27 23.81 31.24
N VAL R 17 7.30 23.20 30.05
CA VAL R 17 6.64 21.92 29.84
C VAL R 17 7.26 20.87 30.78
N ASN R 18 6.42 20.06 31.43
CA ASN R 18 6.90 18.94 32.25
C ASN R 18 6.58 17.58 31.66
N VAL R 19 7.61 16.76 31.48
CA VAL R 19 7.42 15.34 31.21
C VAL R 19 7.63 14.54 32.50
N ILE R 20 6.58 13.84 32.93
CA ILE R 20 6.58 13.20 34.25
C ILE R 20 6.50 11.69 34.11
N GLY R 21 7.44 10.99 34.74
CA GLY R 21 7.41 9.53 34.77
C GLY R 21 6.72 9.02 36.01
N LEU R 22 5.72 8.14 35.79
CA LEU R 22 5.03 7.37 36.83
C LEU R 22 5.69 5.99 37.05
N THR R 23 5.84 5.64 38.32
CA THR R 23 6.52 4.42 38.71
C THR R 23 5.79 3.17 38.23
N ARG R 24 6.58 2.22 37.72
CA ARG R 24 6.14 0.87 37.47
C ARG R 24 5.98 0.13 38.81
N GLY R 25 4.97 -0.73 38.90
CA GLY R 25 4.77 -1.57 40.08
C GLY R 25 3.38 -1.43 40.67
N ALA R 26 3.16 -2.11 41.80
CA ALA R 26 1.92 -1.98 42.57
C ALA R 26 1.60 -0.53 42.96
N ASP R 27 2.64 0.26 43.18
CA ASP R 27 2.50 1.65 43.57
C ASP R 27 2.57 2.62 42.40
N THR R 28 1.75 3.66 42.43
CA THR R 28 1.79 4.68 41.38
C THR R 28 2.04 6.07 41.90
N ARG R 29 3.18 6.62 41.53
CA ARG R 29 3.59 7.95 41.96
C ARG R 29 4.56 8.51 40.95
N PHE R 30 4.75 9.82 40.99
CA PHE R 30 5.71 10.49 40.12
C PHE R 30 7.12 10.28 40.66
N HIS R 31 8.08 9.80 39.84
CA HIS R 31 9.45 9.64 40.35
C HIS R 31 10.41 10.69 39.76
N HIS R 32 9.98 11.33 38.67
CA HIS R 32 10.82 12.34 38.04
C HIS R 32 9.98 13.25 37.16
N SER R 33 10.30 14.53 37.13
CA SER R 33 9.67 15.50 36.22
C SER R 33 10.77 16.19 35.47
N GLU R 34 10.80 16.03 34.14
CA GLU R 34 11.81 16.68 33.34
C GLU R 34 11.21 17.93 32.73
N LYS R 35 11.84 19.07 33.00
CA LYS R 35 11.40 20.35 32.46
C LYS R 35 12.01 20.57 31.07
N LEU R 36 11.16 20.88 30.10
CA LEU R 36 11.61 21.27 28.74
C LEU R 36 11.23 22.73 28.46
N ASP R 37 12.22 23.54 28.08
CA ASP R 37 11.93 24.87 27.57
C ASP R 37 11.54 24.79 26.06
N LYS R 38 11.01 25.90 25.57
CA LYS R 38 10.45 25.99 24.24
C LYS R 38 11.45 25.53 23.19
N GLY R 39 11.02 24.57 22.36
CA GLY R 39 11.83 24.13 21.25
C GLY R 39 12.69 22.91 21.53
N GLU R 40 12.89 22.57 22.81
CA GLU R 40 13.61 21.36 23.20
C GLU R 40 12.78 20.11 22.93
N VAL R 41 13.48 19.02 22.65
CA VAL R 41 12.86 17.76 22.29
C VAL R 41 13.39 16.70 23.28
N LEU R 42 12.46 15.97 23.90
CA LEU R 42 12.77 14.79 24.70
C LEU R 42 12.25 13.50 24.00
N ILE R 43 13.11 12.50 23.91
CA ILE R 43 12.71 11.20 23.40
C ILE R 43 12.93 10.25 24.56
N ALA R 44 11.84 9.65 25.03
CA ALA R 44 11.83 8.99 26.32
C ALA R 44 11.16 7.62 26.16
N GLN R 45 11.81 6.57 26.67
CA GLN R 45 11.29 5.21 26.61
C GLN R 45 10.39 4.91 27.81
N PHE R 46 9.55 3.89 27.67
CA PHE R 46 9.03 3.14 28.83
C PHE R 46 10.12 2.21 29.33
N THR R 47 10.23 2.04 30.66
CA THR R 47 11.38 1.32 31.21
C THR R 47 10.98 0.40 32.35
N GLU R 48 11.96 -0.31 32.93
CA GLU R 48 11.75 -0.96 34.22
C GLU R 48 11.15 -0.02 35.30
N HIS R 49 11.51 1.27 35.28
CA HIS R 49 11.03 2.19 36.30
C HIS R 49 9.86 3.11 35.92
N THR R 50 9.64 3.30 34.62
CA THR R 50 8.55 4.11 34.10
C THR R 50 7.60 3.30 33.21
N SER R 51 6.34 3.18 33.64
CA SER R 51 5.29 2.49 32.85
C SER R 51 4.17 3.42 32.43
N ALA R 52 4.30 4.69 32.75
CA ALA R 52 3.33 5.69 32.32
C ALA R 52 4.01 7.08 32.36
N ILE R 53 3.63 7.93 31.42
CA ILE R 53 4.27 9.20 31.22
C ILE R 53 3.18 10.25 31.07
N LYS R 54 3.30 11.34 31.84
CA LYS R 54 2.35 12.42 31.82
C LYS R 54 3.04 13.65 31.25
N VAL R 55 2.36 14.35 30.34
CA VAL R 55 2.89 15.58 29.79
C VAL R 55 1.96 16.71 30.19
N ARG R 56 2.55 17.77 30.74
CA ARG R 56 1.80 18.91 31.17
C ARG R 56 2.41 20.18 30.59
N GLY R 57 1.55 21.03 30.00
CA GLY R 57 1.99 22.16 29.20
C GLY R 57 1.84 21.92 27.71
N LYS R 58 2.10 22.96 26.91
CA LYS R 58 1.91 22.89 25.46
C LYS R 58 3.08 22.16 24.79
N ALA R 59 2.74 21.05 24.11
CA ALA R 59 3.73 20.22 23.48
C ALA R 59 3.17 19.44 22.28
N TYR R 60 4.05 19.13 21.35
CA TYR R 60 3.77 18.28 20.21
C TYR R 60 4.35 16.89 20.48
N ILE R 61 3.50 15.87 20.41
CA ILE R 61 3.93 14.53 20.86
C ILE R 61 3.74 13.52 19.75
N GLN R 62 4.76 12.69 19.51
CA GLN R 62 4.63 11.58 18.59
C GLN R 62 4.79 10.25 19.33
N THR R 63 3.90 9.30 19.01
CA THR R 63 4.08 7.92 19.47
C THR R 63 3.83 7.03 18.27
N ARG R 64 3.96 5.73 18.49
CA ARG R 64 3.55 4.75 17.51
C ARG R 64 2.11 4.98 17.01
N HIS R 65 1.27 5.60 17.84
CA HIS R 65 -0.15 5.66 17.48
C HIS R 65 -0.44 6.92 16.69
N GLY R 66 0.58 7.76 16.54
CA GLY R 66 0.45 8.97 15.76
C GLY R 66 0.81 10.21 16.58
N VAL R 67 0.34 11.34 16.08
CA VAL R 67 0.58 12.65 16.69
C VAL R 67 -0.53 13.01 17.67
N ILE R 68 -0.15 13.66 18.77
CA ILE R 68 -1.11 14.24 19.71
C ILE R 68 -0.48 15.51 20.31
N GLU R 69 -1.31 16.44 20.75
CA GLU R 69 -0.82 17.68 21.33
C GLU R 69 -1.33 17.85 22.73
N SER R 70 -0.45 18.08 23.69
CA SER R 70 -0.91 18.54 25.00
C SER R 70 -1.12 20.06 24.93
N GLU R 71 -2.06 20.57 25.72
CA GLU R 71 -2.32 21.99 25.78
C GLU R 71 -2.09 22.48 27.21
N GLY R 72 -1.43 23.63 27.35
CA GLY R 72 -1.10 24.16 28.66
C GLY R 72 -2.22 24.89 29.38
N LYS R 73 -1.89 25.37 30.59
CA LYS R 73 -2.77 26.14 31.48
C LYS R 73 -3.68 25.22 32.32
N THR S 3 21.01 -3.25 22.44
CA THR S 3 21.91 -3.77 21.36
C THR S 3 21.16 -3.84 20.01
N ASN S 4 19.94 -4.42 20.05
CA ASN S 4 18.97 -4.34 18.95
C ASN S 4 17.99 -3.18 19.12
N SER S 5 18.30 -2.29 20.08
CA SER S 5 17.46 -1.14 20.43
C SER S 5 17.19 -0.19 19.27
N ASP S 6 16.16 0.62 19.45
CA ASP S 6 15.88 1.75 18.62
C ASP S 6 16.98 2.81 18.69
N PHE S 7 17.04 3.63 17.66
CA PHE S 7 17.96 4.74 17.63
C PHE S 7 17.31 6.01 17.09
N VAL S 8 18.02 7.11 17.28
CA VAL S 8 17.57 8.44 16.93
C VAL S 8 18.68 9.00 16.04
N VAL S 9 18.29 9.76 15.02
CA VAL S 9 19.22 10.45 14.16
C VAL S 9 19.12 11.93 14.42
N ILE S 10 20.23 12.57 14.73
CA ILE S 10 20.23 13.99 14.96
C ILE S 10 21.25 14.71 14.06
N LYS S 11 20.76 15.70 13.31
CA LYS S 11 21.61 16.55 12.49
C LYS S 11 21.56 17.98 13.00
N ALA S 12 22.69 18.50 13.48
CA ALA S 12 22.81 19.88 13.97
C ALA S 12 22.61 20.85 12.83
N LEU S 13 21.70 21.80 13.01
CA LEU S 13 21.47 22.84 12.01
C LEU S 13 22.14 24.16 12.39
N GLU S 14 22.86 24.19 13.52
CA GLU S 14 23.65 25.33 13.98
C GLU S 14 24.75 24.70 14.86
N ASP S 15 25.78 25.49 15.22
CA ASP S 15 26.81 25.06 16.17
C ASP S 15 26.29 24.94 17.60
N GLY S 16 26.89 24.04 18.39
CA GLY S 16 26.63 23.95 19.81
C GLY S 16 25.38 23.17 20.22
N VAL S 17 24.81 22.41 19.28
CA VAL S 17 23.71 21.52 19.62
C VAL S 17 24.19 20.47 20.65
N ASN S 18 23.36 20.20 21.66
CA ASN S 18 23.68 19.19 22.69
C ASN S 18 22.72 18.03 22.65
N VAL S 19 23.27 16.82 22.52
CA VAL S 19 22.47 15.61 22.63
C VAL S 19 22.81 15.00 23.97
N ILE S 20 21.82 14.94 24.86
CA ILE S 20 22.05 14.60 26.25
C ILE S 20 21.42 13.26 26.61
N GLY S 21 22.23 12.37 27.19
CA GLY S 21 21.73 11.06 27.59
C GLY S 21 21.31 11.10 29.05
N LEU S 22 20.10 10.61 29.31
CA LEU S 22 19.58 10.55 30.68
C LEU S 22 19.72 9.13 31.19
N THR S 23 20.14 8.96 32.45
CA THR S 23 20.38 7.63 33.03
C THR S 23 19.14 6.73 33.09
N ARG S 24 19.33 5.49 32.63
CA ARG S 24 18.34 4.44 32.89
C ARG S 24 18.37 4.08 34.39
N GLY S 25 17.20 3.91 34.99
CA GLY S 25 17.12 3.35 36.33
C GLY S 25 16.17 4.13 37.21
N ALA S 26 16.21 3.84 38.51
CA ALA S 26 15.40 4.54 39.51
C ALA S 26 15.71 6.06 39.53
N ASP S 27 16.98 6.40 39.30
CA ASP S 27 17.43 7.78 39.29
C ASP S 27 17.56 8.37 37.87
N THR S 28 17.15 9.63 37.72
CA THR S 28 17.23 10.28 36.43
C THR S 28 18.13 11.51 36.50
N ARG S 29 19.27 11.44 35.81
CA ARG S 29 20.23 12.54 35.72
C ARG S 29 20.91 12.47 34.34
N PHE S 30 21.62 13.52 33.95
CA PHE S 30 22.36 13.56 32.69
C PHE S 30 23.65 12.78 32.92
N HIS S 31 24.04 11.89 32.01
CA HIS S 31 25.34 11.21 32.16
C HIS S 31 26.33 11.64 31.10
N HIS S 32 25.82 12.22 30.02
CA HIS S 32 26.70 12.68 28.93
C HIS S 32 26.00 13.71 28.07
N SER S 33 26.70 14.73 27.61
CA SER S 33 26.20 15.52 26.49
C SER S 33 27.20 15.51 25.38
N GLU S 34 26.68 15.25 24.19
CA GLU S 34 27.51 15.23 23.00
C GLU S 34 27.23 16.56 22.27
N LYS S 35 28.28 17.37 22.13
CA LYS S 35 28.21 18.62 21.40
C LYS S 35 28.34 18.32 19.91
N LEU S 36 27.40 18.82 19.13
CA LEU S 36 27.45 18.74 17.67
C LEU S 36 27.59 20.11 17.03
N ASP S 37 28.51 20.25 16.09
CA ASP S 37 28.56 21.50 15.32
C ASP S 37 27.76 21.37 14.02
N LYS S 38 27.50 22.51 13.39
CA LYS S 38 26.62 22.60 12.24
C LYS S 38 26.94 21.58 11.14
N GLY S 39 25.94 20.80 10.77
CA GLY S 39 26.10 19.84 9.70
C GLY S 39 26.61 18.47 10.14
N GLU S 40 27.10 18.32 11.39
CA GLU S 40 27.45 17.01 11.94
C GLU S 40 26.19 16.16 12.27
N VAL S 41 26.32 14.85 12.11
CA VAL S 41 25.20 13.93 12.35
C VAL S 41 25.57 12.94 13.45
N LEU S 42 24.69 12.79 14.43
CA LEU S 42 24.81 11.76 15.43
C LEU S 42 23.67 10.73 15.32
N ILE S 43 24.04 9.45 15.29
CA ILE S 43 23.05 8.37 15.31
C ILE S 43 23.26 7.59 16.62
N ALA S 44 22.28 7.71 17.52
CA ALA S 44 22.44 7.29 18.90
C ALA S 44 21.32 6.32 19.30
N GLN S 45 21.72 5.19 19.86
CA GLN S 45 20.75 4.24 20.39
C GLN S 45 20.30 4.55 21.84
N PHE S 46 19.16 3.98 22.22
CA PHE S 46 18.81 3.73 23.62
C PHE S 46 19.59 2.49 24.03
N THR S 47 20.02 2.46 25.28
CA THR S 47 20.97 1.46 25.72
C THR S 47 20.69 1.06 27.16
N GLU S 48 21.47 0.10 27.67
CA GLU S 48 21.48 -0.19 29.10
C GLU S 48 21.65 1.07 29.97
N HIS S 49 22.37 2.07 29.48
CA HIS S 49 22.70 3.26 30.28
C HIS S 49 21.86 4.50 29.96
N THR S 50 21.23 4.49 28.79
CA THR S 50 20.47 5.63 28.30
C THR S 50 19.05 5.22 27.94
N SER S 51 18.08 5.69 28.73
CA SER S 51 16.64 5.44 28.43
C SER S 51 15.84 6.67 28.02
N ALA S 52 16.50 7.82 27.94
CA ALA S 52 15.88 9.02 27.36
C ALA S 52 16.97 9.95 26.85
N ILE S 53 16.67 10.64 25.75
CA ILE S 53 17.61 11.52 25.09
C ILE S 53 16.97 12.90 24.96
N LYS S 54 17.69 13.93 25.40
CA LYS S 54 17.22 15.30 25.22
C LYS S 54 18.09 16.05 24.19
N VAL S 55 17.45 16.77 23.27
CA VAL S 55 18.15 17.58 22.27
C VAL S 55 17.87 19.06 22.50
N ARG S 56 18.95 19.84 22.62
CA ARG S 56 18.85 21.29 22.84
C ARG S 56 19.66 22.00 21.76
N GLY S 57 19.03 23.01 21.16
CA GLY S 57 19.58 23.74 20.02
C GLY S 57 18.85 23.28 18.77
N LYS S 58 19.12 23.95 17.65
CA LYS S 58 18.42 23.71 16.39
C LYS S 58 18.93 22.47 15.67
N ALA S 59 18.03 21.50 15.49
CA ALA S 59 18.42 20.21 14.94
C ALA S 59 17.28 19.55 14.15
N TYR S 60 17.66 18.75 13.16
CA TYR S 60 16.71 17.93 12.39
C TYR S 60 16.83 16.53 12.93
N ILE S 61 15.71 15.99 13.39
CA ILE S 61 15.72 14.72 14.10
C ILE S 61 14.86 13.67 13.36
N GLN S 62 15.39 12.47 13.20
CA GLN S 62 14.59 11.36 12.68
C GLN S 62 14.49 10.23 13.72
N THR S 63 13.25 9.80 13.96
CA THR S 63 12.97 8.55 14.68
C THR S 63 12.04 7.66 13.88
N ARG S 64 11.76 6.48 14.46
CA ARG S 64 10.78 5.57 13.91
C ARG S 64 9.41 6.26 13.73
N HIS S 65 9.13 7.30 14.53
CA HIS S 65 7.83 8.00 14.42
C HIS S 65 7.83 9.14 13.41
N GLY S 66 8.98 9.42 12.81
CA GLY S 66 9.04 10.34 11.70
C GLY S 66 10.04 11.44 12.04
N VAL S 67 9.90 12.58 11.36
CA VAL S 67 10.78 13.71 11.61
C VAL S 67 10.19 14.67 12.64
N ILE S 68 11.09 15.22 13.46
CA ILE S 68 10.74 16.32 14.34
C ILE S 68 11.95 17.27 14.33
N GLU S 69 11.73 18.54 14.69
CA GLU S 69 12.84 19.49 14.74
C GLU S 69 12.91 20.19 16.09
N SER S 70 14.11 20.24 16.67
CA SER S 70 14.28 21.04 17.89
C SER S 70 14.64 22.43 17.46
N GLU S 71 14.31 23.41 18.30
CA GLU S 71 14.53 24.82 17.98
C GLU S 71 15.53 25.41 18.94
N GLY S 72 16.49 26.16 18.39
CA GLY S 72 17.57 26.79 19.12
C GLY S 72 17.14 27.69 20.26
N THR T 3 24.71 -9.86 16.83
CA THR T 3 25.15 -9.59 15.40
C THR T 3 23.95 -9.30 14.44
N ASN T 4 22.77 -9.08 15.02
CA ASN T 4 21.52 -8.78 14.30
C ASN T 4 21.10 -7.29 14.31
N SER T 5 21.95 -6.45 14.89
CA SER T 5 21.67 -5.03 15.07
C SER T 5 21.37 -4.23 13.80
N ASP T 6 20.80 -3.04 13.98
CA ASP T 6 20.71 -2.05 12.91
C ASP T 6 22.09 -1.67 12.40
N PHE T 7 22.11 -1.05 11.22
CA PHE T 7 23.33 -0.57 10.58
C PHE T 7 23.03 0.75 9.88
N VAL T 8 24.07 1.54 9.69
CA VAL T 8 23.99 2.74 8.90
C VAL T 8 24.91 2.62 7.68
N VAL T 9 24.50 3.24 6.59
CA VAL T 9 25.29 3.25 5.35
C VAL T 9 25.82 4.68 5.23
N ILE T 10 27.14 4.83 5.06
CA ILE T 10 27.73 6.18 4.87
C ILE T 10 28.54 6.25 3.57
N LYS T 11 28.18 7.19 2.69
CA LYS T 11 28.97 7.45 1.49
C LYS T 11 29.64 8.81 1.63
N ALA T 12 30.97 8.80 1.63
CA ALA T 12 31.76 10.04 1.67
C ALA T 12 31.60 10.84 0.37
N LEU T 13 31.19 12.09 0.50
CA LEU T 13 31.04 13.00 -0.65
C LEU T 13 32.25 13.93 -0.83
N GLU T 14 33.24 13.81 0.07
CA GLU T 14 34.52 14.51 -0.08
C GLU T 14 35.59 13.66 0.62
N ASP T 15 36.85 14.01 0.45
CA ASP T 15 37.92 13.33 1.17
C ASP T 15 37.88 13.64 2.68
N GLY T 16 38.31 12.69 3.50
CA GLY T 16 38.58 12.96 4.90
C GLY T 16 37.35 12.97 5.80
N VAL T 17 36.29 12.29 5.38
CA VAL T 17 35.10 12.10 6.19
C VAL T 17 35.44 11.14 7.33
N ASN T 18 35.03 11.51 8.54
CA ASN T 18 35.28 10.70 9.74
C ASN T 18 34.00 10.05 10.24
N VAL T 19 34.02 8.71 10.31
CA VAL T 19 32.95 7.96 10.95
C VAL T 19 33.44 7.49 12.33
N ILE T 20 32.85 8.07 13.37
CA ILE T 20 33.37 7.94 14.71
C ILE T 20 32.46 7.06 15.55
N GLY T 21 33.02 6.00 16.15
CA GLY T 21 32.28 5.16 17.08
C GLY T 21 32.42 5.61 18.52
N LEU T 22 31.29 5.75 19.20
CA LEU T 22 31.23 6.11 20.61
C LEU T 22 30.98 4.85 21.44
N THR T 23 31.69 4.75 22.57
CA THR T 23 31.65 3.57 23.43
C THR T 23 30.27 3.31 24.03
N ARG T 24 29.84 2.04 23.97
CA ARG T 24 28.69 1.58 24.74
C ARG T 24 29.07 1.52 26.20
N GLY T 25 28.16 1.93 27.10
CA GLY T 25 28.41 1.77 28.52
C GLY T 25 28.19 3.04 29.31
N ALA T 26 28.63 3.02 30.56
CA ALA T 26 28.48 4.14 31.48
C ALA T 26 29.31 5.32 31.01
N ASP T 27 30.44 5.04 30.37
CA ASP T 27 31.30 6.10 29.87
C ASP T 27 31.12 6.27 28.37
N THR T 28 31.22 7.51 27.93
CA THR T 28 31.08 7.84 26.52
C THR T 28 32.32 8.54 25.99
N ARG T 29 33.05 7.85 25.13
CA ARG T 29 34.20 8.45 24.46
C ARG T 29 34.31 7.83 23.08
N PHE T 30 35.15 8.41 22.21
CA PHE T 30 35.38 7.84 20.88
C PHE T 30 36.36 6.68 21.01
N HIS T 31 36.05 5.53 20.43
CA HIS T 31 37.04 4.43 20.47
C HIS T 31 37.68 4.22 19.12
N HIS T 32 37.05 4.75 18.07
CA HIS T 32 37.57 4.60 16.73
C HIS T 32 37.04 5.64 15.78
N SER T 33 37.92 6.13 14.88
CA SER T 33 37.51 6.99 13.76
C SER T 33 37.93 6.35 12.43
N GLU T 34 36.94 6.04 11.60
CA GLU T 34 37.19 5.48 10.29
C GLU T 34 37.18 6.63 9.28
N LYS T 35 38.31 6.83 8.61
CA LYS T 35 38.49 7.89 7.63
C LYS T 35 38.04 7.36 6.29
N LEU T 36 37.11 8.08 5.66
CA LEU T 36 36.58 7.72 4.34
C LEU T 36 37.01 8.76 3.32
N ASP T 37 37.49 8.32 2.15
CA ASP T 37 37.80 9.25 1.09
C ASP T 37 36.63 9.32 0.09
N LYS T 38 36.64 10.34 -0.75
CA LYS T 38 35.49 10.65 -1.60
C LYS T 38 35.01 9.42 -2.37
N GLY T 39 33.73 9.11 -2.23
CA GLY T 39 33.11 8.05 -3.00
C GLY T 39 33.10 6.69 -2.32
N GLU T 40 33.89 6.51 -1.25
CA GLU T 40 33.90 5.26 -0.47
C GLU T 40 32.63 5.10 0.34
N VAL T 41 32.23 3.85 0.56
CA VAL T 41 31.00 3.55 1.28
C VAL T 41 31.35 2.68 2.47
N LEU T 42 30.89 3.10 3.64
CA LEU T 42 31.04 2.32 4.85
C LEU T 42 29.62 1.87 5.31
N ILE T 43 29.45 0.58 5.61
CA ILE T 43 28.21 0.03 6.16
C ILE T 43 28.56 -0.48 7.56
N ALA T 44 28.02 0.20 8.57
CA ALA T 44 28.48 -0.01 9.95
C ALA T 44 27.33 -0.35 10.89
N GLN T 45 27.47 -1.43 11.64
CA GLN T 45 26.48 -1.82 12.64
C GLN T 45 26.65 -1.09 13.97
N PHE T 46 25.57 -1.00 14.76
CA PHE T 46 25.68 -0.82 16.22
C PHE T 46 26.08 -2.18 16.83
N THR T 47 26.91 -2.18 17.87
CA THR T 47 27.52 -3.40 18.36
C THR T 47 27.66 -3.37 19.88
N GLU T 48 28.16 -4.47 20.45
CA GLU T 48 28.57 -4.50 21.85
C GLU T 48 29.45 -3.29 22.26
N HIS T 49 30.25 -2.75 21.33
CA HIS T 49 31.22 -1.71 21.65
C HIS T 49 30.82 -0.31 21.17
N THR T 50 29.94 -0.25 20.18
CA THR T 50 29.46 1.00 19.60
C THR T 50 27.95 1.18 19.75
N SER T 51 27.53 2.16 20.54
CA SER T 51 26.10 2.41 20.75
C SER T 51 25.70 3.77 20.17
N ALA T 52 26.66 4.48 19.59
CA ALA T 52 26.35 5.77 18.92
C ALA T 52 27.45 6.06 17.91
N ILE T 53 27.09 6.71 16.81
CA ILE T 53 27.97 6.93 15.66
C ILE T 53 27.87 8.41 15.24
N LYS T 54 29.02 9.07 15.15
CA LYS T 54 29.08 10.47 14.75
C LYS T 54 29.74 10.56 13.38
N VAL T 55 29.13 11.30 12.46
CA VAL T 55 29.71 11.48 11.13
C VAL T 55 30.13 12.94 11.01
N ARG T 56 31.39 13.15 10.64
CA ARG T 56 31.96 14.47 10.43
C ARG T 56 32.45 14.59 8.99
N GLY T 57 32.00 15.64 8.29
CA GLY T 57 32.35 15.87 6.89
C GLY T 57 31.14 15.66 5.99
N LYS T 58 31.28 15.95 4.70
CA LYS T 58 30.19 15.80 3.75
C LYS T 58 29.92 14.32 3.35
N ALA T 59 28.74 13.83 3.75
CA ALA T 59 28.40 12.45 3.50
C ALA T 59 26.91 12.29 3.17
N TYR T 60 26.58 11.24 2.42
CA TYR T 60 25.20 10.84 2.22
C TYR T 60 24.97 9.62 3.16
N ILE T 61 23.95 9.69 3.98
CA ILE T 61 23.72 8.68 5.00
C ILE T 61 22.33 8.04 4.84
N GLN T 62 22.27 6.71 4.90
CA GLN T 62 20.99 5.99 4.91
C GLN T 62 20.85 5.20 6.20
N THR T 63 19.70 5.32 6.84
CA THR T 63 19.36 4.48 7.98
C THR T 63 17.97 3.94 7.78
N ARG T 64 17.51 3.09 8.70
CA ARG T 64 16.13 2.65 8.73
C ARG T 64 15.09 3.81 8.66
N HIS T 65 15.49 5.01 9.13
CA HIS T 65 14.56 6.15 9.21
C HIS T 65 14.63 7.02 7.97
N GLY T 66 15.47 6.64 7.02
CA GLY T 66 15.54 7.36 5.76
C GLY T 66 16.92 7.93 5.44
N VAL T 67 16.94 8.90 4.54
CA VAL T 67 18.16 9.57 4.11
C VAL T 67 18.42 10.83 4.98
N ILE T 68 19.68 11.04 5.34
CA ILE T 68 20.14 12.28 5.98
C ILE T 68 21.54 12.59 5.39
N GLU T 69 21.90 13.88 5.34
CA GLU T 69 23.20 14.26 4.81
C GLU T 69 23.98 15.03 5.85
N SER T 70 25.22 14.63 6.11
CA SER T 70 26.08 15.46 6.98
C SER T 70 26.79 16.49 6.10
N GLU T 71 27.15 17.62 6.68
CA GLU T 71 27.80 18.67 5.91
C GLU T 71 29.13 19.02 6.59
N GLY T 72 30.17 19.21 5.77
CA GLY T 72 31.53 19.34 6.27
C GLY T 72 31.90 20.69 6.84
N LYS T 73 33.16 20.79 7.27
CA LYS T 73 33.78 22.01 7.78
C LYS T 73 33.23 22.44 9.14
N THR U 3 23.53 -16.39 12.13
CA THR U 3 23.14 -16.97 10.81
C THR U 3 22.01 -16.20 10.09
N ASN U 4 21.00 -15.75 10.84
CA ASN U 4 20.16 -14.61 10.39
C ASN U 4 20.80 -13.32 10.92
N SER U 5 21.25 -12.50 9.97
CA SER U 5 21.84 -11.19 10.20
C SER U 5 21.62 -10.54 8.87
N ASP U 6 21.68 -9.21 8.84
CA ASP U 6 21.66 -8.48 7.58
C ASP U 6 22.84 -8.83 6.66
N PHE U 7 22.63 -8.59 5.37
CA PHE U 7 23.64 -8.74 4.35
C PHE U 7 23.61 -7.56 3.34
N VAL U 8 24.72 -7.41 2.64
CA VAL U 8 24.95 -6.36 1.66
C VAL U 8 25.18 -7.07 0.33
N VAL U 9 24.67 -6.50 -0.76
CA VAL U 9 24.95 -6.97 -2.09
C VAL U 9 25.88 -5.96 -2.75
N ILE U 10 27.00 -6.42 -3.29
CA ILE U 10 27.96 -5.53 -3.98
C ILE U 10 28.22 -6.06 -5.38
N LYS U 11 27.88 -5.27 -6.41
CA LYS U 11 28.24 -5.62 -7.78
C LYS U 11 29.37 -4.68 -8.22
N ALA U 12 30.55 -5.25 -8.54
CA ALA U 12 31.69 -4.49 -9.10
C ALA U 12 31.35 -3.93 -10.48
N LEU U 13 31.53 -2.63 -10.63
CA LEU U 13 31.36 -1.98 -11.93
C LEU U 13 32.72 -1.75 -12.65
N GLU U 14 33.83 -2.16 -12.03
CA GLU U 14 35.17 -2.08 -12.66
C GLU U 14 35.97 -3.18 -11.99
N ASP U 15 37.10 -3.56 -12.57
CA ASP U 15 37.99 -4.53 -11.94
C ASP U 15 38.64 -3.95 -10.68
N GLY U 16 38.99 -4.81 -9.74
CA GLY U 16 39.71 -4.41 -8.54
C GLY U 16 38.91 -3.74 -7.44
N VAL U 17 37.57 -3.81 -7.47
CA VAL U 17 36.75 -3.37 -6.35
C VAL U 17 37.16 -4.17 -5.09
N ASN U 18 37.26 -3.48 -3.97
CA ASN U 18 37.75 -4.09 -2.74
C ASN U 18 36.68 -4.02 -1.66
N VAL U 19 36.17 -5.18 -1.25
CA VAL U 19 35.19 -5.24 -0.17
C VAL U 19 35.96 -5.62 1.11
N ILE U 20 35.89 -4.73 2.10
CA ILE U 20 36.81 -4.80 3.23
C ILE U 20 36.01 -5.07 4.49
N GLY U 21 36.32 -6.17 5.17
CA GLY U 21 35.66 -6.54 6.40
C GLY U 21 36.42 -6.06 7.60
N LEU U 22 35.74 -5.25 8.42
CA LEU U 22 36.31 -4.71 9.67
C LEU U 22 35.93 -5.55 10.89
N THR U 23 36.89 -5.73 11.82
CA THR U 23 36.72 -6.60 12.99
C THR U 23 35.64 -6.13 13.99
N ARG U 24 34.78 -7.07 14.38
CA ARG U 24 33.93 -6.87 15.54
C ARG U 24 34.80 -6.84 16.77
N GLY U 25 34.48 -5.94 17.71
CA GLY U 25 35.11 -6.00 19.01
C GLY U 25 35.60 -4.63 19.47
N ALA U 26 36.38 -4.64 20.54
CA ALA U 26 37.03 -3.43 21.07
C ALA U 26 37.96 -2.80 20.03
N ASP U 27 38.64 -3.62 19.25
CA ASP U 27 39.48 -3.08 18.20
C ASP U 27 38.84 -3.12 16.83
N THR U 28 39.25 -2.15 16.02
CA THR U 28 38.77 -1.99 14.66
C THR U 28 39.92 -2.00 13.65
N ARG U 29 40.02 -3.06 12.86
CA ARG U 29 41.02 -3.14 11.79
C ARG U 29 40.42 -4.04 10.73
N PHE U 30 40.92 -4.01 9.49
CA PHE U 30 40.37 -4.93 8.50
C PHE U 30 40.91 -6.33 8.77
N HIS U 31 40.09 -7.37 8.61
CA HIS U 31 40.61 -8.77 8.73
C HIS U 31 40.60 -9.46 7.37
N HIS U 32 39.87 -8.88 6.41
CA HIS U 32 39.77 -9.51 5.11
C HIS U 32 39.43 -8.49 4.05
N SER U 33 39.98 -8.68 2.87
CA SER U 33 39.70 -7.81 1.75
C SER U 33 39.37 -8.73 0.59
N GLU U 34 38.15 -8.65 0.07
CA GLU U 34 37.77 -9.51 -1.04
C GLU U 34 37.75 -8.65 -2.30
N LYS U 35 38.59 -8.98 -3.28
CA LYS U 35 38.63 -8.23 -4.53
C LYS U 35 37.64 -8.79 -5.55
N LEU U 36 36.93 -7.90 -6.22
CA LEU U 36 35.97 -8.28 -7.27
C LEU U 36 36.36 -7.74 -8.61
N ASP U 37 36.30 -8.58 -9.65
CA ASP U 37 36.44 -8.14 -11.02
C ASP U 37 35.09 -7.60 -11.47
N LYS U 38 35.11 -6.83 -12.57
CA LYS U 38 33.96 -6.20 -13.10
C LYS U 38 32.88 -7.23 -13.41
N GLY U 39 31.68 -6.95 -12.90
CA GLY U 39 30.54 -7.78 -13.18
C GLY U 39 30.33 -8.87 -12.14
N GLU U 40 31.33 -9.13 -11.29
CA GLU U 40 31.20 -10.10 -10.19
C GLU U 40 30.33 -9.56 -9.04
N VAL U 41 29.57 -10.43 -8.38
CA VAL U 41 28.67 -9.98 -7.31
C VAL U 41 29.10 -10.68 -6.03
N LEU U 42 29.19 -9.92 -4.92
CA LEU U 42 29.39 -10.52 -3.61
C LEU U 42 28.19 -10.17 -2.69
N ILE U 43 27.65 -11.20 -2.02
CA ILE U 43 26.55 -11.05 -1.06
C ILE U 43 27.12 -11.46 0.30
N ALA U 44 27.22 -10.48 1.21
CA ALA U 44 28.05 -10.63 2.39
C ALA U 44 27.28 -10.24 3.66
N GLN U 45 27.29 -11.11 4.65
CA GLN U 45 26.59 -10.88 5.91
C GLN U 45 27.43 -10.08 6.92
N PHE U 46 26.76 -9.47 7.89
CA PHE U 46 27.46 -9.08 9.13
C PHE U 46 27.49 -10.34 9.96
N THR U 47 28.58 -10.53 10.72
CA THR U 47 28.85 -11.81 11.38
C THR U 47 29.46 -11.59 12.76
N GLU U 48 29.62 -12.68 13.52
CA GLU U 48 30.50 -12.66 14.69
C GLU U 48 31.84 -11.91 14.43
N HIS U 49 32.42 -12.03 13.23
CA HIS U 49 33.78 -11.46 12.98
C HIS U 49 33.81 -10.10 12.23
N THR U 50 32.71 -9.76 11.56
CA THR U 50 32.61 -8.53 10.77
C THR U 50 31.39 -7.69 11.20
N SER U 51 31.63 -6.52 11.79
CA SER U 51 30.54 -5.63 12.22
C SER U 51 30.52 -4.34 11.42
N ALA U 52 31.45 -4.22 10.47
CA ALA U 52 31.40 -3.12 9.49
C ALA U 52 32.09 -3.52 8.18
N ILE U 53 31.52 -3.06 7.06
CA ILE U 53 32.02 -3.36 5.72
C ILE U 53 32.34 -2.04 4.96
N LYS U 54 33.52 -1.96 4.36
CA LYS U 54 33.88 -0.78 3.56
C LYS U 54 34.03 -1.26 2.11
N VAL U 55 33.52 -0.47 1.16
CA VAL U 55 33.74 -0.77 -0.26
C VAL U 55 34.56 0.33 -0.94
N ARG U 56 35.66 -0.07 -1.58
CA ARG U 56 36.53 0.84 -2.34
C ARG U 56 36.46 0.48 -3.81
N GLY U 57 36.36 1.48 -4.68
CA GLY U 57 36.19 1.19 -6.08
C GLY U 57 34.74 1.43 -6.52
N LYS U 58 34.53 1.42 -7.83
CA LYS U 58 33.19 1.63 -8.40
C LYS U 58 32.29 0.39 -8.28
N ALA U 59 31.20 0.50 -7.52
CA ALA U 59 30.31 -0.62 -7.26
C ALA U 59 28.86 -0.19 -7.05
N TYR U 60 27.93 -1.07 -7.44
CA TYR U 60 26.50 -0.88 -7.17
C TYR U 60 26.14 -1.71 -5.95
N ILE U 61 25.61 -1.05 -4.93
CA ILE U 61 25.42 -1.72 -3.64
C ILE U 61 23.91 -1.70 -3.26
N GLN U 62 23.37 -2.84 -2.84
CA GLN U 62 22.01 -2.88 -2.28
C GLN U 62 22.09 -3.31 -0.82
N THR U 63 21.37 -2.59 0.03
CA THR U 63 21.11 -3.04 1.39
C THR U 63 19.63 -2.92 1.68
N ARG U 64 19.24 -3.32 2.89
CA ARG U 64 17.89 -3.07 3.39
C ARG U 64 17.43 -1.61 3.26
N HIS U 65 18.38 -0.65 3.28
CA HIS U 65 17.98 0.77 3.22
C HIS U 65 17.88 1.29 1.78
N GLY U 66 18.24 0.46 0.83
CA GLY U 66 18.10 0.83 -0.56
C GLY U 66 19.41 0.69 -1.32
N VAL U 67 19.48 1.38 -2.44
CA VAL U 67 20.65 1.36 -3.27
C VAL U 67 21.58 2.54 -2.94
N ILE U 68 22.86 2.26 -3.01
CA ILE U 68 23.92 3.27 -2.92
C ILE U 68 25.05 2.83 -3.89
N GLU U 69 25.77 3.78 -4.48
CA GLU U 69 26.90 3.45 -5.35
C GLU U 69 28.20 3.98 -4.77
N SER U 70 29.22 3.11 -4.68
CA SER U 70 30.55 3.62 -4.34
C SER U 70 31.25 4.06 -5.63
N GLU U 71 32.21 4.99 -5.49
CA GLU U 71 33.01 5.49 -6.61
C GLU U 71 34.50 5.44 -6.24
N GLY U 72 35.34 4.97 -7.15
CA GLY U 72 36.74 4.71 -6.84
C GLY U 72 37.63 5.93 -6.74
N THR V 3 7.66 -2.08 -13.23
CA THR V 3 7.60 -2.21 -14.73
C THR V 3 6.53 -1.29 -15.40
N ASN V 4 5.87 -0.43 -14.60
CA ASN V 4 4.87 0.50 -15.17
C ASN V 4 5.33 1.96 -15.36
N SER V 5 6.63 2.15 -15.58
CA SER V 5 7.20 3.46 -15.80
C SER V 5 6.80 4.01 -17.19
N ASP V 6 6.89 5.32 -17.38
CA ASP V 6 6.67 5.86 -18.71
C ASP V 6 7.70 5.46 -19.74
N PHE V 7 7.33 5.65 -21.00
CA PHE V 7 8.18 5.31 -22.11
C PHE V 7 8.10 6.42 -23.14
N VAL V 8 9.12 6.44 -24.00
CA VAL V 8 9.20 7.32 -25.15
C VAL V 8 9.20 6.43 -26.41
N VAL V 9 8.65 6.99 -27.49
CA VAL V 9 8.69 6.39 -28.82
C VAL V 9 9.64 7.22 -29.70
N ILE V 10 10.61 6.56 -30.33
CA ILE V 10 11.58 7.22 -31.20
C ILE V 10 11.59 6.55 -32.56
N LYS V 11 11.28 7.33 -33.58
CA LYS V 11 11.41 6.87 -34.95
C LYS V 11 12.59 7.55 -35.63
N ALA V 12 13.55 6.74 -36.08
CA ALA V 12 14.72 7.20 -36.83
C ALA V 12 14.30 7.74 -38.19
N LEU V 13 14.66 8.99 -38.49
CA LEU V 13 14.39 9.59 -39.79
C LEU V 13 15.62 9.55 -40.71
N GLU V 14 16.70 8.92 -40.24
CA GLU V 14 17.93 8.75 -41.03
C GLU V 14 18.70 7.59 -40.39
N ASP V 15 19.70 7.06 -41.09
CA ASP V 15 20.56 5.99 -40.57
C ASP V 15 21.48 6.52 -39.48
N GLY V 16 21.78 5.69 -38.49
CA GLY V 16 22.72 6.06 -37.46
C GLY V 16 22.21 6.97 -36.36
N VAL V 17 20.89 7.07 -36.21
CA VAL V 17 20.33 7.69 -35.02
C VAL V 17 20.85 6.91 -33.79
N ASN V 18 21.19 7.67 -32.75
CA ASN V 18 21.78 7.13 -31.55
C ASN V 18 20.85 7.48 -30.40
N VAL V 19 20.24 6.45 -29.78
CA VAL V 19 19.42 6.67 -28.62
C VAL V 19 20.25 6.22 -27.43
N ILE V 20 20.51 7.16 -26.54
CA ILE V 20 21.42 6.90 -25.42
C ILE V 20 20.65 6.86 -24.11
N GLY V 21 20.76 5.75 -23.39
CA GLY V 21 20.21 5.71 -22.04
C GLY V 21 21.30 6.15 -21.07
N LEU V 22 21.04 7.23 -20.35
CA LEU V 22 21.99 7.73 -19.36
C LEU V 22 21.71 7.09 -18.01
N THR V 23 22.75 6.71 -17.29
CA THR V 23 22.60 6.02 -16.00
C THR V 23 21.84 6.83 -14.95
N ARG V 24 20.93 6.14 -14.26
CA ARG V 24 20.32 6.59 -13.01
C ARG V 24 21.39 6.63 -11.93
N GLY V 25 21.27 7.58 -10.99
CA GLY V 25 22.08 7.49 -9.78
C GLY V 25 23.10 8.64 -9.70
N ALA V 26 24.14 8.44 -8.88
CA ALA V 26 25.17 9.46 -8.64
C ALA V 26 25.91 9.89 -9.91
N ASP V 27 26.13 8.93 -10.78
CA ASP V 27 26.86 9.09 -12.03
C ASP V 27 25.91 9.26 -13.19
N THR V 28 26.33 10.03 -14.17
CA THR V 28 25.58 10.22 -15.37
C THR V 28 26.43 9.91 -16.61
N ARG V 29 26.50 8.63 -16.97
CA ARG V 29 27.30 8.17 -18.09
C ARG V 29 26.40 7.34 -19.00
N PHE V 30 26.95 6.74 -20.06
CA PHE V 30 26.12 5.92 -20.95
C PHE V 30 25.86 4.59 -20.28
N HIS V 31 24.59 4.23 -20.15
CA HIS V 31 24.21 2.86 -19.80
C HIS V 31 24.20 1.99 -21.07
N HIS V 32 23.62 2.55 -22.12
CA HIS V 32 23.50 1.84 -23.37
C HIS V 32 23.26 2.85 -24.48
N SER V 33 23.82 2.56 -25.64
CA SER V 33 23.58 3.35 -26.83
C SER V 33 23.00 2.45 -27.91
N GLU V 34 21.76 2.72 -28.31
CA GLU V 34 21.13 1.93 -29.37
C GLU V 34 21.22 2.70 -30.68
N LYS V 35 21.81 2.06 -31.68
CA LYS V 35 21.90 2.62 -33.02
C LYS V 35 20.73 2.15 -33.88
N LEU V 36 20.00 3.11 -34.43
CA LEU V 36 18.81 2.84 -35.25
C LEU V 36 19.06 3.21 -36.70
N ASP V 37 18.59 2.37 -37.61
CA ASP V 37 18.55 2.71 -39.01
C ASP V 37 17.26 3.45 -39.40
N LYS V 38 17.32 4.16 -40.53
CA LYS V 38 16.19 4.94 -41.04
C LYS V 38 14.87 4.13 -41.00
N GLY V 39 13.85 4.66 -40.34
CA GLY V 39 12.55 4.01 -40.37
C GLY V 39 12.28 3.06 -39.20
N GLU V 40 13.34 2.65 -38.48
CA GLU V 40 13.17 1.81 -37.29
C GLU V 40 12.52 2.60 -36.15
N VAL V 41 11.68 1.92 -35.38
CA VAL V 41 11.04 2.52 -34.19
C VAL V 41 11.50 1.84 -32.90
N LEU V 42 11.90 2.64 -31.93
CA LEU V 42 12.28 2.12 -30.60
C LEU V 42 11.29 2.66 -29.59
N ILE V 43 10.68 1.77 -28.81
CA ILE V 43 9.82 2.18 -27.68
C ILE V 43 10.56 1.81 -26.37
N ALA V 44 10.97 2.82 -25.61
CA ALA V 44 11.87 2.63 -24.48
C ALA V 44 11.37 3.26 -23.17
N GLN V 45 11.38 2.49 -22.09
CA GLN V 45 10.97 2.96 -20.78
C GLN V 45 12.10 3.63 -20.03
N PHE V 46 11.73 4.50 -19.09
CA PHE V 46 12.61 4.77 -17.97
C PHE V 46 12.63 3.57 -17.04
N THR V 47 13.81 3.25 -16.51
CA THR V 47 14.01 2.04 -15.73
C THR V 47 14.87 2.28 -14.51
N GLU V 48 15.16 1.19 -13.79
CA GLU V 48 16.09 1.18 -12.69
C GLU V 48 17.47 1.72 -13.11
N HIS V 49 17.90 1.42 -14.34
CA HIS V 49 19.26 1.78 -14.78
C HIS V 49 19.33 3.06 -15.62
N THR V 50 18.19 3.50 -16.18
CA THR V 50 18.12 4.68 -17.04
C THR V 50 17.13 5.71 -16.52
N SER V 51 17.62 6.92 -16.24
CA SER V 51 16.75 8.00 -15.76
C SER V 51 16.71 9.21 -16.68
N ALA V 52 17.46 9.14 -17.77
CA ALA V 52 17.46 10.19 -18.80
C ALA V 52 17.83 9.57 -20.13
N ILE V 53 17.21 10.08 -21.19
CA ILE V 53 17.45 9.59 -22.55
C ILE V 53 17.87 10.73 -23.48
N LYS V 54 19.03 10.57 -24.12
CA LYS V 54 19.50 11.57 -25.10
C LYS V 54 19.39 11.00 -26.52
N VAL V 55 18.88 11.79 -27.47
CA VAL V 55 18.80 11.33 -28.85
C VAL V 55 19.69 12.18 -29.76
N ARG V 56 20.63 11.53 -30.46
CA ARG V 56 21.43 12.24 -31.47
C ARG V 56 21.02 11.79 -32.86
N GLY V 57 20.98 12.73 -33.79
CA GLY V 57 20.52 12.42 -35.12
C GLY V 57 19.05 12.81 -35.30
N LYS V 58 18.59 12.70 -36.54
CA LYS V 58 17.25 13.07 -36.95
C LYS V 58 16.22 11.98 -36.63
N ALA V 59 15.26 12.34 -35.78
CA ALA V 59 14.27 11.39 -35.30
C ALA V 59 12.96 12.09 -34.90
N TYR V 60 11.88 11.34 -35.01
CA TYR V 60 10.59 11.82 -34.59
C TYR V 60 10.23 11.15 -33.26
N ILE V 61 9.85 11.95 -32.27
CA ILE V 61 9.75 11.50 -30.88
C ILE V 61 8.36 11.77 -30.33
N GLN V 62 7.75 10.75 -29.72
CA GLN V 62 6.49 10.93 -29.03
C GLN V 62 6.64 10.65 -27.53
N THR V 63 6.16 11.56 -26.69
CA THR V 63 6.05 11.30 -25.25
C THR V 63 4.69 11.72 -24.77
N ARG V 64 4.45 11.48 -23.49
CA ARG V 64 3.23 11.92 -22.85
C ARG V 64 3.05 13.44 -22.96
N HIS V 65 4.15 14.19 -23.10
CA HIS V 65 4.08 15.65 -23.14
C HIS V 65 3.92 16.24 -24.54
N GLY V 66 3.88 15.38 -25.55
CA GLY V 66 3.68 15.82 -26.91
C GLY V 66 4.69 15.19 -27.86
N VAL V 67 4.77 15.76 -29.06
CA VAL V 67 5.67 15.29 -30.11
C VAL V 67 6.81 16.29 -30.32
N ILE V 68 7.95 15.79 -30.78
CA ILE V 68 9.12 16.63 -31.03
C ILE V 68 10.06 15.92 -32.00
N GLU V 69 10.79 16.70 -32.81
CA GLU V 69 11.80 16.15 -33.69
C GLU V 69 13.22 16.52 -33.21
N SER V 70 14.11 15.55 -33.08
CA SER V 70 15.53 15.86 -32.88
C SER V 70 16.17 16.15 -34.24
N GLU V 71 17.17 17.03 -34.24
CA GLU V 71 17.87 17.41 -35.47
C GLU V 71 19.36 17.10 -35.32
N GLY V 72 20.00 16.86 -36.46
CA GLY V 72 21.01 15.80 -36.56
C GLY V 72 22.28 15.82 -35.73
N LYS V 73 23.35 15.34 -36.37
CA LYS V 73 24.72 15.14 -35.84
C LYS V 73 24.81 14.05 -34.78
N THR W 3 1.37 -7.38 -13.56
CA THR W 3 0.74 -7.78 -14.86
C THR W 3 -0.10 -6.62 -15.49
N ASN W 4 -0.14 -5.44 -14.83
CA ASN W 4 -0.86 -4.27 -15.37
C ASN W 4 -0.02 -3.17 -16.08
N SER W 5 1.11 -3.56 -16.67
CA SER W 5 1.98 -2.60 -17.36
C SER W 5 1.35 -2.14 -18.69
N ASP W 6 1.85 -1.04 -19.25
CA ASP W 6 1.41 -0.61 -20.56
C ASP W 6 1.82 -1.58 -21.65
N PHE W 7 1.21 -1.41 -22.82
CA PHE W 7 1.46 -2.28 -23.95
C PHE W 7 1.42 -1.46 -25.22
N VAL W 8 1.85 -2.10 -26.30
CA VAL W 8 1.93 -1.52 -27.63
C VAL W 8 1.27 -2.52 -28.59
N VAL W 9 0.61 -1.94 -29.59
CA VAL W 9 -0.03 -2.71 -30.63
C VAL W 9 0.78 -2.56 -31.91
N ILE W 10 1.14 -3.68 -32.55
CA ILE W 10 1.95 -3.64 -33.77
C ILE W 10 1.27 -4.44 -34.85
N LYS W 11 0.90 -3.76 -35.94
CA LYS W 11 0.40 -4.43 -37.13
C LYS W 11 1.43 -4.41 -38.26
N ALA W 12 1.84 -5.60 -38.72
CA ALA W 12 2.79 -5.69 -39.82
C ALA W 12 2.17 -5.27 -41.15
N LEU W 13 2.86 -4.41 -41.91
CA LEU W 13 2.41 -3.95 -43.23
C LEU W 13 3.16 -4.62 -44.38
N GLU W 14 4.04 -5.55 -44.04
CA GLU W 14 4.72 -6.38 -45.03
C GLU W 14 5.17 -7.64 -44.29
N ASP W 15 5.63 -8.62 -45.04
CA ASP W 15 6.15 -9.87 -44.48
C ASP W 15 7.50 -9.62 -43.78
N GLY W 16 7.77 -10.41 -42.75
CA GLY W 16 9.10 -10.42 -42.13
C GLY W 16 9.37 -9.22 -41.23
N VAL W 17 8.34 -8.60 -40.70
CA VAL W 17 8.53 -7.58 -39.68
C VAL W 17 9.04 -8.27 -38.40
N ASN W 18 10.00 -7.65 -37.70
CA ASN W 18 10.46 -8.15 -36.41
C ASN W 18 10.12 -7.19 -35.29
N VAL W 19 9.48 -7.72 -34.25
CA VAL W 19 9.21 -6.98 -33.02
C VAL W 19 10.11 -7.54 -31.96
N ILE W 20 11.14 -6.77 -31.57
CA ILE W 20 12.25 -7.30 -30.80
C ILE W 20 12.15 -6.83 -29.35
N GLY W 21 12.20 -7.76 -28.40
CA GLY W 21 12.24 -7.37 -26.99
C GLY W 21 13.68 -7.21 -26.55
N LEU W 22 14.03 -6.02 -26.06
CA LEU W 22 15.32 -5.77 -25.46
C LEU W 22 15.23 -6.03 -23.95
N THR W 23 16.26 -6.68 -23.40
CA THR W 23 16.28 -7.07 -21.98
C THR W 23 16.27 -5.88 -21.04
N ARG W 24 15.47 -6.00 -19.96
CA ARG W 24 15.52 -5.09 -18.82
C ARG W 24 16.86 -5.29 -18.15
N GLY W 25 17.42 -4.21 -17.58
CA GLY W 25 18.51 -4.39 -16.65
C GLY W 25 19.85 -3.83 -17.12
N ALA W 26 20.91 -4.32 -16.47
CA ALA W 26 22.30 -3.96 -16.77
C ALA W 26 22.65 -4.14 -18.26
N ASP W 27 22.22 -5.26 -18.82
CA ASP W 27 22.46 -5.61 -20.21
C ASP W 27 21.30 -5.23 -21.14
N THR W 28 21.64 -4.81 -22.36
CA THR W 28 20.62 -4.52 -23.35
C THR W 28 20.88 -5.37 -24.59
N ARG W 29 20.33 -6.58 -24.60
CA ARG W 29 20.46 -7.55 -25.70
C ARG W 29 19.08 -7.97 -26.16
N PHE W 30 19.00 -8.86 -27.14
CA PHE W 30 17.69 -9.33 -27.61
C PHE W 30 17.29 -10.52 -26.75
N HIS W 31 16.12 -10.51 -26.15
CA HIS W 31 15.71 -11.79 -25.58
C HIS W 31 14.70 -12.52 -26.45
N HIS W 32 14.02 -11.80 -27.33
CA HIS W 32 13.10 -12.46 -28.26
C HIS W 32 12.84 -11.55 -29.43
N SER W 33 12.81 -12.13 -30.61
CA SER W 33 12.36 -11.36 -31.74
C SER W 33 11.19 -12.09 -32.37
N GLU W 34 10.03 -11.43 -32.36
CA GLU W 34 8.83 -12.06 -32.86
C GLU W 34 8.65 -11.63 -34.31
N LYS W 35 8.65 -12.64 -35.20
CA LYS W 35 8.44 -12.44 -36.63
C LYS W 35 6.95 -12.29 -36.96
N LEU W 36 6.56 -11.21 -37.64
CA LEU W 36 5.17 -11.02 -38.05
C LEU W 36 5.10 -10.98 -39.57
N ASP W 37 4.12 -11.69 -40.13
CA ASP W 37 3.88 -11.57 -41.55
C ASP W 37 2.77 -10.53 -41.83
N LYS W 38 2.60 -10.19 -43.11
CA LYS W 38 1.76 -9.06 -43.46
C LYS W 38 0.34 -9.19 -42.89
N GLY W 39 -0.10 -8.15 -42.18
CA GLY W 39 -1.45 -8.17 -41.63
C GLY W 39 -1.60 -8.78 -40.24
N GLU W 40 -0.59 -9.51 -39.76
CA GLU W 40 -0.62 -10.05 -38.40
C GLU W 40 -0.49 -8.94 -37.36
N VAL W 41 -1.19 -9.10 -36.23
CA VAL W 41 -1.12 -8.13 -35.13
C VAL W 41 -0.56 -8.73 -33.86
N LEU W 42 0.38 -7.99 -33.26
CA LEU W 42 0.97 -8.34 -31.97
C LEU W 42 0.64 -7.24 -30.95
N ILE W 43 0.19 -7.67 -29.78
CA ILE W 43 -0.09 -6.77 -28.68
C ILE W 43 0.82 -7.20 -27.52
N ALA W 44 1.70 -6.29 -27.11
CA ALA W 44 2.84 -6.70 -26.28
C ALA W 44 3.13 -5.72 -25.16
N GLN W 45 3.17 -6.23 -23.93
CA GLN W 45 3.45 -5.42 -22.75
C GLN W 45 4.94 -5.18 -22.55
N PHE W 46 5.23 -4.15 -21.78
CA PHE W 46 6.51 -4.09 -21.04
C PHE W 46 6.38 -4.99 -19.81
N THR W 47 7.49 -5.66 -19.44
CA THR W 47 7.45 -6.71 -18.45
C THR W 47 8.70 -6.69 -17.58
N GLU W 48 8.78 -7.63 -16.66
CA GLU W 48 10.00 -7.92 -15.91
C GLU W 48 11.21 -8.08 -16.87
N HIS W 49 11.02 -8.76 -18.02
CA HIS W 49 12.14 -9.07 -18.92
C HIS W 49 12.33 -8.11 -20.08
N THR W 50 11.32 -7.29 -20.38
CA THR W 50 11.36 -6.39 -21.53
C THR W 50 11.10 -4.96 -21.09
N SER W 51 12.11 -4.10 -21.28
CA SER W 51 11.98 -2.68 -20.91
C SER W 51 12.03 -1.74 -22.13
N ALA W 52 12.22 -2.34 -23.31
CA ALA W 52 12.33 -1.58 -24.55
C ALA W 52 11.99 -2.53 -25.73
N ILE W 53 11.38 -1.97 -26.75
CA ILE W 53 10.94 -2.77 -27.89
C ILE W 53 11.44 -2.09 -29.16
N LYS W 54 12.12 -2.83 -30.02
CA LYS W 54 12.58 -2.26 -31.32
C LYS W 54 11.74 -2.91 -32.41
N VAL W 55 11.25 -2.13 -33.36
CA VAL W 55 10.48 -2.68 -34.48
C VAL W 55 11.25 -2.48 -35.78
N ARG W 56 11.52 -3.57 -36.49
CA ARG W 56 12.26 -3.49 -37.75
C ARG W 56 11.33 -3.92 -38.85
N GLY W 57 11.22 -3.13 -39.91
CA GLY W 57 10.34 -3.45 -41.04
C GLY W 57 9.12 -2.56 -41.01
N LYS W 58 8.31 -2.59 -42.08
CA LYS W 58 7.14 -1.70 -42.20
C LYS W 58 5.93 -2.19 -41.37
N ALA W 59 5.50 -1.34 -40.42
CA ALA W 59 4.49 -1.72 -39.45
C ALA W 59 3.76 -0.48 -38.96
N TYR W 60 2.51 -0.69 -38.53
CA TYR W 60 1.72 0.40 -37.98
C TYR W 60 1.61 0.12 -36.49
N ILE W 61 1.86 1.14 -35.67
CA ILE W 61 2.09 0.99 -34.23
C ILE W 61 1.18 1.95 -33.46
N GLN W 62 0.46 1.42 -32.48
CA GLN W 62 -0.34 2.26 -31.58
C GLN W 62 0.23 2.17 -30.18
N THR W 63 0.35 3.31 -29.52
CA THR W 63 0.68 3.31 -28.10
C THR W 63 -0.22 4.33 -27.42
N ARG W 64 -0.07 4.43 -26.11
CA ARG W 64 -0.70 5.47 -25.33
C ARG W 64 -0.38 6.87 -25.88
N HIS W 65 0.79 7.03 -26.51
CA HIS W 65 1.25 8.34 -27.00
C HIS W 65 0.81 8.71 -28.41
N GLY W 66 0.10 7.80 -29.06
CA GLY W 66 -0.38 8.06 -30.40
C GLY W 66 -0.04 6.92 -31.35
N VAL W 67 -0.14 7.21 -32.63
CA VAL W 67 0.13 6.22 -33.68
C VAL W 67 1.40 6.63 -34.43
N ILE W 68 2.08 5.63 -34.99
CA ILE W 68 3.28 5.88 -35.78
C ILE W 68 3.56 4.65 -36.66
N GLU W 69 4.19 4.87 -37.83
CA GLU W 69 4.59 3.77 -38.69
C GLU W 69 6.10 3.58 -38.75
N SER W 70 6.57 2.34 -38.56
CA SER W 70 7.97 2.04 -38.86
C SER W 70 8.10 1.85 -40.37
N GLU W 71 9.31 2.04 -40.88
CA GLU W 71 9.57 1.86 -42.29
C GLU W 71 10.77 0.93 -42.46
N GLY W 72 10.70 0.08 -43.48
CA GLY W 72 11.66 -1.01 -43.68
C GLY W 72 12.44 -0.88 -44.97
N THR X 3 -5.77 -9.41 -10.88
CA THR X 3 -6.95 -9.68 -11.77
C THR X 3 -7.55 -8.42 -12.47
N ASN X 4 -6.99 -7.22 -12.21
CA ASN X 4 -7.41 -5.98 -12.92
C ASN X 4 -6.49 -5.46 -14.05
N SER X 5 -5.86 -6.38 -14.76
CA SER X 5 -4.98 -6.00 -15.84
C SER X 5 -5.83 -5.59 -17.06
N ASP X 6 -5.18 -4.98 -18.06
CA ASP X 6 -5.89 -4.66 -19.29
C ASP X 6 -6.26 -5.91 -20.11
N PHE X 7 -7.21 -5.70 -21.02
CA PHE X 7 -7.73 -6.73 -21.86
C PHE X 7 -7.89 -6.20 -23.30
N VAL X 8 -7.92 -7.14 -24.23
CA VAL X 8 -8.16 -6.85 -25.64
C VAL X 8 -9.50 -7.51 -26.02
N VAL X 9 -10.23 -6.88 -26.94
CA VAL X 9 -11.42 -7.46 -27.56
C VAL X 9 -11.11 -7.88 -29.01
N ILE X 10 -11.38 -9.13 -29.37
CA ILE X 10 -11.11 -9.63 -30.74
C ILE X 10 -12.37 -10.24 -31.32
N LYS X 11 -12.77 -9.72 -32.49
CA LYS X 11 -13.89 -10.30 -33.24
C LYS X 11 -13.37 -10.93 -34.53
N ALA X 12 -13.52 -12.24 -34.68
CA ALA X 12 -13.15 -12.92 -35.94
C ALA X 12 -14.01 -12.44 -37.10
N LEU X 13 -13.36 -12.10 -38.21
CA LEU X 13 -14.04 -11.67 -39.42
C LEU X 13 -14.03 -12.78 -40.46
N GLU X 14 -13.49 -13.95 -40.10
CA GLU X 14 -13.52 -15.15 -40.95
C GLU X 14 -13.34 -16.37 -40.03
N ASP X 15 -13.51 -17.58 -40.56
CA ASP X 15 -13.27 -18.79 -39.79
C ASP X 15 -11.79 -19.01 -39.60
N GLY X 16 -11.42 -19.68 -38.51
CA GLY X 16 -10.03 -20.06 -38.28
C GLY X 16 -9.09 -18.96 -37.83
N VAL X 17 -9.64 -17.85 -37.34
CA VAL X 17 -8.82 -16.87 -36.62
C VAL X 17 -8.17 -17.51 -35.37
N ASN X 18 -6.86 -17.28 -35.22
CA ASN X 18 -6.06 -17.74 -34.09
C ASN X 18 -5.68 -16.60 -33.16
N VAL X 19 -6.09 -16.67 -31.90
CA VAL X 19 -5.61 -15.73 -30.91
C VAL X 19 -4.63 -16.44 -29.99
N ILE X 20 -3.37 -16.02 -30.06
CA ILE X 20 -2.29 -16.79 -29.45
C ILE X 20 -1.73 -16.04 -28.24
N GLY X 21 -1.68 -16.70 -27.08
CA GLY X 21 -1.09 -16.09 -25.90
C GLY X 21 0.37 -16.53 -25.85
N LEU X 22 1.30 -15.57 -25.82
CA LEU X 22 2.74 -15.85 -25.65
C LEU X 22 3.07 -15.79 -24.15
N THR X 23 3.91 -16.72 -23.70
CA THR X 23 4.24 -16.82 -22.29
C THR X 23 4.94 -15.58 -21.77
N ARG X 24 4.53 -15.15 -20.58
CA ARG X 24 5.31 -14.20 -19.80
C ARG X 24 6.60 -14.86 -19.37
N GLY X 25 7.68 -14.07 -19.29
CA GLY X 25 8.88 -14.53 -18.61
C GLY X 25 10.08 -14.58 -19.54
N ALA X 26 11.09 -15.35 -19.15
CA ALA X 26 12.35 -15.47 -19.89
C ALA X 26 12.17 -16.13 -21.27
N ASP X 27 11.21 -17.05 -21.35
CA ASP X 27 10.85 -17.71 -22.61
C ASP X 27 9.64 -17.11 -23.24
N THR X 28 9.63 -17.07 -24.57
CA THR X 28 8.51 -16.58 -25.32
C THR X 28 8.03 -17.63 -26.32
N ARG X 29 7.06 -18.42 -25.88
CA ARG X 29 6.55 -19.57 -26.62
C ARG X 29 5.04 -19.47 -26.55
N PHE X 30 4.34 -20.28 -27.35
CA PHE X 30 2.88 -20.42 -27.25
C PHE X 30 2.54 -21.03 -25.91
N HIS X 31 1.52 -20.53 -25.23
CA HIS X 31 0.95 -21.38 -24.20
C HIS X 31 -0.48 -21.75 -24.52
N HIS X 32 -1.17 -20.90 -25.28
CA HIS X 32 -2.50 -21.29 -25.76
C HIS X 32 -2.81 -20.63 -27.07
N SER X 33 -3.44 -21.38 -27.95
CA SER X 33 -3.94 -20.76 -29.16
C SER X 33 -5.46 -20.96 -29.19
N GLU X 34 -6.23 -19.88 -29.18
CA GLU X 34 -7.68 -20.02 -29.22
C GLU X 34 -8.16 -19.81 -30.66
N LYS X 35 -8.88 -20.80 -31.18
CA LYS X 35 -9.47 -20.70 -32.52
C LYS X 35 -10.88 -20.14 -32.47
N LEU X 36 -11.10 -19.10 -33.26
CA LEU X 36 -12.38 -18.40 -33.37
C LEU X 36 -12.99 -18.57 -34.77
N ASP X 37 -14.26 -18.90 -34.83
CA ASP X 37 -14.97 -18.89 -36.11
C ASP X 37 -15.61 -17.53 -36.38
N LYS X 38 -16.07 -17.36 -37.61
CA LYS X 38 -16.52 -16.06 -38.08
C LYS X 38 -17.56 -15.47 -37.12
N GLY X 39 -17.35 -14.25 -36.68
CA GLY X 39 -18.34 -13.61 -35.83
C GLY X 39 -18.15 -13.77 -34.32
N GLU X 40 -17.38 -14.77 -33.86
CA GLU X 40 -17.16 -14.97 -32.43
C GLU X 40 -16.29 -13.88 -31.85
N VAL X 41 -16.52 -13.58 -30.57
CA VAL X 41 -15.76 -12.54 -29.88
C VAL X 41 -15.04 -13.14 -28.67
N LEU X 42 -13.77 -12.84 -28.55
CA LEU X 42 -12.97 -13.23 -27.38
C LEU X 42 -12.53 -11.94 -26.69
N ILE X 43 -12.68 -11.87 -25.37
CA ILE X 43 -12.22 -10.73 -24.60
C ILE X 43 -11.18 -11.32 -23.62
N ALA X 44 -9.92 -10.92 -23.76
CA ALA X 44 -8.79 -11.61 -23.14
C ALA X 44 -7.89 -10.60 -22.39
N GLN X 45 -7.53 -10.90 -21.14
CA GLN X 45 -6.64 -10.04 -20.37
C GLN X 45 -5.18 -10.45 -20.57
N PHE X 46 -4.28 -9.52 -20.26
CA PHE X 46 -2.91 -9.90 -19.91
C PHE X 46 -2.92 -10.46 -18.51
N THR X 47 -2.04 -11.43 -18.25
CA THR X 47 -2.11 -12.19 -17.00
C THR X 47 -0.72 -12.59 -16.52
N GLU X 48 -0.70 -13.30 -15.39
CA GLU X 48 0.51 -13.97 -14.94
C GLU X 48 1.18 -14.80 -16.05
N HIS X 49 0.36 -15.46 -16.87
CA HIS X 49 0.92 -16.41 -17.87
C HIS X 49 1.09 -15.82 -19.25
N THR X 50 0.38 -14.71 -19.51
CA THR X 50 0.33 -14.13 -20.86
C THR X 50 0.75 -12.66 -20.85
N SER X 51 1.86 -12.32 -21.51
CA SER X 51 2.32 -10.91 -21.58
C SER X 51 2.36 -10.36 -22.99
N ALA X 52 2.02 -11.20 -23.96
CA ALA X 52 1.93 -10.78 -25.38
C ALA X 52 0.85 -11.63 -26.08
N ILE X 53 0.03 -10.98 -26.92
CA ILE X 53 -1.03 -11.65 -27.64
C ILE X 53 -0.79 -11.44 -29.14
N LYS X 54 -0.76 -12.54 -29.90
CA LYS X 54 -0.64 -12.44 -31.37
C LYS X 54 -1.94 -12.88 -32.02
N VAL X 55 -2.39 -12.15 -33.05
CA VAL X 55 -3.61 -12.52 -33.76
C VAL X 55 -3.28 -12.85 -35.20
N ARG X 56 -3.64 -14.07 -35.62
CA ARG X 56 -3.50 -14.51 -36.99
C ARG X 56 -4.86 -14.66 -37.67
N GLY X 57 -4.95 -14.20 -38.92
CA GLY X 57 -6.21 -14.22 -39.65
C GLY X 57 -6.93 -12.89 -39.49
N LYS X 58 -7.99 -12.72 -40.27
CA LYS X 58 -8.79 -11.49 -40.33
C LYS X 58 -9.70 -11.30 -39.08
N ALA X 59 -9.46 -10.22 -38.34
CA ALA X 59 -10.14 -9.91 -37.09
C ALA X 59 -10.20 -8.42 -36.84
N TYR X 60 -11.26 -7.97 -36.14
CA TYR X 60 -11.40 -6.61 -35.69
C TYR X 60 -11.04 -6.56 -34.19
N ILE X 61 -10.17 -5.62 -33.84
CA ILE X 61 -9.53 -5.60 -32.53
C ILE X 61 -9.72 -4.24 -31.85
N GLN X 62 -10.16 -4.29 -30.58
CA GLN X 62 -10.29 -3.09 -29.76
C GLN X 62 -9.37 -3.18 -28.54
N THR X 63 -8.61 -2.12 -28.30
CA THR X 63 -7.82 -2.03 -27.09
C THR X 63 -7.94 -0.62 -26.54
N ARG X 64 -7.28 -0.39 -25.41
CA ARG X 64 -7.24 0.95 -24.80
C ARG X 64 -6.69 1.99 -25.81
N HIS X 65 -5.82 1.55 -26.74
CA HIS X 65 -5.13 2.47 -27.66
C HIS X 65 -5.86 2.73 -28.97
N GLY X 66 -7.03 2.12 -29.14
CA GLY X 66 -7.81 2.33 -30.34
C GLY X 66 -8.22 1.02 -31.00
N VAL X 67 -8.69 1.14 -32.23
CA VAL X 67 -9.15 -0.04 -32.97
C VAL X 67 -8.19 -0.34 -34.15
N ILE X 68 -8.22 -1.60 -34.59
CA ILE X 68 -7.32 -2.07 -35.64
C ILE X 68 -7.85 -3.41 -36.17
N GLU X 69 -7.54 -3.73 -37.41
CA GLU X 69 -7.92 -5.00 -38.01
C GLU X 69 -6.65 -5.79 -38.39
N SER X 70 -6.58 -7.06 -38.02
CA SER X 70 -5.53 -7.93 -38.55
C SER X 70 -6.02 -8.46 -39.88
N GLU X 71 -5.10 -8.88 -40.74
CA GLU X 71 -5.48 -9.45 -42.01
C GLU X 71 -4.74 -10.78 -42.21
N GLY X 72 -5.45 -11.77 -42.75
CA GLY X 72 -4.90 -13.11 -42.91
C GLY X 72 -4.40 -13.34 -44.33
N THR Y 3 -12.13 -7.65 -5.95
CA THR Y 3 -13.54 -7.46 -6.41
C THR Y 3 -13.86 -6.13 -7.19
N ASN Y 4 -12.84 -5.27 -7.44
CA ASN Y 4 -12.96 -4.11 -8.40
C ASN Y 4 -12.35 -4.29 -9.81
N SER Y 5 -12.37 -5.52 -10.35
CA SER Y 5 -11.86 -5.76 -11.69
C SER Y 5 -12.81 -5.19 -12.76
N ASP Y 6 -12.36 -5.10 -13.99
CA ASP Y 6 -13.30 -4.71 -15.04
C ASP Y 6 -14.38 -5.77 -15.34
N PHE Y 7 -15.42 -5.34 -16.05
CA PHE Y 7 -16.55 -6.19 -16.40
C PHE Y 7 -16.96 -5.90 -17.85
N VAL Y 8 -17.69 -6.85 -18.44
CA VAL Y 8 -18.26 -6.72 -19.76
C VAL Y 8 -19.78 -6.86 -19.58
N VAL Y 9 -20.52 -6.18 -20.44
CA VAL Y 9 -21.99 -6.26 -20.51
C VAL Y 9 -22.33 -7.01 -21.81
N ILE Y 10 -23.14 -8.06 -21.73
CA ILE Y 10 -23.53 -8.86 -22.91
C ILE Y 10 -25.06 -8.97 -22.95
N LYS Y 11 -25.65 -8.53 -24.06
CA LYS Y 11 -27.07 -8.67 -24.28
C LYS Y 11 -27.25 -9.67 -25.41
N ALA Y 12 -27.92 -10.81 -25.14
CA ALA Y 12 -28.18 -11.79 -26.19
C ALA Y 12 -29.17 -11.23 -27.21
N LEU Y 13 -28.83 -11.32 -28.49
CA LEU Y 13 -29.74 -10.93 -29.56
C LEU Y 13 -30.56 -12.12 -30.11
N GLU Y 14 -30.35 -13.30 -29.55
CA GLU Y 14 -31.11 -14.49 -29.96
C GLU Y 14 -31.02 -15.51 -28.84
N ASP Y 15 -31.87 -16.54 -28.87
CA ASP Y 15 -31.84 -17.61 -27.88
C ASP Y 15 -30.54 -18.41 -28.03
N GLY Y 16 -30.02 -18.89 -26.92
CA GLY Y 16 -28.91 -19.83 -26.99
C GLY Y 16 -27.52 -19.22 -27.08
N VAL Y 17 -27.41 -17.91 -26.85
CA VAL Y 17 -26.09 -17.28 -26.67
C VAL Y 17 -25.33 -17.94 -25.53
N ASN Y 18 -24.05 -18.21 -25.75
CA ASN Y 18 -23.17 -18.79 -24.75
C ASN Y 18 -22.08 -17.79 -24.37
N VAL Y 19 -22.02 -17.46 -23.08
CA VAL Y 19 -20.96 -16.59 -22.58
C VAL Y 19 -20.03 -17.50 -21.77
N ILE Y 20 -18.81 -17.66 -22.25
CA ILE Y 20 -17.96 -18.73 -21.75
C ILE Y 20 -16.79 -18.13 -21.00
N GLY Y 21 -16.64 -18.48 -19.72
CA GLY Y 21 -15.46 -18.06 -18.97
C GLY Y 21 -14.34 -19.06 -19.19
N LEU Y 22 -13.20 -18.56 -19.68
CA LEU Y 22 -12.00 -19.37 -19.81
C LEU Y 22 -11.14 -19.29 -18.54
N THR Y 23 -10.55 -20.42 -18.13
CA THR Y 23 -9.80 -20.45 -16.89
C THR Y 23 -8.59 -19.51 -16.90
N ARG Y 24 -8.44 -18.76 -15.80
CA ARG Y 24 -7.13 -18.16 -15.45
C ARG Y 24 -6.07 -19.24 -15.25
N GLY Y 25 -4.84 -18.96 -15.67
CA GLY Y 25 -3.72 -19.78 -15.20
C GLY Y 25 -2.98 -20.46 -16.34
N ALA Y 26 -2.17 -21.46 -16.00
CA ALA Y 26 -1.37 -22.20 -17.01
C ALA Y 26 -2.23 -22.87 -18.08
N ASP Y 27 -3.45 -23.23 -17.70
CA ASP Y 27 -4.35 -24.01 -18.52
C ASP Y 27 -5.45 -23.09 -18.99
N THR Y 28 -5.87 -23.26 -20.24
CA THR Y 28 -7.00 -22.48 -20.75
C THR Y 28 -8.10 -23.40 -21.21
N ARG Y 29 -9.06 -23.65 -20.31
CA ARG Y 29 -10.21 -24.54 -20.56
C ARG Y 29 -11.49 -23.80 -20.16
N PHE Y 30 -12.65 -24.42 -20.34
CA PHE Y 30 -13.91 -23.78 -19.95
C PHE Y 30 -14.13 -24.01 -18.45
N HIS Y 31 -14.45 -22.98 -17.69
CA HIS Y 31 -14.89 -23.29 -16.33
C HIS Y 31 -16.38 -23.06 -16.21
N HIS Y 32 -16.95 -22.18 -17.03
CA HIS Y 32 -18.40 -22.05 -17.02
C HIS Y 32 -18.92 -21.50 -18.33
N SER Y 33 -20.08 -21.99 -18.69
CA SER Y 33 -20.73 -21.52 -19.87
C SER Y 33 -22.14 -21.07 -19.46
N GLU Y 34 -22.39 -19.76 -19.52
CA GLU Y 34 -23.72 -19.24 -19.18
C GLU Y 34 -24.53 -19.14 -20.45
N LYS Y 35 -25.72 -19.75 -20.41
CA LYS Y 35 -26.66 -19.72 -21.54
C LYS Y 35 -27.66 -18.60 -21.37
N LEU Y 36 -27.80 -17.77 -22.40
CA LEU Y 36 -28.71 -16.62 -22.34
C LEU Y 36 -29.82 -16.71 -23.39
N ASP Y 37 -31.03 -16.40 -22.98
CA ASP Y 37 -32.19 -16.28 -23.87
C ASP Y 37 -32.19 -14.89 -24.51
N LYS Y 38 -32.87 -14.74 -25.64
CA LYS Y 38 -32.92 -13.47 -26.34
C LYS Y 38 -33.39 -12.34 -25.40
N GLY Y 39 -32.67 -11.22 -25.42
CA GLY Y 39 -33.00 -10.09 -24.57
C GLY Y 39 -32.37 -10.11 -23.18
N GLU Y 40 -31.89 -11.27 -22.72
CA GLU Y 40 -31.27 -11.30 -21.38
C GLU Y 40 -29.94 -10.57 -21.40
N VAL Y 41 -29.60 -9.93 -20.28
CA VAL Y 41 -28.32 -9.21 -20.14
C VAL Y 41 -27.51 -9.83 -19.02
N LEU Y 42 -26.25 -10.12 -19.32
CA LEU Y 42 -25.28 -10.61 -18.32
C LEU Y 42 -24.16 -9.55 -18.16
N ILE Y 43 -23.90 -9.14 -16.93
CA ILE Y 43 -22.78 -8.24 -16.66
C ILE Y 43 -21.73 -9.07 -15.90
N ALA Y 44 -20.54 -9.28 -16.50
CA ALA Y 44 -19.60 -10.26 -15.91
C ALA Y 44 -18.17 -9.70 -15.76
N GLN Y 45 -17.59 -9.89 -14.58
CA GLN Y 45 -16.24 -9.43 -14.27
C GLN Y 45 -15.20 -10.43 -14.71
N PHE Y 46 -13.99 -9.95 -14.91
CA PHE Y 46 -12.83 -10.83 -14.85
C PHE Y 46 -12.56 -11.07 -13.40
N THR Y 47 -12.08 -12.28 -13.06
CA THR Y 47 -12.01 -12.69 -11.68
C THR Y 47 -10.75 -13.55 -11.46
N GLU Y 48 -10.60 -14.01 -10.21
CA GLU Y 48 -9.64 -15.03 -9.88
C GLU Y 48 -9.69 -16.23 -10.83
N HIS Y 49 -10.91 -16.65 -11.22
CA HIS Y 49 -11.09 -17.87 -12.01
C HIS Y 49 -11.23 -17.67 -13.51
N THR Y 50 -11.54 -16.45 -13.92
CA THR Y 50 -11.82 -16.13 -15.33
C THR Y 50 -10.93 -14.99 -15.81
N SER Y 51 -10.05 -15.26 -16.78
CA SER Y 51 -9.16 -14.23 -17.33
C SER Y 51 -9.42 -14.01 -18.84
N ALA Y 52 -10.38 -14.75 -19.42
CA ALA Y 52 -10.81 -14.49 -20.80
C ALA Y 52 -12.28 -14.97 -20.95
N ILE Y 53 -13.02 -14.27 -21.81
CA ILE Y 53 -14.44 -14.51 -22.01
C ILE Y 53 -14.66 -14.69 -23.52
N LYS Y 54 -15.26 -15.82 -23.90
CA LYS Y 54 -15.65 -16.07 -25.30
C LYS Y 54 -17.17 -15.99 -25.41
N VAL Y 55 -17.67 -15.27 -26.43
CA VAL Y 55 -19.09 -15.14 -26.69
C VAL Y 55 -19.44 -15.85 -27.98
N ARG Y 56 -20.36 -16.82 -27.88
CA ARG Y 56 -20.82 -17.60 -29.02
C ARG Y 56 -22.29 -17.24 -29.28
N GLY Y 57 -22.67 -17.03 -30.53
CA GLY Y 57 -24.01 -16.54 -30.83
C GLY Y 57 -24.08 -15.02 -30.94
N LYS Y 58 -25.26 -14.53 -31.31
CA LYS Y 58 -25.46 -13.13 -31.67
C LYS Y 58 -25.77 -12.33 -30.42
N ALA Y 59 -24.90 -11.39 -30.08
CA ALA Y 59 -25.00 -10.61 -28.84
C ALA Y 59 -24.42 -9.21 -29.05
N TYR Y 60 -24.91 -8.26 -28.28
CA TYR Y 60 -24.39 -6.92 -28.32
C TYR Y 60 -23.57 -6.76 -27.06
N ILE Y 61 -22.36 -6.22 -27.18
CA ILE Y 61 -21.37 -6.26 -26.09
C ILE Y 61 -20.85 -4.85 -25.81
N GLN Y 62 -20.84 -4.46 -24.54
CA GLN Y 62 -20.21 -3.22 -24.13
C GLN Y 62 -19.04 -3.55 -23.22
N THR Y 63 -17.90 -2.90 -23.49
CA THR Y 63 -16.76 -2.87 -22.57
C THR Y 63 -16.21 -1.45 -22.45
N ARG Y 64 -15.20 -1.30 -21.60
CA ARG Y 64 -14.41 -0.09 -21.47
C ARG Y 64 -13.91 0.42 -22.85
N HIS Y 65 -13.66 -0.49 -23.79
CA HIS Y 65 -13.03 -0.14 -25.07
C HIS Y 65 -14.02 0.20 -26.18
N GLY Y 66 -15.31 0.11 -25.88
CA GLY Y 66 -16.31 0.39 -26.89
C GLY Y 66 -17.40 -0.67 -26.98
N VAL Y 67 -18.17 -0.64 -28.05
CA VAL Y 67 -19.26 -1.58 -28.27
C VAL Y 67 -18.91 -2.47 -29.45
N ILE Y 68 -19.49 -3.66 -29.48
CA ILE Y 68 -19.25 -4.61 -30.55
C ILE Y 68 -20.37 -5.66 -30.54
N GLU Y 69 -20.65 -6.24 -31.71
CA GLU Y 69 -21.61 -7.33 -31.79
C GLU Y 69 -20.91 -8.61 -32.20
N SER Y 70 -21.15 -9.68 -31.44
CA SER Y 70 -20.77 -11.02 -31.90
C SER Y 70 -21.80 -11.50 -32.88
N GLU Y 71 -21.38 -12.35 -33.82
CA GLU Y 71 -22.30 -12.95 -34.79
C GLU Y 71 -22.15 -14.49 -34.74
N GLY Y 72 -23.26 -15.19 -34.93
CA GLY Y 72 -23.34 -16.52 -34.33
C GLY Y 72 -23.10 -17.70 -35.22
N LYS Y 73 -22.47 -18.71 -34.63
CA LYS Y 73 -22.79 -20.09 -35.00
C LYS Y 73 -23.43 -20.83 -33.83
N THR Z 3 -15.24 -2.44 -0.23
CA THR Z 3 -16.58 -1.73 -0.35
C THR Z 3 -16.68 -0.61 -1.43
N ASN Z 4 -15.60 -0.37 -2.21
CA ASN Z 4 -15.66 0.54 -3.38
C ASN Z 4 -15.58 -0.09 -4.79
N SER Z 5 -16.23 -1.24 -4.96
CA SER Z 5 -16.33 -1.86 -6.27
C SER Z 5 -17.33 -1.14 -7.15
N ASP Z 6 -17.33 -1.45 -8.45
CA ASP Z 6 -18.32 -0.95 -9.39
C ASP Z 6 -19.74 -1.46 -9.02
N PHE Z 7 -20.75 -0.74 -9.53
CA PHE Z 7 -22.15 -1.12 -9.38
C PHE Z 7 -22.93 -0.83 -10.66
N VAL Z 8 -24.10 -1.47 -10.75
CA VAL Z 8 -25.02 -1.33 -11.85
C VAL Z 8 -26.34 -0.78 -11.31
N VAL Z 9 -27.04 0.00 -12.14
CA VAL Z 9 -28.36 0.50 -11.80
C VAL Z 9 -29.36 -0.20 -12.70
N ILE Z 10 -30.42 -0.80 -12.13
CA ILE Z 10 -31.46 -1.49 -12.88
C ILE Z 10 -32.85 -0.96 -12.48
N LYS Z 11 -33.61 -0.58 -13.49
CA LYS Z 11 -34.98 -0.14 -13.31
C LYS Z 11 -35.84 -1.11 -14.08
N ALA Z 12 -36.71 -1.81 -13.36
CA ALA Z 12 -37.68 -2.72 -13.98
C ALA Z 12 -38.62 -1.94 -14.87
N LEU Z 13 -38.85 -2.40 -16.10
CA LEU Z 13 -39.86 -1.80 -16.96
C LEU Z 13 -41.19 -2.61 -16.99
N GLU Z 14 -41.25 -3.67 -16.19
CA GLU Z 14 -42.43 -4.53 -16.11
C GLU Z 14 -42.35 -5.26 -14.79
N ASP Z 15 -43.45 -5.90 -14.37
CA ASP Z 15 -43.46 -6.64 -13.11
C ASP Z 15 -42.64 -7.93 -13.28
N GLY Z 16 -42.12 -8.47 -12.18
CA GLY Z 16 -41.43 -9.73 -12.21
C GLY Z 16 -40.05 -9.73 -12.86
N VAL Z 17 -39.42 -8.56 -12.97
CA VAL Z 17 -38.01 -8.54 -13.36
C VAL Z 17 -37.15 -9.23 -12.28
N ASN Z 18 -36.19 -10.02 -12.74
CA ASN Z 18 -35.30 -10.81 -11.92
C ASN Z 18 -33.87 -10.33 -12.10
N VAL Z 19 -33.25 -9.82 -11.02
CA VAL Z 19 -31.83 -9.49 -11.02
C VAL Z 19 -31.11 -10.57 -10.21
N ILE Z 20 -30.28 -11.35 -10.91
CA ILE Z 20 -29.70 -12.54 -10.30
C ILE Z 20 -28.20 -12.29 -10.01
N GLY Z 21 -27.77 -12.50 -8.77
CA GLY Z 21 -26.33 -12.48 -8.47
C GLY Z 21 -25.80 -13.89 -8.67
N LEU Z 22 -24.81 -14.04 -9.55
CA LEU Z 22 -24.11 -15.32 -9.71
C LEU Z 22 -22.88 -15.36 -8.78
N THR Z 23 -22.60 -16.53 -8.22
CA THR Z 23 -21.53 -16.64 -7.26
C THR Z 23 -20.14 -16.38 -7.86
N ARG Z 24 -19.35 -15.59 -7.14
CA ARG Z 24 -17.88 -15.57 -7.32
C ARG Z 24 -17.26 -16.94 -7.02
N GLY Z 25 -16.22 -17.30 -7.78
CA GLY Z 25 -15.43 -18.47 -7.40
C GLY Z 25 -15.42 -19.56 -8.44
N ALA Z 26 -15.01 -20.75 -8.04
CA ALA Z 26 -14.96 -21.91 -8.96
C ALA Z 26 -16.35 -22.30 -9.45
N ASP Z 27 -17.35 -22.11 -8.59
CA ASP Z 27 -18.72 -22.44 -8.89
C ASP Z 27 -19.48 -21.22 -9.38
N THR Z 28 -20.33 -21.43 -10.39
CA THR Z 28 -21.19 -20.39 -10.88
C THR Z 28 -22.67 -20.78 -10.75
N ARG Z 29 -23.26 -20.44 -9.62
CA ARG Z 29 -24.65 -20.76 -9.30
C ARG Z 29 -25.31 -19.47 -8.87
N PHE Z 30 -26.63 -19.50 -8.60
CA PHE Z 30 -27.35 -18.32 -8.12
C PHE Z 30 -27.09 -18.21 -6.66
N HIS Z 31 -26.73 -17.03 -6.16
CA HIS Z 31 -26.77 -16.94 -4.71
C HIS Z 31 -27.93 -16.05 -4.26
N HIS Z 32 -28.41 -15.21 -5.17
CA HIS Z 32 -29.62 -14.46 -4.85
C HIS Z 32 -30.34 -13.98 -6.09
N SER Z 33 -31.65 -13.99 -6.03
CA SER Z 33 -32.48 -13.47 -7.08
C SER Z 33 -33.39 -12.38 -6.48
N GLU Z 34 -33.20 -11.12 -6.88
CA GLU Z 34 -34.08 -10.06 -6.44
C GLU Z 34 -35.19 -9.82 -7.47
N LYS Z 35 -36.43 -9.94 -7.02
CA LYS Z 35 -37.59 -9.68 -7.88
C LYS Z 35 -38.02 -8.22 -7.75
N LEU Z 36 -38.09 -7.54 -8.89
CA LEU Z 36 -38.45 -6.11 -8.95
C LEU Z 36 -39.76 -5.94 -9.68
N ASP Z 37 -40.65 -5.11 -9.12
CA ASP Z 37 -41.89 -4.74 -9.78
C ASP Z 37 -41.67 -3.52 -10.66
N LYS Z 38 -42.62 -3.27 -11.56
CA LYS Z 38 -42.48 -2.20 -12.56
C LYS Z 38 -42.12 -0.83 -11.90
N GLY Z 39 -41.06 -0.20 -12.37
CA GLY Z 39 -40.70 1.11 -11.84
C GLY Z 39 -39.69 1.07 -10.71
N GLU Z 40 -39.51 -0.08 -10.05
CA GLU Z 40 -38.54 -0.18 -8.97
C GLU Z 40 -37.11 -0.10 -9.48
N VAL Z 41 -36.24 0.51 -8.67
CA VAL Z 41 -34.81 0.64 -9.01
C VAL Z 41 -33.95 -0.12 -7.99
N LEU Z 42 -33.02 -0.89 -8.50
CA LEU Z 42 -32.02 -1.57 -7.70
C LEU Z 42 -30.64 -1.09 -8.15
N ILE Z 43 -29.82 -0.70 -7.17
CA ILE Z 43 -28.46 -0.26 -7.44
C ILE Z 43 -27.59 -1.27 -6.70
N ALA Z 44 -26.78 -2.02 -7.43
CA ALA Z 44 -26.16 -3.22 -6.87
C ALA Z 44 -24.67 -3.30 -7.23
N GLN Z 45 -23.81 -3.54 -6.25
CA GLN Z 45 -22.36 -3.68 -6.45
C GLN Z 45 -21.98 -5.11 -6.89
N PHE Z 46 -20.79 -5.21 -7.45
CA PHE Z 46 -20.03 -6.45 -7.45
C PHE Z 46 -19.37 -6.57 -6.09
N THR Z 47 -19.28 -7.79 -5.56
CA THR Z 47 -18.87 -7.99 -4.18
C THR Z 47 -18.04 -9.25 -4.03
N GLU Z 48 -17.69 -9.54 -2.78
CA GLU Z 48 -17.04 -10.78 -2.41
C GLU Z 48 -17.83 -11.99 -2.94
N HIS Z 49 -19.16 -11.93 -2.86
CA HIS Z 49 -20.05 -13.07 -3.19
C HIS Z 49 -20.60 -13.08 -4.63
N THR Z 50 -20.54 -11.93 -5.30
CA THR Z 50 -21.13 -11.77 -6.62
C THR Z 50 -20.15 -11.23 -7.61
N SER Z 51 -19.83 -12.01 -8.64
CA SER Z 51 -18.86 -11.59 -9.65
C SER Z 51 -19.52 -11.45 -11.04
N ALA Z 52 -20.82 -11.71 -11.09
CA ALA Z 52 -21.56 -11.58 -12.36
C ALA Z 52 -23.04 -11.37 -12.04
N ILE Z 53 -23.73 -10.58 -12.85
CA ILE Z 53 -25.14 -10.26 -12.63
C ILE Z 53 -25.94 -10.55 -13.87
N LYS Z 54 -27.01 -11.36 -13.77
CA LYS Z 54 -27.88 -11.63 -14.93
C LYS Z 54 -29.23 -10.94 -14.73
N VAL Z 55 -29.75 -10.29 -15.78
CA VAL Z 55 -31.06 -9.63 -15.69
C VAL Z 55 -32.06 -10.30 -16.61
N ARG Z 56 -33.17 -10.75 -16.04
CA ARG Z 56 -34.25 -11.36 -16.80
C ARG Z 56 -35.49 -10.50 -16.74
N GLY Z 57 -36.11 -10.31 -17.87
CA GLY Z 57 -37.27 -9.44 -17.95
C GLY Z 57 -36.86 -8.08 -18.49
N LYS Z 58 -37.86 -7.26 -18.78
CA LYS Z 58 -37.66 -5.96 -19.39
C LYS Z 58 -37.19 -4.92 -18.36
N ALA Z 59 -35.98 -4.39 -18.57
CA ALA Z 59 -35.35 -3.47 -17.61
C ALA Z 59 -34.44 -2.49 -18.32
N TYR Z 60 -34.25 -1.33 -17.71
CA TYR Z 60 -33.30 -0.38 -18.26
C TYR Z 60 -32.08 -0.33 -17.34
N ILE Z 61 -30.89 -0.44 -17.92
CA ILE Z 61 -29.72 -0.71 -17.09
C ILE Z 61 -28.65 0.35 -17.35
N GLN Z 62 -28.07 0.91 -16.29
CA GLN Z 62 -26.92 1.83 -16.48
C GLN Z 62 -25.67 1.23 -15.86
N THR Z 63 -24.55 1.26 -16.59
CA THR Z 63 -23.25 0.92 -16.01
C THR Z 63 -22.24 1.95 -16.38
N ARG Z 64 -21.01 1.76 -15.89
CA ARG Z 64 -19.84 2.52 -16.34
C ARG Z 64 -19.73 2.54 -17.87
N HIS Z 65 -20.18 1.48 -18.55
CA HIS Z 65 -19.93 1.39 -20.01
C HIS Z 65 -21.07 1.89 -20.87
N GLY Z 66 -22.11 2.44 -20.25
CA GLY Z 66 -23.21 2.96 -21.03
C GLY Z 66 -24.55 2.45 -20.55
N VAL Z 67 -25.54 2.62 -21.41
CA VAL Z 67 -26.93 2.23 -21.11
C VAL Z 67 -27.36 1.10 -22.05
N ILE Z 68 -28.25 0.25 -21.53
CA ILE Z 68 -28.77 -0.91 -22.24
C ILE Z 68 -30.14 -1.35 -21.67
N GLU Z 69 -30.99 -1.91 -22.51
CA GLU Z 69 -32.23 -2.50 -22.00
C GLU Z 69 -32.21 -4.03 -22.20
N SER Z 70 -32.54 -4.78 -21.16
CA SER Z 70 -32.84 -6.19 -21.34
C SER Z 70 -34.29 -6.29 -21.84
N GLU Z 71 -34.62 -7.38 -22.51
CA GLU Z 71 -35.98 -7.63 -22.92
C GLU Z 71 -36.40 -9.03 -22.46
N GLY Z 72 -37.66 -9.16 -22.07
CA GLY Z 72 -38.20 -10.46 -21.67
C GLY Z 72 -39.31 -10.91 -22.61
N THR AA 3 -14.62 4.36 4.30
CA THR AA 3 -15.36 5.67 4.26
C THR AA 3 -15.31 6.43 2.90
N ASN AA 4 -14.51 5.97 1.93
CA ASN AA 4 -14.47 6.63 0.59
C ASN AA 4 -15.23 5.91 -0.57
N SER AA 5 -16.23 5.11 -0.19
CA SER AA 5 -17.03 4.39 -1.16
C SER AA 5 -17.95 5.31 -1.90
N ASP AA 6 -18.44 4.85 -3.05
CA ASP AA 6 -19.43 5.65 -3.75
C ASP AA 6 -20.76 5.79 -3.02
N PHE AA 7 -21.56 6.71 -3.49
CA PHE AA 7 -22.85 6.97 -2.88
C PHE AA 7 -23.90 7.25 -3.95
N VAL AA 8 -25.16 7.19 -3.55
CA VAL AA 8 -26.27 7.57 -4.40
C VAL AA 8 -27.03 8.75 -3.76
N VAL AA 9 -27.63 9.58 -4.59
CA VAL AA 9 -28.50 10.65 -4.09
C VAL AA 9 -29.94 10.31 -4.46
N ILE AA 10 -30.85 10.35 -3.47
CA ILE AA 10 -32.28 10.09 -3.67
C ILE AA 10 -33.16 11.24 -3.17
N LYS AA 11 -33.94 11.81 -4.09
CA LYS AA 11 -34.98 12.75 -3.75
C LYS AA 11 -36.35 12.07 -3.85
N ALA AA 12 -37.10 12.03 -2.74
CA ALA AA 12 -38.46 11.52 -2.81
C ALA AA 12 -39.35 12.46 -3.58
N LEU AA 13 -40.11 11.92 -4.53
CA LEU AA 13 -41.10 12.71 -5.28
C LEU AA 13 -42.52 12.51 -4.77
N GLU AA 14 -42.67 11.72 -3.70
CA GLU AA 14 -43.94 11.49 -3.02
C GLU AA 14 -43.64 10.99 -1.62
N ASP AA 15 -44.66 10.97 -0.77
CA ASP AA 15 -44.51 10.45 0.59
C ASP AA 15 -44.42 8.93 0.57
N GLY AA 16 -43.69 8.38 1.53
CA GLY AA 16 -43.63 6.95 1.68
C GLY AA 16 -42.62 6.28 0.78
N VAL AA 17 -41.71 7.06 0.18
CA VAL AA 17 -40.59 6.48 -0.52
C VAL AA 17 -39.75 5.67 0.46
N ASN AA 18 -39.33 4.50 -0.01
CA ASN AA 18 -38.56 3.56 0.76
C ASN AA 18 -37.18 3.40 0.15
N VAL AA 19 -36.13 3.72 0.89
CA VAL AA 19 -34.77 3.41 0.42
C VAL AA 19 -34.22 2.26 1.26
N ILE AA 20 -34.07 1.11 0.63
CA ILE AA 20 -33.78 -0.11 1.35
C ILE AA 20 -32.32 -0.52 1.12
N GLY AA 21 -31.58 -0.73 2.20
CA GLY AA 21 -30.22 -1.24 2.08
C GLY AA 21 -30.24 -2.74 2.22
N LEU AA 22 -29.80 -3.45 1.20
CA LEU AA 22 -29.69 -4.91 1.26
C LEU AA 22 -28.34 -5.31 1.84
N THR AA 23 -28.31 -6.37 2.67
CA THR AA 23 -27.08 -6.79 3.34
C THR AA 23 -25.98 -7.23 2.40
N ARG AA 24 -24.77 -6.76 2.68
CA ARG AA 24 -23.58 -7.33 2.08
C ARG AA 24 -23.41 -8.75 2.64
N GLY AA 25 -23.01 -9.68 1.78
CA GLY AA 25 -22.53 -10.96 2.28
C GLY AA 25 -23.21 -12.13 1.59
N ALA AA 26 -23.10 -13.31 2.20
CA ALA AA 26 -23.80 -14.49 1.65
C ALA AA 26 -25.33 -14.33 1.65
N ASP AA 27 -25.84 -13.65 2.67
CA ASP AA 27 -27.25 -13.35 2.80
C ASP AA 27 -27.64 -12.05 2.11
N THR AA 28 -28.79 -12.05 1.47
CA THR AA 28 -29.36 -10.82 0.97
C THR AA 28 -30.74 -10.54 1.56
N ARG AA 29 -30.74 -9.84 2.67
CA ARG AA 29 -31.97 -9.44 3.35
C ARG AA 29 -31.96 -7.93 3.56
N PHE AA 30 -32.99 -7.40 4.23
CA PHE AA 30 -33.06 -5.97 4.46
C PHE AA 30 -32.19 -5.65 5.68
N HIS AA 31 -31.24 -4.75 5.53
CA HIS AA 31 -30.42 -4.28 6.62
C HIS AA 31 -31.16 -3.10 7.28
N HIS AA 32 -31.73 -2.25 6.44
CA HIS AA 32 -32.41 -1.06 6.94
C HIS AA 32 -33.27 -0.46 5.84
N SER AA 33 -34.41 0.05 6.24
CA SER AA 33 -35.33 0.65 5.32
C SER AA 33 -35.54 2.07 5.78
N GLU AA 34 -35.09 3.04 4.98
CA GLU AA 34 -35.28 4.46 5.32
C GLU AA 34 -36.50 5.00 4.60
N LYS AA 35 -37.40 5.60 5.34
CA LYS AA 35 -38.64 6.12 4.79
C LYS AA 35 -38.48 7.62 4.59
N LEU AA 36 -38.74 8.09 3.36
CA LEU AA 36 -38.67 9.51 3.03
C LEU AA 36 -40.04 10.10 2.70
N ASP AA 37 -40.27 11.32 3.15
CA ASP AA 37 -41.41 12.11 2.74
C ASP AA 37 -41.10 12.97 1.51
N LYS AA 38 -42.14 13.49 0.85
CA LYS AA 38 -41.96 14.14 -0.45
C LYS AA 38 -40.98 15.32 -0.34
N GLY AA 39 -39.98 15.36 -1.21
CA GLY AA 39 -39.03 16.46 -1.21
C GLY AA 39 -37.78 16.26 -0.34
N GLU AA 40 -37.79 15.28 0.58
CA GLU AA 40 -36.58 14.96 1.36
C GLU AA 40 -35.50 14.32 0.47
N VAL AA 41 -34.24 14.59 0.77
CA VAL AA 41 -33.11 14.05 0.00
C VAL AA 41 -32.26 13.15 0.92
N LEU AA 42 -31.93 11.96 0.45
CA LEU AA 42 -31.05 11.07 1.18
C LEU AA 42 -29.80 10.87 0.31
N ILE AA 43 -28.61 11.04 0.90
CA ILE AA 43 -27.35 10.78 0.20
C ILE AA 43 -26.71 9.63 0.99
N ALA AA 44 -26.56 8.46 0.36
CA ALA AA 44 -26.21 7.25 1.12
C ALA AA 44 -25.10 6.47 0.43
N GLN AA 45 -24.10 6.05 1.19
CA GLN AA 45 -22.96 5.29 0.62
C GLN AA 45 -23.27 3.80 0.56
N PHE AA 46 -22.53 3.07 -0.29
CA PHE AA 46 -22.33 1.63 -0.08
C PHE AA 46 -21.37 1.49 1.08
N THR AA 47 -21.53 0.42 1.88
CA THR AA 47 -20.81 0.33 3.14
C THR AA 47 -20.46 -1.11 3.43
N GLU AA 48 -19.79 -1.31 4.55
CA GLU AA 48 -19.54 -2.64 5.09
C GLU AA 48 -20.83 -3.49 5.17
N HIS AA 49 -21.90 -2.85 5.62
CA HIS AA 49 -23.21 -3.53 5.81
C HIS AA 49 -24.15 -3.57 4.60
N THR AA 50 -23.97 -2.63 3.66
CA THR AA 50 -24.88 -2.44 2.53
C THR AA 50 -24.15 -2.54 1.21
N SER AA 51 -24.45 -3.55 0.39
CA SER AA 51 -23.84 -3.70 -0.96
C SER AA 51 -24.82 -3.52 -2.13
N ALA AA 52 -26.08 -3.24 -1.83
CA ALA AA 52 -27.09 -3.05 -2.87
C ALA AA 52 -28.21 -2.21 -2.28
N ILE AA 53 -28.79 -1.33 -3.09
CA ILE AA 53 -29.84 -0.46 -2.56
C ILE AA 53 -31.07 -0.57 -3.44
N LYS AA 54 -32.24 -0.77 -2.81
CA LYS AA 54 -33.50 -0.86 -3.57
C LYS AA 54 -34.35 0.37 -3.26
N VAL AA 55 -34.93 1.00 -4.28
CA VAL AA 55 -35.78 2.17 -4.07
C VAL AA 55 -37.21 1.81 -4.49
N ARG AA 56 -38.14 1.94 -3.56
CA ARG AA 56 -39.56 1.71 -3.84
C ARG AA 56 -40.24 3.05 -3.71
N GLY AA 57 -41.20 3.34 -4.60
CA GLY AA 57 -41.89 4.60 -4.62
C GLY AA 57 -41.31 5.53 -5.67
N LYS AA 58 -41.95 6.67 -5.87
CA LYS AA 58 -41.49 7.62 -6.87
C LYS AA 58 -40.35 8.54 -6.35
N ALA AA 59 -39.20 8.49 -7.00
CA ALA AA 59 -37.99 9.20 -6.54
C ALA AA 59 -37.05 9.58 -7.69
N TYR AA 60 -36.27 10.62 -7.50
CA TYR AA 60 -35.33 10.96 -8.54
C TYR AA 60 -33.98 10.65 -7.94
N ILE AA 61 -33.16 9.94 -8.72
CA ILE AA 61 -31.91 9.33 -8.22
C ILE AA 61 -30.72 9.79 -9.08
N GLN AA 62 -29.65 10.27 -8.43
CA GLN AA 62 -28.37 10.52 -9.13
C GLN AA 62 -27.32 9.51 -8.66
N THR AA 63 -26.60 8.94 -9.63
CA THR AA 63 -25.40 8.15 -9.31
C THR AA 63 -24.28 8.55 -10.24
N ARG AA 64 -23.09 8.01 -10.01
CA ARG AA 64 -21.99 8.22 -10.91
C ARG AA 64 -22.34 7.88 -12.36
N HIS AA 65 -23.30 6.96 -12.57
CA HIS AA 65 -23.63 6.55 -13.95
C HIS AA 65 -24.74 7.36 -14.63
N GLY AA 66 -25.25 8.34 -13.91
CA GLY AA 66 -26.28 9.19 -14.48
C GLY AA 66 -27.47 9.36 -13.56
N VAL AA 67 -28.54 9.89 -14.16
CA VAL AA 67 -29.80 10.11 -13.45
C VAL AA 67 -30.87 9.10 -13.88
N ILE AA 68 -31.77 8.81 -12.95
CA ILE AA 68 -32.88 7.90 -13.24
C ILE AA 68 -34.04 8.17 -12.25
N GLU AA 69 -35.29 7.93 -12.69
CA GLU AA 69 -36.41 8.03 -11.76
C GLU AA 69 -36.97 6.66 -11.42
N SER AA 70 -37.18 6.37 -10.15
CA SER AA 70 -37.99 5.19 -9.80
C SER AA 70 -39.46 5.56 -9.88
N GLU AA 71 -40.31 4.58 -10.15
CA GLU AA 71 -41.75 4.80 -10.04
C GLU AA 71 -42.43 3.55 -9.48
N GLY AA 72 -41.78 2.73 -8.66
CA GLY AA 72 -42.48 1.57 -8.10
C GLY AA 72 -43.76 1.95 -7.34
N LYS AA 73 -44.73 1.05 -7.30
CA LYS AA 73 -45.95 1.33 -6.52
C LYS AA 73 -45.82 0.94 -5.04
N THR BA 3 -9.65 10.74 6.24
CA THR BA 3 -9.90 12.22 6.09
C THR BA 3 -10.08 12.74 4.64
N ASN BA 4 -9.79 11.92 3.60
CA ASN BA 4 -10.10 12.31 2.19
C ASN BA 4 -11.39 11.75 1.53
N SER BA 5 -12.42 11.52 2.34
CA SER BA 5 -13.71 11.07 1.85
C SER BA 5 -14.45 12.17 1.08
N ASP BA 6 -15.42 11.75 0.26
CA ASP BA 6 -16.36 12.65 -0.41
C ASP BA 6 -17.09 13.53 0.62
N PHE BA 7 -17.60 14.64 0.11
CA PHE BA 7 -18.36 15.57 0.88
C PHE BA 7 -19.49 16.13 0.02
N VAL BA 8 -20.38 16.83 0.70
CA VAL BA 8 -21.60 17.34 0.15
C VAL BA 8 -21.66 18.81 0.57
N VAL BA 9 -22.17 19.66 -0.32
CA VAL BA 9 -22.36 21.09 0.01
C VAL BA 9 -23.87 21.33 0.14
N ILE BA 10 -24.34 21.88 1.26
CA ILE BA 10 -25.78 22.17 1.44
C ILE BA 10 -25.99 23.62 1.82
N LYS BA 11 -26.80 24.33 1.03
CA LYS BA 11 -27.19 25.69 1.36
C LYS BA 11 -28.68 25.76 1.70
N ALA BA 12 -28.99 26.23 2.92
CA ALA BA 12 -30.37 26.34 3.37
C ALA BA 12 -31.11 27.44 2.62
N LEU BA 13 -32.28 27.10 2.09
CA LEU BA 13 -33.08 28.09 1.37
C LEU BA 13 -34.22 28.64 2.22
N GLU BA 14 -34.24 28.21 3.49
CA GLU BA 14 -35.21 28.72 4.48
C GLU BA 14 -34.61 28.42 5.86
N ASP BA 15 -35.19 29.02 6.89
CA ASP BA 15 -34.82 28.75 8.27
C ASP BA 15 -35.24 27.33 8.67
N GLY BA 16 -34.47 26.69 9.53
CA GLY BA 16 -34.91 25.45 10.13
C GLY BA 16 -34.63 24.22 9.29
N VAL BA 17 -33.76 24.34 8.29
CA VAL BA 17 -33.23 23.19 7.57
C VAL BA 17 -32.44 22.27 8.51
N ASN BA 18 -32.67 20.97 8.36
CA ASN BA 18 -32.04 19.93 9.18
C ASN BA 18 -31.12 19.06 8.32
N VAL BA 19 -29.81 19.09 8.60
CA VAL BA 19 -28.91 18.16 7.92
C VAL BA 19 -28.56 17.04 8.90
N ILE BA 20 -29.00 15.82 8.60
CA ILE BA 20 -28.95 14.77 9.62
C ILE BA 20 -27.89 13.76 9.23
N GLY BA 21 -26.92 13.54 10.11
CA GLY BA 21 -25.98 12.45 9.84
C GLY BA 21 -26.51 11.13 10.39
N LEU BA 22 -26.61 10.13 9.53
CA LEU BA 22 -27.06 8.80 9.95
C LEU BA 22 -25.86 7.92 10.29
N THR BA 23 -25.96 7.13 11.36
CA THR BA 23 -24.83 6.31 11.81
C THR BA 23 -24.37 5.27 10.78
N ARG BA 24 -23.05 5.24 10.57
CA ARG BA 24 -22.38 4.10 9.96
C ARG BA 24 -22.63 2.88 10.81
N GLY BA 25 -22.79 1.73 10.17
CA GLY BA 25 -22.71 0.47 10.91
C GLY BA 25 -23.97 -0.38 10.84
N ALA BA 26 -24.07 -1.31 11.78
CA ALA BA 26 -25.23 -2.19 11.87
C ALA BA 26 -26.55 -1.44 12.13
N ASP BA 27 -26.47 -0.40 12.95
CA ASP BA 27 -27.59 0.45 13.32
C ASP BA 27 -27.67 1.66 12.39
N THR BA 28 -28.89 2.10 12.10
CA THR BA 28 -29.10 3.32 11.35
C THR BA 28 -30.00 4.29 12.12
N ARG BA 29 -29.38 5.09 12.98
CA ARG BA 29 -30.03 6.11 13.81
C ARG BA 29 -29.36 7.46 13.51
N PHE BA 30 -29.84 8.52 14.15
CA PHE BA 30 -29.31 9.88 13.98
C PHE BA 30 -28.11 9.98 14.89
N HIS BA 31 -26.96 10.42 14.43
CA HIS BA 31 -25.97 10.73 15.47
C HIS BA 31 -25.83 12.23 15.63
N HIS BA 32 -26.26 12.98 14.62
CA HIS BA 32 -26.29 14.43 14.77
C HIS BA 32 -27.23 15.11 13.79
N SER BA 33 -27.95 16.10 14.29
CA SER BA 33 -28.77 16.93 13.41
C SER BA 33 -28.30 18.39 13.41
N GLU BA 34 -27.88 18.89 12.26
CA GLU BA 34 -27.39 20.25 12.22
C GLU BA 34 -28.48 21.15 11.64
N LYS BA 35 -28.85 22.15 12.42
CA LYS BA 35 -29.85 23.12 12.06
C LYS BA 35 -29.21 24.32 11.37
N LEU BA 36 -29.68 24.60 10.15
CA LEU BA 36 -29.21 25.71 9.33
C LEU BA 36 -30.30 26.76 9.17
N ASP BA 37 -29.95 28.04 9.30
CA ASP BA 37 -30.88 29.12 8.92
C ASP BA 37 -30.68 29.53 7.45
N LYS BA 38 -31.63 30.33 6.95
CA LYS BA 38 -31.67 30.72 5.55
C LYS BA 38 -30.33 31.33 5.11
N GLY BA 39 -29.71 30.71 4.11
CA GLY BA 39 -28.49 31.23 3.52
C GLY BA 39 -27.19 30.64 4.04
N GLU BA 40 -27.24 29.87 5.12
CA GLU BA 40 -26.04 29.27 5.71
C GLU BA 40 -25.64 28.07 4.87
N VAL BA 41 -24.34 27.79 4.83
CA VAL BA 41 -23.80 26.73 3.97
C VAL BA 41 -23.03 25.75 4.84
N LEU BA 42 -23.32 24.47 4.69
CA LEU BA 42 -22.61 23.40 5.42
C LEU BA 42 -21.93 22.54 4.36
N ILE BA 43 -20.67 22.24 4.57
CA ILE BA 43 -19.92 21.34 3.70
C ILE BA 43 -19.52 20.17 4.62
N ALA BA 44 -20.03 18.98 4.34
CA ALA BA 44 -19.96 17.85 5.31
C ALA BA 44 -19.47 16.61 4.61
N GLN BA 45 -18.47 15.95 5.18
CA GLN BA 45 -17.93 14.70 4.66
C GLN BA 45 -18.75 13.48 5.11
N PHE BA 46 -18.58 12.38 4.38
CA PHE BA 46 -18.87 11.06 4.94
C PHE BA 46 -17.68 10.71 5.83
N THR BA 47 -17.94 9.99 6.92
CA THR BA 47 -16.92 9.80 7.95
C THR BA 47 -17.00 8.42 8.58
N GLU BA 48 -16.13 8.20 9.55
CA GLU BA 48 -16.16 6.96 10.33
C GLU BA 48 -17.57 6.83 10.96
N HIS BA 49 -18.16 7.94 11.37
CA HIS BA 49 -19.45 7.90 12.06
C HIS BA 49 -20.65 8.11 11.21
N THR BA 50 -20.46 8.70 10.01
CA THR BA 50 -21.59 9.10 9.16
C THR BA 50 -21.51 8.43 7.79
N SER BA 51 -22.49 7.59 7.45
CA SER BA 51 -22.45 6.91 6.12
C SER BA 51 -23.63 7.26 5.23
N ALA BA 52 -24.52 8.09 5.76
CA ALA BA 52 -25.67 8.57 5.01
C ALA BA 52 -26.10 9.91 5.59
N ILE BA 53 -26.57 10.80 4.71
CA ILE BA 53 -27.01 12.10 5.13
C ILE BA 53 -28.41 12.36 4.62
N LYS BA 54 -29.28 12.82 5.51
CA LYS BA 54 -30.67 13.11 5.13
C LYS BA 54 -30.90 14.62 5.25
N VAL BA 55 -31.53 15.25 4.26
CA VAL BA 55 -31.78 16.69 4.33
C VAL BA 55 -33.29 16.97 4.37
N ARG BA 56 -33.76 17.62 5.44
CA ARG BA 56 -35.16 17.99 5.61
C ARG BA 56 -35.25 19.51 5.53
N GLY BA 57 -36.23 20.02 4.80
CA GLY BA 57 -36.38 21.44 4.58
C GLY BA 57 -35.82 21.82 3.22
N LYS BA 58 -36.16 23.01 2.75
CA LYS BA 58 -35.73 23.53 1.46
C LYS BA 58 -34.25 23.90 1.46
N ALA BA 59 -33.48 23.23 0.62
CA ALA BA 59 -32.02 23.40 0.54
C ALA BA 59 -31.49 23.15 -0.90
N TYR BA 60 -30.39 23.82 -1.24
CA TYR BA 60 -29.75 23.58 -2.49
C TYR BA 60 -28.53 22.70 -2.20
N ILE BA 61 -28.34 21.64 -2.98
CA ILE BA 61 -27.34 20.62 -2.62
C ILE BA 61 -26.42 20.35 -3.79
N GLN BA 62 -25.13 20.33 -3.53
CA GLN BA 62 -24.16 20.00 -4.57
C GLN BA 62 -23.36 18.75 -4.16
N THR BA 63 -23.27 17.79 -5.06
CA THR BA 63 -22.39 16.66 -4.83
C THR BA 63 -21.62 16.36 -6.09
N ARG BA 64 -20.71 15.40 -5.97
CA ARG BA 64 -20.00 14.87 -7.12
C ARG BA 64 -20.93 14.46 -8.28
N HIS BA 65 -22.19 14.11 -7.97
CA HIS BA 65 -23.11 13.59 -9.02
C HIS BA 65 -24.03 14.62 -9.63
N GLY BA 66 -23.91 15.87 -9.16
CA GLY BA 66 -24.62 16.98 -9.73
C GLY BA 66 -25.28 17.81 -8.65
N VAL BA 67 -26.31 18.57 -9.04
CA VAL BA 67 -27.00 19.47 -8.11
C VAL BA 67 -28.42 19.00 -7.97
N ILE BA 68 -29.02 19.33 -6.84
CA ILE BA 68 -30.39 18.95 -6.52
C ILE BA 68 -30.94 19.85 -5.40
N GLU BA 69 -32.24 20.13 -5.44
CA GLU BA 69 -32.87 20.82 -4.31
C GLU BA 69 -33.74 19.87 -3.48
N SER BA 70 -33.56 19.85 -2.16
CA SER BA 70 -34.56 19.25 -1.30
C SER BA 70 -35.74 20.23 -1.13
N GLU BA 71 -36.92 19.67 -0.88
CA GLU BA 71 -38.09 20.51 -0.70
C GLU BA 71 -38.76 20.20 0.62
N GLY BA 72 -39.44 21.22 1.14
CA GLY BA 72 -39.89 21.25 2.52
C GLY BA 72 -41.37 20.97 2.69
N LYS BA 73 -41.65 20.01 3.57
CA LYS BA 73 -42.98 19.71 4.13
C LYS BA 73 -44.09 20.73 3.77
N THR CA 3 -2.45 14.63 4.95
CA THR CA 3 -2.24 16.05 4.49
C THR CA 3 -2.65 16.31 3.02
N ASN CA 4 -3.16 15.29 2.33
CA ASN CA 4 -3.67 15.47 0.94
C ASN CA 4 -5.21 15.46 0.80
N SER CA 5 -5.91 15.89 1.86
CA SER CA 5 -7.36 15.93 1.87
C SER CA 5 -7.88 17.11 1.06
N ASP CA 6 -9.17 17.11 0.71
CA ASP CA 6 -9.71 18.22 -0.03
C ASP CA 6 -9.80 19.49 0.83
N PHE CA 7 -10.03 20.61 0.15
CA PHE CA 7 -10.08 21.90 0.81
C PHE CA 7 -11.18 22.72 0.14
N VAL CA 8 -11.64 23.73 0.87
CA VAL CA 8 -12.61 24.69 0.38
C VAL CA 8 -11.94 26.07 0.39
N VAL CA 9 -12.37 26.92 -0.52
CA VAL CA 9 -11.88 28.27 -0.65
C VAL CA 9 -13.05 29.19 -0.25
N ILE CA 10 -12.82 30.11 0.69
CA ILE CA 10 -13.88 30.99 1.16
C ILE CA 10 -13.43 32.45 1.11
N LYS CA 11 -14.20 33.27 0.39
CA LYS CA 11 -13.96 34.71 0.36
C LYS CA 11 -15.11 35.46 1.03
N ALA CA 12 -14.83 36.14 2.14
CA ALA CA 12 -15.84 36.96 2.80
C ALA CA 12 -16.31 38.09 1.90
N LEU CA 13 -17.62 38.27 1.82
CA LEU CA 13 -18.20 39.37 1.06
C LEU CA 13 -18.71 40.49 1.99
N GLU CA 14 -18.53 40.31 3.30
CA GLU CA 14 -18.89 41.32 4.31
C GLU CA 14 -18.02 41.05 5.57
N ASP CA 15 -17.92 42.02 6.47
CA ASP CA 15 -17.19 41.85 7.72
C ASP CA 15 -17.94 40.83 8.57
N GLY CA 16 -17.21 40.03 9.34
CA GLY CA 16 -17.83 39.24 10.39
C GLY CA 16 -18.28 37.87 9.94
N VAL CA 17 -17.85 37.44 8.75
CA VAL CA 17 -18.08 36.09 8.28
C VAL CA 17 -17.38 35.08 9.22
N ASN CA 18 -18.11 34.02 9.59
CA ASN CA 18 -17.61 33.00 10.51
C ASN CA 18 -17.45 31.71 9.73
N VAL CA 19 -16.23 31.19 9.63
CA VAL CA 19 -16.02 29.88 9.02
C VAL CA 19 -15.77 28.92 10.16
N ILE CA 20 -16.68 27.98 10.37
CA ILE CA 20 -16.66 27.18 11.59
C ILE CA 20 -16.27 25.73 11.27
N GLY CA 21 -15.22 25.23 11.94
CA GLY CA 21 -14.85 23.82 11.80
C GLY CA 21 -15.56 23.02 12.87
N LEU CA 22 -16.41 22.09 12.45
CA LEU CA 22 -17.09 21.16 13.34
C LEU CA 22 -16.22 19.93 13.56
N THR CA 23 -16.21 19.38 14.77
CA THR CA 23 -15.33 18.27 15.12
C THR CA 23 -15.64 16.98 14.39
N ARG CA 24 -14.57 16.31 13.97
CA ARG CA 24 -14.64 14.91 13.51
C ARG CA 24 -14.99 14.07 14.71
N GLY CA 25 -15.79 13.02 14.52
CA GLY CA 25 -15.94 12.00 15.56
C GLY CA 25 -17.38 11.81 16.00
N ALA CA 26 -17.55 11.21 17.17
CA ALA CA 26 -18.85 10.97 17.80
C ALA CA 26 -19.58 12.26 18.18
N ASP CA 27 -18.80 13.27 18.56
CA ASP CA 27 -19.35 14.58 18.91
C ASP CA 27 -19.31 15.49 17.71
N THR CA 28 -20.31 16.35 17.59
CA THR CA 28 -20.28 17.39 16.58
C THR CA 28 -20.46 18.77 17.26
N ARG CA 29 -19.34 19.33 17.72
CA ARG CA 29 -19.29 20.66 18.36
C ARG CA 29 -18.34 21.56 17.53
N PHE CA 30 -18.19 22.82 17.92
CA PHE CA 30 -17.27 23.73 17.25
C PHE CA 30 -15.86 23.41 17.75
N HIS CA 31 -14.88 23.28 16.87
CA HIS CA 31 -13.54 23.32 17.49
C HIS CA 31 -12.82 24.59 17.13
N HIS CA 32 -13.21 25.24 16.03
CA HIS CA 32 -12.67 26.58 15.79
C HIS CA 32 -13.61 27.41 14.93
N SER CA 33 -13.70 28.69 15.24
CA SER CA 33 -14.45 29.61 14.44
C SER CA 33 -13.46 30.70 13.96
N GLU CA 34 -13.25 30.78 12.65
CA GLU CA 34 -12.35 31.78 12.11
C GLU CA 34 -13.18 32.96 11.63
N LYS CA 35 -12.91 34.15 12.16
CA LYS CA 35 -13.62 35.34 11.73
C LYS CA 35 -12.93 36.02 10.54
N LEU CA 36 -13.68 36.31 9.49
CA LEU CA 36 -13.12 36.94 8.28
C LEU CA 36 -13.74 38.30 8.07
N ASP CA 37 -12.91 39.26 7.66
CA ASP CA 37 -13.42 40.57 7.30
C ASP CA 37 -13.55 40.65 5.78
N LYS CA 38 -14.31 41.64 5.31
CA LYS CA 38 -14.70 41.72 3.88
C LYS CA 38 -13.46 41.63 2.99
N GLY CA 39 -13.46 40.70 2.02
CA GLY CA 39 -12.36 40.58 1.08
C GLY CA 39 -11.29 39.53 1.45
N GLU CA 40 -11.24 39.09 2.72
CA GLU CA 40 -10.23 38.11 3.12
C GLU CA 40 -10.58 36.75 2.54
N VAL CA 41 -9.53 35.99 2.21
CA VAL CA 41 -9.71 34.66 1.68
C VAL CA 41 -9.12 33.65 2.64
N LEU CA 42 -9.89 32.60 2.91
CA LEU CA 42 -9.46 31.48 3.74
C LEU CA 42 -9.54 30.20 2.89
N ILE CA 43 -8.44 29.47 2.84
CA ILE CA 43 -8.41 28.18 2.13
C ILE CA 43 -8.19 27.08 3.17
N ALA CA 44 -9.17 26.18 3.33
CA ALA CA 44 -9.21 25.33 4.51
C ALA CA 44 -9.49 23.87 4.16
N GLN CA 45 -8.67 22.96 4.69
CA GLN CA 45 -8.80 21.54 4.42
C GLN CA 45 -9.75 20.87 5.40
N PHE CA 46 -10.28 19.73 4.98
CA PHE CA 46 -10.81 18.77 5.97
C PHE CA 46 -9.61 18.10 6.59
N THR CA 47 -9.73 17.74 7.85
CA THR CA 47 -8.56 17.29 8.57
C THR CA 47 -8.91 16.21 9.58
N GLU CA 48 -7.92 15.78 10.36
CA GLU CA 48 -8.16 14.88 11.49
C GLU CA 48 -9.17 15.47 12.48
N HIS CA 49 -9.12 16.78 12.66
CA HIS CA 49 -10.01 17.40 13.66
C HIS CA 49 -11.34 17.96 13.13
N THR CA 50 -11.42 18.19 11.82
CA THR CA 50 -12.55 18.89 11.17
C THR CA 50 -13.11 18.03 10.04
N SER CA 51 -14.35 17.56 10.16
CA SER CA 51 -14.99 16.74 9.11
C SER CA 51 -16.23 17.41 8.54
N ALA CA 52 -16.53 18.59 9.05
CA ALA CA 52 -17.61 19.41 8.46
C ALA CA 52 -17.31 20.91 8.69
N ILE CA 53 -17.69 21.74 7.73
CA ILE CA 53 -17.45 23.18 7.81
C ILE CA 53 -18.76 23.93 7.61
N LYS CA 54 -19.06 24.89 8.47
CA LYS CA 54 -20.28 25.71 8.35
C LYS CA 54 -19.85 27.16 8.12
N VAL CA 55 -20.44 27.82 7.11
CA VAL CA 55 -20.16 29.24 6.84
C VAL CA 55 -21.37 30.08 7.23
N ARG CA 56 -21.14 31.09 8.07
CA ARG CA 56 -22.15 32.03 8.47
C ARG CA 56 -21.76 33.42 8.00
N GLY CA 57 -22.70 34.10 7.36
CA GLY CA 57 -22.46 35.42 6.81
C GLY CA 57 -22.28 35.32 5.30
N LYS CA 58 -22.24 36.46 4.62
CA LYS CA 58 -22.16 36.54 3.16
C LYS CA 58 -20.73 36.21 2.66
N ALA CA 59 -20.64 35.17 1.85
CA ALA CA 59 -19.33 34.71 1.36
C ALA CA 59 -19.45 33.99 0.03
N TYR CA 60 -18.36 33.98 -0.73
CA TYR CA 60 -18.27 33.22 -1.98
C TYR CA 60 -17.38 32.01 -1.75
N ILE CA 61 -17.86 30.84 -2.17
CA ILE CA 61 -17.28 29.56 -1.78
C ILE CA 61 -16.96 28.74 -3.03
N GLN CA 62 -15.73 28.25 -3.13
CA GLN CA 62 -15.41 27.32 -4.21
C GLN CA 62 -15.03 26.00 -3.60
N THR CA 63 -15.60 24.93 -4.15
CA THR CA 63 -15.14 23.58 -3.82
C THR CA 63 -14.98 22.77 -5.10
N ARG CA 64 -14.54 21.52 -4.94
CA ARG CA 64 -14.44 20.60 -6.06
C ARG CA 64 -15.79 20.45 -6.81
N HIS CA 65 -16.91 20.70 -6.11
CA HIS CA 65 -18.25 20.49 -6.73
C HIS CA 65 -18.90 21.71 -7.32
N GLY CA 66 -18.16 22.81 -7.36
CA GLY CA 66 -18.65 24.02 -7.99
C GLY CA 66 -18.55 25.21 -7.06
N VAL CA 67 -19.26 26.28 -7.44
CA VAL CA 67 -19.23 27.51 -6.64
C VAL CA 67 -20.61 27.73 -5.99
N ILE CA 68 -20.62 28.54 -4.93
CA ILE CA 68 -21.86 28.80 -4.20
C ILE CA 68 -21.63 30.02 -3.29
N GLU CA 69 -22.71 30.78 -3.02
CA GLU CA 69 -22.62 31.87 -2.06
C GLU CA 69 -23.43 31.61 -0.78
N SER CA 70 -22.83 31.80 0.38
CA SER CA 70 -23.62 31.84 1.62
C SER CA 70 -24.22 33.22 1.78
N GLU CA 71 -25.36 33.30 2.48
CA GLU CA 71 -25.99 34.59 2.76
C GLU CA 71 -26.24 34.71 4.28
N GLY CA 72 -26.06 35.91 4.84
CA GLY CA 72 -26.13 36.09 6.29
C GLY CA 72 -27.00 37.27 6.63
N THR DA 3 5.23 13.99 0.20
CA THR DA 3 5.46 15.44 -0.17
C THR DA 3 4.62 15.88 -1.39
N ASN DA 4 3.54 15.14 -1.68
CA ASN DA 4 2.67 15.42 -2.85
C ASN DA 4 1.29 16.05 -2.54
N SER DA 5 1.23 16.92 -1.54
CA SER DA 5 0.00 17.64 -1.21
C SER DA 5 -0.33 18.76 -2.21
N ASP DA 6 -1.59 19.21 -2.17
CA ASP DA 6 -2.08 20.35 -2.94
C ASP DA 6 -1.29 21.59 -2.56
N PHE DA 7 -1.26 22.54 -3.48
CA PHE DA 7 -0.69 23.86 -3.21
C PHE DA 7 -1.58 24.97 -3.77
N VAL DA 8 -1.31 26.19 -3.32
CA VAL DA 8 -2.03 27.37 -3.77
C VAL DA 8 -0.96 28.29 -4.39
N VAL DA 9 -1.34 29.05 -5.40
CA VAL DA 9 -0.48 30.11 -5.93
C VAL DA 9 -1.06 31.46 -5.53
N ILE DA 10 -0.21 32.34 -4.98
CA ILE DA 10 -0.64 33.65 -4.55
C ILE DA 10 0.31 34.71 -5.13
N LYS DA 11 -0.28 35.65 -5.89
CA LYS DA 11 0.43 36.84 -6.32
C LYS DA 11 -0.08 38.06 -5.58
N ALA DA 12 0.82 38.76 -4.90
CA ALA DA 12 0.47 40.03 -4.24
C ALA DA 12 0.17 41.13 -5.24
N LEU DA 13 -1.00 41.75 -5.12
CA LEU DA 13 -1.34 42.88 -6.00
C LEU DA 13 -1.07 44.26 -5.36
N GLU DA 14 -0.55 44.25 -4.14
CA GLU DA 14 -0.19 45.48 -3.44
C GLU DA 14 0.91 45.11 -2.45
N ASP DA 15 1.57 46.10 -1.86
CA ASP DA 15 2.60 45.83 -0.86
C ASP DA 15 1.94 45.38 0.42
N GLY DA 16 2.64 44.60 1.23
CA GLY DA 16 2.14 44.24 2.54
C GLY DA 16 1.08 43.14 2.59
N VAL DA 17 0.91 42.38 1.52
CA VAL DA 17 0.04 41.20 1.58
C VAL DA 17 0.60 40.18 2.56
N ASN DA 18 -0.29 39.55 3.33
CA ASN DA 18 0.08 38.57 4.35
C ASN DA 18 -0.52 37.23 3.97
N VAL DA 19 0.31 36.23 3.77
CA VAL DA 19 -0.16 34.87 3.55
C VAL DA 19 0.13 34.12 4.84
N ILE DA 20 -0.94 33.69 5.50
CA ILE DA 20 -0.80 33.18 6.86
C ILE DA 20 -1.08 31.65 6.86
N GLY DA 21 -0.14 30.86 7.36
CA GLY DA 21 -0.37 29.44 7.58
C GLY DA 21 -0.96 29.20 8.97
N LEU DA 22 -2.14 28.58 9.03
CA LEU DA 22 -2.78 28.24 10.31
C LEU DA 22 -2.41 26.82 10.69
N THR DA 23 -2.17 26.60 11.98
CA THR DA 23 -1.73 25.29 12.45
C THR DA 23 -2.74 24.18 12.19
N ARG DA 24 -2.22 23.07 11.67
CA ARG DA 24 -2.89 21.76 11.70
C ARG DA 24 -3.07 21.34 13.16
N GLY DA 25 -4.22 20.74 13.47
CA GLY DA 25 -4.34 20.05 14.74
C GLY DA 25 -5.48 20.57 15.59
N ALA DA 26 -5.41 20.26 16.89
CA ALA DA 26 -6.41 20.70 17.86
C ALA DA 26 -6.46 22.24 17.98
N ASP DA 27 -5.31 22.89 17.88
CA ASP DA 27 -5.24 24.35 17.95
C ASP DA 27 -5.23 24.94 16.57
N THR DA 28 -5.84 26.11 16.43
CA THR DA 28 -5.78 26.87 15.20
C THR DA 28 -5.21 28.26 15.49
N ARG DA 29 -3.89 28.37 15.39
CA ARG DA 29 -3.16 29.62 15.60
C ARG DA 29 -2.29 29.87 14.36
N PHE DA 30 -1.57 30.99 14.34
CA PHE DA 30 -0.64 31.29 13.25
C PHE DA 30 0.63 30.50 13.44
N HIS DA 31 1.13 29.81 12.43
CA HIS DA 31 2.49 29.34 12.67
C HIS DA 31 3.50 30.05 11.80
N HIS DA 32 3.06 30.60 10.67
CA HIS DA 32 3.91 31.52 9.92
C HIS DA 32 3.09 32.56 9.17
N SER DA 33 3.62 33.77 9.13
CA SER DA 33 3.02 34.83 8.34
C SER DA 33 4.05 35.28 7.31
N GLU DA 34 3.83 34.99 6.03
CA GLU DA 34 4.74 35.45 4.99
C GLU DA 34 4.25 36.80 4.42
N LYS DA 35 5.15 37.77 4.42
CA LYS DA 35 4.86 39.11 3.95
C LYS DA 35 5.33 39.23 2.52
N LEU DA 36 4.41 39.52 1.60
CA LEU DA 36 4.73 39.71 0.19
C LEU DA 36 4.67 41.17 -0.28
N ASP DA 37 5.69 41.57 -1.06
CA ASP DA 37 5.67 42.86 -1.73
C ASP DA 37 4.86 42.74 -3.05
N LYS DA 38 4.51 43.88 -3.63
CA LYS DA 38 3.69 43.91 -4.82
C LYS DA 38 4.37 43.13 -5.95
N GLY DA 39 3.62 42.21 -6.55
CA GLY DA 39 4.11 41.46 -7.68
C GLY DA 39 4.83 40.15 -7.32
N GLU DA 40 5.18 39.97 -6.05
CA GLU DA 40 5.83 38.74 -5.60
C GLU DA 40 4.85 37.58 -5.69
N VAL DA 41 5.34 36.39 -6.08
CA VAL DA 41 4.49 35.18 -6.13
C VAL DA 41 4.94 34.14 -5.10
N LEU DA 42 3.98 33.64 -4.31
CA LEU DA 42 4.25 32.53 -3.38
C LEU DA 42 3.47 31.30 -3.78
N ILE DA 43 4.17 30.18 -3.92
CA ILE DA 43 3.54 28.91 -4.22
C ILE DA 43 3.71 28.01 -2.99
N ALA DA 44 2.60 27.69 -2.33
CA ALA DA 44 2.66 27.11 -0.98
C ALA DA 44 1.74 25.90 -0.84
N GLN DA 45 2.30 24.79 -0.35
CA GLN DA 45 1.57 23.55 -0.05
C GLN DA 45 0.82 23.54 1.28
N PHE DA 46 -0.21 22.69 1.37
CA PHE DA 46 -0.65 22.19 2.68
C PHE DA 46 0.34 21.16 3.16
N THR DA 47 0.58 21.14 4.47
CA THR DA 47 1.68 20.35 5.02
C THR DA 47 1.32 19.73 6.36
N GLU DA 48 2.28 19.01 6.93
CA GLU DA 48 2.15 18.53 8.30
C GLU DA 48 1.78 19.69 9.29
N HIS DA 49 2.29 20.89 9.05
CA HIS DA 49 2.10 22.02 9.98
C HIS DA 49 0.99 22.97 9.63
N THR DA 50 0.56 22.94 8.37
CA THR DA 50 -0.37 23.93 7.84
C THR DA 50 -1.54 23.25 7.19
N SER DA 51 -2.74 23.44 7.75
CA SER DA 51 -3.93 22.81 7.19
C SER DA 51 -4.97 23.83 6.69
N ALA DA 52 -4.64 25.12 6.85
CA ALA DA 52 -5.52 26.19 6.36
C ALA DA 52 -4.63 27.38 6.07
N ILE DA 53 -4.96 28.14 5.02
CA ILE DA 53 -4.18 29.34 4.69
C ILE DA 53 -5.11 30.56 4.59
N LYS DA 54 -4.76 31.66 5.29
CA LYS DA 54 -5.55 32.91 5.24
C LYS DA 54 -4.76 33.99 4.48
N VAL DA 55 -5.42 34.69 3.57
CA VAL DA 55 -4.75 35.76 2.83
C VAL DA 55 -5.39 37.09 3.16
N ARG DA 56 -4.55 38.04 3.58
CA ARG DA 56 -4.95 39.38 3.94
C ARG DA 56 -4.27 40.33 2.95
N GLY DA 57 -5.03 41.29 2.41
CA GLY DA 57 -4.52 42.21 1.41
C GLY DA 57 -4.95 41.79 0.01
N LYS DA 58 -4.72 42.67 -0.97
CA LYS DA 58 -5.12 42.44 -2.35
C LYS DA 58 -4.19 41.42 -3.02
N ALA DA 59 -4.73 40.31 -3.47
CA ALA DA 59 -3.93 39.25 -4.08
C ALA DA 59 -4.73 38.47 -5.09
N TYR DA 60 -4.03 37.91 -6.07
CA TYR DA 60 -4.63 37.02 -7.02
C TYR DA 60 -4.20 35.59 -6.64
N ILE DA 61 -5.19 34.71 -6.47
CA ILE DA 61 -4.96 33.35 -5.97
C ILE DA 61 -5.46 32.32 -7.00
N GLN DA 62 -4.63 31.32 -7.28
CA GLN DA 62 -5.04 30.16 -8.08
C GLN DA 62 -5.01 28.91 -7.21
N THR DA 63 -6.06 28.09 -7.31
CA THR DA 63 -6.07 26.77 -6.69
C THR DA 63 -6.61 25.78 -7.70
N ARG DA 64 -6.65 24.51 -7.28
CA ARG DA 64 -7.29 23.43 -8.02
C ARG DA 64 -8.74 23.79 -8.38
N HIS DA 65 -9.38 24.57 -7.51
CA HIS DA 65 -10.82 24.85 -7.68
C HIS DA 65 -11.14 26.11 -8.48
N GLY DA 66 -10.11 26.76 -9.02
CA GLY DA 66 -10.30 27.95 -9.85
C GLY DA 66 -9.49 29.12 -9.34
N VAL DA 67 -9.81 30.30 -9.84
CA VAL DA 67 -9.12 31.52 -9.43
C VAL DA 67 -10.05 32.39 -8.60
N ILE DA 68 -9.44 33.25 -7.78
CA ILE DA 68 -10.13 34.22 -6.95
C ILE DA 68 -9.14 35.32 -6.53
N GLU DA 69 -9.70 36.49 -6.20
CA GLU DA 69 -8.93 37.60 -5.71
C GLU DA 69 -9.34 37.96 -4.30
N SER DA 70 -8.38 38.07 -3.38
CA SER DA 70 -8.64 38.68 -2.07
C SER DA 70 -8.64 40.19 -2.20
N GLU DA 71 -9.35 40.86 -1.29
CA GLU DA 71 -9.36 42.32 -1.21
C GLU DA 71 -8.98 42.79 0.21
N GLY DA 72 -8.29 43.92 0.31
CA GLY DA 72 -7.70 44.36 1.59
C GLY DA 72 -8.64 45.22 2.42
N THR EA 3 9.79 10.75 -4.86
CA THR EA 3 10.34 11.67 -5.91
C THR EA 3 9.32 12.03 -7.05
N ASN EA 4 8.02 11.80 -6.78
CA ASN EA 4 6.93 12.16 -7.72
C ASN EA 4 6.02 13.34 -7.30
N SER EA 5 6.56 14.28 -6.53
CA SER EA 5 5.84 15.48 -6.16
C SER EA 5 5.62 16.40 -7.36
N ASP EA 6 4.73 17.37 -7.20
CA ASP EA 6 4.56 18.36 -8.26
C ASP EA 6 5.71 19.33 -8.36
N PHE EA 7 5.72 20.06 -9.47
CA PHE EA 7 6.79 21.00 -9.77
C PHE EA 7 6.25 22.24 -10.41
N VAL EA 8 7.08 23.26 -10.35
CA VAL EA 8 6.82 24.56 -10.95
C VAL EA 8 7.87 24.82 -12.02
N VAL EA 9 7.47 25.58 -13.05
CA VAL EA 9 8.40 25.99 -14.11
C VAL EA 9 8.48 27.53 -14.04
N ILE EA 10 9.70 28.04 -13.99
CA ILE EA 10 9.95 29.47 -13.86
C ILE EA 10 10.96 29.90 -14.90
N LYS EA 11 10.55 30.85 -15.73
CA LYS EA 11 11.46 31.49 -16.69
C LYS EA 11 11.66 32.92 -16.29
N ALA EA 12 12.92 33.28 -15.99
CA ALA EA 12 13.26 34.68 -15.69
C ALA EA 12 13.00 35.59 -16.87
N LEU EA 13 12.34 36.72 -16.62
CA LEU EA 13 12.13 37.73 -17.67
C LEU EA 13 13.06 38.92 -17.51
N GLU EA 14 14.01 38.81 -16.56
CA GLU EA 14 15.06 39.80 -16.35
C GLU EA 14 16.20 39.13 -15.58
N ASP EA 15 17.35 39.79 -15.54
CA ASP EA 15 18.49 39.33 -14.74
C ASP EA 15 18.16 39.45 -13.25
N GLY EA 16 18.68 38.54 -12.42
CA GLY EA 16 18.57 38.68 -10.97
C GLY EA 16 17.27 38.18 -10.35
N VAL EA 17 16.47 37.44 -11.11
CA VAL EA 17 15.32 36.73 -10.55
C VAL EA 17 15.82 35.76 -9.46
N ASN EA 18 15.11 35.74 -8.35
CA ASN EA 18 15.42 34.87 -7.23
C ASN EA 18 14.29 33.89 -7.04
N VAL EA 19 14.60 32.59 -7.10
CA VAL EA 19 13.62 31.56 -6.78
C VAL EA 19 14.00 30.97 -5.43
N ILE EA 20 13.15 31.20 -4.44
CA ILE EA 20 13.54 30.92 -3.07
C ILE EA 20 12.79 29.69 -2.57
N GLY EA 21 13.51 28.69 -2.07
CA GLY EA 21 12.88 27.53 -1.44
C GLY EA 21 12.75 27.77 0.04
N LEU EA 22 11.52 27.78 0.56
CA LEU EA 22 11.24 27.94 1.99
C LEU EA 22 11.18 26.56 2.66
N THR EA 23 11.69 26.45 3.87
CA THR EA 23 11.81 25.16 4.52
C THR EA 23 10.46 24.54 4.87
N ARG EA 24 10.33 23.25 4.55
CA ARG EA 24 9.32 22.39 5.18
C ARG EA 24 9.51 22.34 6.70
N GLY EA 25 8.42 22.31 7.44
CA GLY EA 25 8.47 21.98 8.87
C GLY EA 25 7.94 23.07 9.77
N ALA EA 26 8.28 22.98 11.04
CA ALA EA 26 7.90 23.97 12.06
C ALA EA 26 8.43 25.39 11.74
N ASP EA 27 9.64 25.46 11.19
CA ASP EA 27 10.24 26.73 10.84
C ASP EA 27 10.05 27.04 9.36
N THR EA 28 9.87 28.31 9.05
CA THR EA 28 9.74 28.77 7.67
C THR EA 28 10.83 29.81 7.34
N ARG EA 29 11.99 29.32 6.89
CA ARG EA 29 13.17 30.16 6.58
C ARG EA 29 13.62 29.83 5.14
N PHE EA 30 14.66 30.50 4.64
CA PHE EA 30 15.17 30.20 3.29
C PHE EA 30 16.05 28.96 3.40
N HIS EA 31 15.87 27.95 2.57
CA HIS EA 31 16.96 26.98 2.58
C HIS EA 31 17.80 27.09 1.33
N HIS EA 32 17.23 27.62 0.26
CA HIS EA 32 18.04 27.94 -0.91
C HIS EA 32 17.47 29.08 -1.72
N SER EA 33 18.35 29.95 -2.19
CA SER EA 33 17.95 30.95 -3.13
C SER EA 33 18.66 30.70 -4.44
N GLU EA 34 17.92 30.48 -5.52
CA GLU EA 34 18.53 30.28 -6.83
C GLU EA 34 18.37 31.53 -7.69
N LYS EA 35 19.49 32.05 -8.17
CA LYS EA 35 19.51 33.26 -8.97
C LYS EA 35 19.53 32.89 -10.45
N LEU EA 36 18.57 33.43 -11.20
CA LEU EA 36 18.44 33.19 -12.65
C LEU EA 36 18.68 34.47 -13.42
N ASP EA 37 19.36 34.34 -14.56
CA ASP EA 37 19.51 35.44 -15.49
C ASP EA 37 18.36 35.40 -16.48
N LYS EA 38 18.17 36.52 -17.19
CA LYS EA 38 17.12 36.66 -18.19
C LYS EA 38 17.06 35.50 -19.18
N GLY EA 39 15.91 34.87 -19.31
CA GLY EA 39 15.75 33.77 -20.24
C GLY EA 39 16.08 32.38 -19.70
N GLU EA 40 16.75 32.27 -18.55
CA GLU EA 40 16.96 30.95 -17.94
C GLU EA 40 15.66 30.35 -17.39
N VAL EA 41 15.55 29.03 -17.46
CA VAL EA 41 14.37 28.32 -16.99
C VAL EA 41 14.74 27.35 -15.89
N LEU EA 42 13.99 27.39 -14.80
CA LEU EA 42 14.17 26.50 -13.66
C LEU EA 42 12.87 25.70 -13.49
N ILE EA 43 13.00 24.38 -13.48
CA ILE EA 43 11.90 23.48 -13.17
C ILE EA 43 12.20 22.83 -11.79
N ALA EA 44 11.41 23.19 -10.77
CA ALA EA 44 11.69 22.82 -9.38
C ALA EA 44 10.51 22.10 -8.69
N GLN EA 45 10.82 21.00 -8.00
CA GLN EA 45 9.82 20.19 -7.31
C GLN EA 45 9.62 20.72 -5.89
N PHE EA 46 8.47 20.39 -5.31
CA PHE EA 46 8.34 20.39 -3.85
C PHE EA 46 9.01 19.16 -3.33
N THR EA 47 9.60 19.24 -2.14
CA THR EA 47 10.44 18.14 -1.69
C THR EA 47 10.35 17.98 -0.20
N GLU EA 48 11.14 17.04 0.32
CA GLU EA 48 11.32 16.90 1.75
C GLU EA 48 11.75 18.22 2.43
N HIS EA 49 12.63 19.00 1.76
CA HIS EA 49 13.18 20.23 2.35
C HIS EA 49 12.42 21.49 1.98
N THR EA 50 11.65 21.44 0.89
CA THR EA 50 10.98 22.63 0.36
C THR EA 50 9.46 22.44 0.26
N SER EA 51 8.67 23.22 1.01
CA SER EA 51 7.22 23.10 0.98
C SER EA 51 6.49 24.37 0.52
N ALA EA 52 7.29 25.39 0.22
CA ALA EA 52 6.76 26.64 -0.35
C ALA EA 52 7.88 27.29 -1.20
N ILE EA 53 7.51 27.99 -2.27
CA ILE EA 53 8.51 28.59 -3.15
C ILE EA 53 8.10 30.04 -3.38
N LYS EA 54 9.03 30.97 -3.14
CA LYS EA 54 8.76 32.37 -3.40
C LYS EA 54 9.54 32.84 -4.62
N VAL EA 55 8.89 33.57 -5.52
CA VAL EA 55 9.60 34.16 -6.67
C VAL EA 55 9.70 35.67 -6.57
N ARG EA 56 10.94 36.19 -6.58
CA ARG EA 56 11.19 37.62 -6.57
C ARG EA 56 11.78 38.06 -7.92
N GLY EA 57 11.30 39.17 -8.48
CA GLY EA 57 11.71 39.60 -9.80
C GLY EA 57 10.72 39.16 -10.88
N LYS EA 58 10.90 39.70 -12.07
CA LYS EA 58 10.02 39.43 -13.22
C LYS EA 58 10.24 38.06 -13.81
N ALA EA 59 9.19 37.23 -13.78
CA ALA EA 59 9.27 35.82 -14.24
C ALA EA 59 7.92 35.33 -14.74
N TYR EA 60 7.96 34.41 -15.70
CA TYR EA 60 6.76 33.73 -16.13
C TYR EA 60 6.78 32.36 -15.50
N ILE EA 61 5.64 32.01 -14.89
CA ILE EA 61 5.55 30.83 -14.03
C ILE EA 61 4.44 29.93 -14.51
N GLN EA 62 4.73 28.64 -14.62
CA GLN EA 62 3.71 27.65 -14.98
C GLN EA 62 3.58 26.69 -13.83
N THR EA 63 2.33 26.42 -13.44
CA THR EA 63 2.06 25.31 -12.53
C THR EA 63 0.88 24.52 -13.05
N ARG EA 64 0.59 23.43 -12.33
CA ARG EA 64 -0.61 22.66 -12.53
C ARG EA 64 -1.89 23.54 -12.56
N HIS EA 65 -1.91 24.64 -11.80
CA HIS EA 65 -3.10 25.49 -11.69
C HIS EA 65 -3.19 26.62 -12.73
N GLY EA 66 -2.25 26.66 -13.68
CA GLY EA 66 -2.26 27.64 -14.73
C GLY EA 66 -0.95 28.42 -14.82
N VAL EA 67 -1.02 29.55 -15.52
CA VAL EA 67 0.14 30.44 -15.70
C VAL EA 67 -0.04 31.77 -14.91
N ILE EA 68 1.10 32.39 -14.60
CA ILE EA 68 1.13 33.66 -13.88
C ILE EA 68 2.50 34.32 -14.04
N GLU EA 69 2.54 35.64 -13.93
CA GLU EA 69 3.80 36.37 -13.97
C GLU EA 69 4.08 37.04 -12.61
N SER EA 70 5.27 36.83 -12.06
CA SER EA 70 5.68 37.67 -10.93
C SER EA 70 6.19 38.99 -11.48
N GLU EA 71 6.16 40.04 -10.67
CA GLU EA 71 6.64 41.37 -11.09
C GLU EA 71 7.56 42.06 -10.07
N GLY EA 72 8.30 43.05 -10.60
CA GLY EA 72 9.19 43.95 -9.86
C GLY EA 72 8.52 45.19 -9.29
N THR FA 3 10.74 4.75 -9.99
CA THR FA 3 11.20 5.08 -11.38
C THR FA 3 10.07 5.62 -12.30
N ASN FA 4 8.88 5.89 -11.72
CA ASN FA 4 7.74 6.53 -12.45
C ASN FA 4 7.56 8.05 -12.21
N SER FA 5 8.65 8.74 -11.92
CA SER FA 5 8.63 10.19 -11.71
C SER FA 5 8.33 10.96 -13.00
N ASP FA 6 7.90 12.22 -12.85
CA ASP FA 6 7.79 13.17 -13.97
C ASP FA 6 9.11 13.36 -14.70
N PHE FA 7 9.03 13.82 -15.94
CA PHE FA 7 10.21 14.06 -16.74
C PHE FA 7 9.97 15.33 -17.56
N VAL FA 8 11.06 15.89 -18.08
CA VAL FA 8 11.02 17.05 -18.92
C VAL FA 8 11.64 16.67 -20.28
N VAL FA 9 11.16 17.31 -21.35
CA VAL FA 9 11.75 17.15 -22.67
C VAL FA 9 12.44 18.47 -23.04
N ILE FA 10 13.74 18.40 -23.39
CA ILE FA 10 14.49 19.62 -23.77
C ILE FA 10 15.14 19.46 -25.14
N LYS FA 11 14.81 20.38 -26.04
CA LYS FA 11 15.47 20.42 -27.34
C LYS FA 11 16.32 21.68 -27.46
N ALA FA 12 17.63 21.49 -27.62
CA ALA FA 12 18.55 22.60 -27.81
C ALA FA 12 18.26 23.26 -29.16
N LEU FA 13 18.14 24.59 -29.15
CA LEU FA 13 17.99 25.39 -30.36
C LEU FA 13 19.29 26.05 -30.80
N GLU FA 14 20.36 25.82 -30.05
CA GLU FA 14 21.70 26.33 -30.39
C GLU FA 14 22.72 25.38 -29.75
N ASP FA 15 23.97 25.46 -30.16
CA ASP FA 15 25.03 24.67 -29.55
C ASP FA 15 25.30 25.16 -28.13
N GLY FA 16 25.76 24.25 -27.26
CA GLY FA 16 26.21 24.61 -25.93
C GLY FA 16 25.15 24.81 -24.87
N VAL FA 17 23.92 24.39 -25.13
CA VAL FA 17 22.89 24.37 -24.11
C VAL FA 17 23.35 23.49 -22.94
N ASN FA 18 23.14 24.00 -21.74
CA ASN FA 18 23.43 23.26 -20.51
C ASN FA 18 22.13 22.90 -19.77
N VAL FA 19 21.92 21.62 -19.54
CA VAL FA 19 20.82 21.15 -18.73
C VAL FA 19 21.41 20.66 -17.43
N ILE FA 20 21.10 21.37 -16.34
CA ILE FA 20 21.82 21.15 -15.10
C ILE FA 20 20.90 20.57 -14.05
N GLY FA 21 21.25 19.41 -13.51
CA GLY FA 21 20.45 18.83 -12.45
C GLY FA 21 21.00 19.32 -11.12
N LEU FA 22 20.13 19.90 -10.30
CA LEU FA 22 20.46 20.42 -8.97
C LEU FA 22 20.14 19.32 -7.97
N THR FA 23 21.01 19.14 -6.98
CA THR FA 23 20.90 18.03 -6.04
C THR FA 23 19.62 18.12 -5.21
N ARG FA 24 18.99 16.96 -5.04
CA ARG FA 24 17.97 16.78 -4.00
C ARG FA 24 18.63 16.91 -2.63
N GLY FA 25 17.93 17.51 -1.67
CA GLY FA 25 18.32 17.39 -0.27
C GLY FA 25 18.58 18.73 0.38
N ALA FA 26 19.31 18.69 1.49
CA ALA FA 26 19.67 19.90 2.23
C ALA FA 26 20.50 20.90 1.39
N ASP FA 27 21.37 20.35 0.55
CA ASP FA 27 22.27 21.12 -0.32
C ASP FA 27 21.65 21.28 -1.70
N THR FA 28 21.84 22.45 -2.31
CA THR FA 28 21.39 22.66 -3.69
C THR FA 28 22.61 23.06 -4.53
N ARG FA 29 23.32 22.06 -5.05
CA ARG FA 29 24.52 22.27 -5.85
C ARG FA 29 24.34 21.52 -7.16
N PHE FA 30 25.30 21.61 -8.08
CA PHE FA 30 25.20 20.89 -9.36
C PHE FA 30 25.51 19.40 -9.15
N HIS FA 31 24.59 18.56 -9.58
CA HIS FA 31 24.75 17.11 -9.58
C HIS FA 31 25.40 16.68 -10.91
N HIS FA 32 24.86 17.22 -12.02
CA HIS FA 32 25.43 16.94 -13.35
C HIS FA 32 25.04 18.05 -14.31
N SER FA 33 25.89 18.32 -15.28
CA SER FA 33 25.57 19.29 -16.30
C SER FA 33 25.71 18.59 -17.64
N GLU FA 34 24.60 18.43 -18.37
CA GLU FA 34 24.62 17.82 -19.70
C GLU FA 34 24.69 18.87 -20.81
N LYS FA 35 25.73 18.79 -21.62
CA LYS FA 35 25.89 19.72 -22.72
C LYS FA 35 25.19 19.17 -23.95
N LEU FA 36 24.37 20.02 -24.57
CA LEU FA 36 23.58 19.65 -25.74
C LEU FA 36 23.94 20.52 -26.94
N ASP FA 37 24.15 19.89 -28.10
CA ASP FA 37 24.37 20.64 -29.33
C ASP FA 37 23.03 20.92 -30.01
N LYS FA 38 23.02 21.86 -30.96
CA LYS FA 38 21.80 22.24 -31.66
C LYS FA 38 21.03 21.02 -32.21
N GLY FA 39 19.75 20.96 -31.92
CA GLY FA 39 18.91 19.90 -32.45
C GLY FA 39 18.80 18.66 -31.56
N GLU FA 40 19.76 18.45 -30.66
CA GLU FA 40 19.72 17.31 -29.75
C GLU FA 40 18.57 17.40 -28.77
N VAL FA 41 17.99 16.23 -28.44
CA VAL FA 41 16.88 16.15 -27.49
C VAL FA 41 17.27 15.28 -26.29
N LEU FA 42 16.95 15.80 -25.10
CA LEU FA 42 17.22 15.15 -23.81
C LEU FA 42 15.87 15.03 -23.09
N ILE FA 43 15.56 13.80 -22.67
CA ILE FA 43 14.34 13.53 -21.90
C ILE FA 43 14.81 13.02 -20.55
N ALA FA 44 14.53 13.81 -19.51
CA ALA FA 44 15.18 13.65 -18.22
C ALA FA 44 14.17 13.66 -17.07
N GLN FA 45 14.22 12.62 -16.22
CA GLN FA 45 13.32 12.51 -15.05
C GLN FA 45 13.82 13.33 -13.87
N PHE FA 46 12.92 13.63 -12.94
CA PHE FA 46 13.33 13.89 -11.56
C PHE FA 46 13.63 12.58 -10.87
N THR FA 47 14.61 12.59 -9.99
CA THR FA 47 15.16 11.35 -9.44
C THR FA 47 15.49 11.48 -7.96
N GLU FA 48 15.97 10.38 -7.40
CA GLU FA 48 16.58 10.41 -6.08
C GLU FA 48 17.63 11.56 -5.94
N HIS FA 49 18.43 11.78 -6.98
CA HIS FA 49 19.55 12.73 -6.90
C HIS FA 49 19.24 14.12 -7.43
N THR FA 50 18.15 14.27 -8.18
CA THR FA 50 17.81 15.51 -8.88
C THR FA 50 16.36 15.93 -8.60
N SER FA 51 16.18 17.07 -7.91
CA SER FA 51 14.85 17.59 -7.58
C SER FA 51 14.55 18.97 -8.18
N ALA FA 52 15.53 19.52 -8.90
CA ALA FA 52 15.31 20.70 -9.74
C ALA FA 52 16.24 20.66 -10.95
N ILE FA 53 15.77 21.23 -12.07
CA ILE FA 53 16.55 21.25 -13.30
C ILE FA 53 16.61 22.70 -13.81
N LYS FA 54 17.83 23.16 -14.12
CA LYS FA 54 18.02 24.50 -14.68
C LYS FA 54 18.51 24.40 -16.11
N VAL FA 55 17.87 25.11 -17.04
CA VAL FA 55 18.34 25.12 -18.44
C VAL FA 55 18.93 26.49 -18.78
N ARG FA 56 20.18 26.48 -19.26
CA ARG FA 56 20.89 27.67 -19.74
C ARG FA 56 21.12 27.57 -21.24
N GLY FA 57 20.83 28.64 -21.96
CA GLY FA 57 20.99 28.63 -23.41
C GLY FA 57 19.61 28.50 -24.03
N LYS FA 58 19.55 28.64 -25.36
CA LYS FA 58 18.28 28.65 -26.09
C LYS FA 58 17.77 27.23 -26.30
N ALA FA 59 16.60 26.93 -25.75
CA ALA FA 59 16.03 25.56 -25.81
C ALA FA 59 14.49 25.55 -25.80
N TYR FA 60 13.91 24.55 -26.43
CA TYR FA 60 12.47 24.37 -26.39
C TYR FA 60 12.18 23.22 -25.42
N ILE FA 61 11.23 23.47 -24.52
CA ILE FA 61 11.01 22.63 -23.33
C ILE FA 61 9.55 22.24 -23.20
N GLN FA 62 9.32 20.94 -23.01
CA GLN FA 62 7.95 20.43 -22.84
C GLN FA 62 7.88 19.80 -21.47
N THR FA 63 6.89 20.20 -20.69
CA THR FA 63 6.60 19.52 -19.45
C THR FA 63 5.11 19.24 -19.41
N ARG FA 64 4.72 18.59 -18.33
CA ARG FA 64 3.30 18.35 -18.05
C ARG FA 64 2.51 19.67 -18.01
N HIS FA 65 3.17 20.78 -17.72
CA HIS FA 65 2.44 22.05 -17.51
C HIS FA 65 2.34 22.87 -18.78
N GLY FA 66 2.94 22.36 -19.85
CA GLY FA 66 2.86 22.97 -21.17
C GLY FA 66 4.26 23.18 -21.75
N VAL FA 67 4.39 24.12 -22.67
CA VAL FA 67 5.66 24.32 -23.36
C VAL FA 67 6.20 25.68 -23.02
N ILE FA 68 7.52 25.83 -23.16
CA ILE FA 68 8.22 27.06 -22.86
C ILE FA 68 9.59 27.03 -23.55
N GLU FA 69 10.10 28.20 -23.87
CA GLU FA 69 11.44 28.33 -24.45
C GLU FA 69 12.37 29.07 -23.49
N SER FA 70 13.55 28.52 -23.26
CA SER FA 70 14.58 29.27 -22.55
C SER FA 70 15.34 30.12 -23.57
N GLU FA 71 15.95 31.21 -23.09
CA GLU FA 71 16.70 32.13 -23.95
C GLU FA 71 18.11 32.32 -23.36
N GLY FA 72 19.13 32.39 -24.21
CA GLY FA 72 20.52 32.40 -23.75
C GLY FA 72 21.18 33.76 -23.85
N TRP HA . 27.46 -27.20 2.80
CA TRP HA . 27.19 -25.78 2.48
C TRP HA . 26.72 -25.03 3.71
O TRP HA . 25.94 -25.56 4.51
CB TRP HA . 26.16 -25.62 1.36
CG TRP HA . 25.93 -24.18 0.97
CD1 TRP HA . 24.95 -23.33 1.43
CD2 TRP HA . 26.69 -23.42 0.02
NE1 TRP HA . 25.06 -22.10 0.82
CE2 TRP HA . 26.13 -22.13 -0.05
CE3 TRP HA . 27.83 -23.70 -0.78
CZ2 TRP HA . 26.63 -21.12 -0.88
CZ3 TRP HA . 28.32 -22.68 -1.61
CH2 TRP HA . 27.72 -21.43 -1.65
OXT TRP HA . 27.13 -23.89 3.94
N TRP IA . 15.06 -35.59 3.66
CA TRP IA . 15.22 -34.25 3.06
C TRP IA . 15.48 -33.19 4.15
O TRP IA . 14.77 -33.26 5.18
CB TRP IA . 14.00 -33.88 2.21
CG TRP IA . 14.15 -32.55 1.51
CD1 TRP IA . 13.73 -31.32 1.95
CD2 TRP IA . 14.77 -32.32 0.25
NE1 TRP IA . 14.02 -30.34 1.03
CE2 TRP IA . 14.67 -30.92 -0.03
CE3 TRP IA . 15.41 -33.14 -0.70
CZ2 TRP IA . 15.20 -30.34 -1.19
CZ3 TRP IA . 15.94 -32.56 -1.86
CH2 TRP IA . 15.81 -31.17 -2.10
OXT TRP IA . 16.37 -32.33 3.95
N TRP JA . 1.44 -37.50 9.94
CA TRP JA . 1.92 -36.47 8.98
C TRP JA . 2.94 -35.50 9.60
O TRP JA . 2.72 -35.07 10.75
CB TRP JA . 0.74 -35.67 8.42
CG TRP JA . 1.11 -34.70 7.36
CD1 TRP JA . 1.29 -33.32 7.52
CD2 TRP JA . 1.31 -34.97 5.96
NE1 TRP JA . 1.60 -32.77 6.30
CE2 TRP JA . 1.65 -33.74 5.34
CE3 TRP JA . 1.28 -36.15 5.17
CZ2 TRP JA . 1.92 -33.63 3.96
CZ3 TRP JA . 1.57 -36.04 3.79
CH2 TRP JA . 1.88 -34.79 3.21
OXT TRP JA . 3.96 -35.13 8.98
N TRP KA . -8.57 -32.25 19.77
CA TRP KA . -8.20 -31.72 18.43
C TRP KA . -6.80 -31.12 18.48
O TRP KA . -6.40 -30.45 19.45
CB TRP KA . -9.22 -30.68 17.95
CG TRP KA . -8.92 -30.13 16.55
CD1 TRP KA . -8.20 -29.01 16.25
CD2 TRP KA . -9.34 -30.68 15.30
NE1 TRP KA . -8.15 -28.83 14.90
CE2 TRP KA . -8.83 -29.84 14.28
CE3 TRP KA . -10.10 -31.80 14.92
CZ2 TRP KA . -9.06 -30.08 12.91
CZ3 TRP KA . -10.33 -32.02 13.53
CH2 TRP KA . -9.80 -31.18 12.57
OXT TRP KA . -6.03 -31.31 17.54
N TRP LA . -12.34 -21.61 29.73
CA TRP LA . -12.24 -21.51 28.29
C TRP LA . -10.77 -21.61 27.84
O TRP LA . -9.84 -21.13 28.50
CB TRP LA . -12.90 -20.21 27.79
CG TRP LA . -12.89 -20.09 26.28
CD1 TRP LA . -11.95 -19.43 25.52
CD2 TRP LA . -13.82 -20.64 25.35
NE1 TRP LA . -12.26 -19.55 24.19
CE2 TRP LA . -13.40 -20.28 24.05
CE3 TRP LA . -15.00 -21.41 25.48
CZ2 TRP LA . -14.10 -20.66 22.90
CZ3 TRP LA . -15.69 -21.77 24.34
CH2 TRP LA . -15.24 -21.42 23.08
OXT TRP LA . -10.45 -22.20 26.79
N TRP MA . -8.24 -9.07 36.81
CA TRP MA . -8.63 -9.26 35.40
C TRP MA . -7.51 -9.99 34.63
O TRP MA . -6.31 -9.72 34.82
CB TRP MA . -8.91 -7.90 34.73
CG TRP MA . -9.38 -8.03 33.31
CD1 TRP MA . -8.60 -7.97 32.18
CD2 TRP MA . -10.73 -8.23 32.84
NE1 TRP MA . -9.37 -8.13 31.06
CE2 TRP MA . -10.68 -8.30 31.44
CE3 TRP MA . -11.97 -8.38 33.48
CZ2 TRP MA . -11.83 -8.49 30.65
CZ3 TRP MA . -13.12 -8.56 32.68
CH2 TRP MA . -13.03 -8.62 31.28
OXT TRP MA . -7.79 -10.87 33.82
N TRP NA . 2.15 1.68 38.78
CA TRP NA . 1.24 1.41 37.67
C TRP NA . 1.61 0.13 36.88
O TRP NA . 2.79 -0.14 36.62
CB TRP NA . 1.21 2.62 36.74
CG TRP NA . 0.31 2.45 35.56
CD1 TRP NA . 0.63 1.96 34.31
CD2 TRP NA . -1.10 2.79 35.49
NE1 TRP NA . -0.46 1.98 33.49
CE2 TRP NA . -1.55 2.46 34.19
CE3 TRP NA . -2.02 3.31 36.41
CZ2 TRP NA . -2.87 2.67 33.77
CZ3 TRP NA . -3.33 3.51 36.00
CH2 TRP NA . -3.75 3.19 34.68
OXT TRP NA . 0.72 -0.65 36.50
N TRP OA . 15.54 6.99 34.91
CA TRP OA . 14.32 6.96 34.10
C TRP OA . 13.97 5.52 33.70
O TRP OA . 14.88 4.72 33.35
CB TRP OA . 14.44 7.87 32.86
CG TRP OA . 13.16 7.98 32.07
CD1 TRP OA . 12.82 7.23 30.96
CD2 TRP OA . 12.06 8.88 32.28
NE1 TRP OA . 11.58 7.60 30.49
CE2 TRP OA . 11.09 8.63 31.28
CE3 TRP OA . 11.79 9.91 33.23
CZ2 TRP OA . 9.88 9.34 31.18
CZ3 TRP OA . 10.59 10.61 33.15
CH2 TRP OA . 9.64 10.31 32.13
OXT TRP OA . 12.77 5.24 33.75
N TRP PA . 27.99 5.40 26.42
CA TRP PA . 26.62 5.77 26.02
C TRP PA . 25.64 4.60 26.17
O TRP PA . 25.94 3.46 25.78
CB TRP PA . 26.63 6.30 24.57
CG TRP PA . 25.27 6.76 24.11
CD1 TRP PA . 24.37 6.02 23.37
CD2 TRP PA . 24.66 8.02 24.34
NE1 TRP PA . 23.23 6.77 23.14
CE2 TRP PA . 23.38 8.00 23.73
CE3 TRP PA . 25.07 9.21 25.01
CZ2 TRP PA . 22.49 9.09 23.77
CZ3 TRP PA . 24.18 10.30 25.04
CH2 TRP PA . 22.91 10.23 24.43
OXT TRP PA . 24.51 4.74 26.66
N TRP QA . 35.19 -2.88 16.14
CA TRP QA . 34.03 -1.98 16.04
C TRP QA . 32.81 -2.59 16.75
O TRP QA . 32.59 -3.81 16.71
CB TRP QA . 33.73 -1.72 14.55
CG TRP QA . 32.58 -0.80 14.30
CD1 TRP QA . 31.27 -1.16 14.08
CD2 TRP QA . 32.61 0.65 14.26
NE1 TRP QA . 30.50 -0.05 13.90
CE2 TRP QA . 31.28 1.08 14.00
CE3 TRP QA . 33.60 1.61 14.41
CZ2 TRP QA . 30.93 2.43 13.87
CZ3 TRP QA . 33.26 2.96 14.29
CH2 TRP QA . 31.93 3.36 14.01
OXT TRP QA . 31.99 -1.86 17.34
N TRP RA . 34.97 -15.10 7.39
CA TRP RA . 34.22 -13.83 7.28
C TRP RA . 33.16 -13.71 8.38
O TRP RA . 32.48 -14.71 8.73
CB TRP RA . 33.58 -13.69 5.88
CG TRP RA . 32.80 -12.38 5.66
CD1 TRP RA . 31.45 -12.16 5.88
CD2 TRP RA . 33.34 -11.15 5.16
NE1 TRP RA . 31.12 -10.86 5.55
CE2 TRP RA . 32.26 -10.22 5.11
CE3 TRP RA . 34.61 -10.71 4.78
CZ2 TRP RA . 32.43 -8.90 4.68
CZ3 TRP RA . 34.77 -9.44 4.31
CH2 TRP RA . 33.68 -8.52 4.29
OXT TRP RA . 33.01 -12.58 8.90
N TRP SA . 18.61 -2.64 -20.37
CA TRP SA . 18.08 -1.27 -20.48
C TRP SA . 17.35 -0.85 -19.21
O TRP SA . 16.54 -1.65 -18.67
CB TRP SA . 17.14 -1.14 -21.70
CG TRP SA . 16.56 0.24 -21.90
CD1 TRP SA . 15.34 0.68 -21.47
CD2 TRP SA . 17.18 1.37 -22.57
NE1 TRP SA . 15.17 2.00 -21.82
CE2 TRP SA . 16.28 2.44 -22.50
CE3 TRP SA . 18.40 1.56 -23.23
CZ2 TRP SA . 16.56 3.71 -23.05
CZ3 TRP SA . 18.68 2.82 -23.79
CH2 TRP SA . 17.78 3.87 -23.67
OXT TRP SA . 17.57 0.30 -18.78
N TRP TA . 8.28 -13.59 -22.58
CA TRP TA . 8.29 -12.17 -22.98
C TRP TA . 8.13 -11.29 -21.72
O TRP TA . 7.29 -11.59 -20.86
CB TRP TA . 7.15 -11.88 -23.99
CG TRP TA . 7.06 -10.43 -24.42
CD1 TRP TA . 6.30 -9.46 -23.85
CD2 TRP TA . 7.75 -9.81 -25.51
NE1 TRP TA . 6.51 -8.26 -24.48
CE2 TRP TA . 7.40 -8.44 -25.50
CE3 TRP TA . 8.68 -10.26 -26.48
CZ2 TRP TA . 7.90 -7.52 -26.46
CZ3 TRP TA . 9.20 -9.35 -27.40
CH2 TRP TA . 8.79 -7.99 -27.39
OXT TRP TA . 8.83 -10.26 -21.53
N TRP UA . -5.23 -19.36 -19.06
CA TRP UA . -4.89 -18.16 -19.83
C TRP UA . -4.26 -17.13 -18.91
O TRP UA . -4.72 -16.87 -17.78
CB TRP UA . -6.16 -17.56 -20.52
CG TRP UA . -5.88 -16.30 -21.34
CD1 TRP UA . -5.98 -15.01 -20.93
CD2 TRP UA . -5.39 -16.25 -22.70
NE1 TRP UA . -5.61 -14.15 -21.94
CE2 TRP UA . -5.26 -14.89 -23.04
CE3 TRP UA . -5.06 -17.22 -23.67
CZ2 TRP UA . -4.82 -14.47 -24.31
CZ3 TRP UA . -4.64 -16.81 -24.90
CH2 TRP UA . -4.52 -15.45 -25.22
OXT TRP UA . -3.24 -16.51 -19.22
N TRP VA . -17.95 -18.04 -10.71
CA TRP VA . -17.48 -17.22 -11.81
C TRP VA . -16.22 -16.44 -11.40
O TRP VA . -16.23 -15.85 -10.30
CB TRP VA . -18.61 -16.30 -12.34
CG TRP VA . -18.18 -15.45 -13.53
CD1 TRP VA . -17.64 -14.18 -13.50
CD2 TRP VA . -18.17 -15.84 -14.92
NE1 TRP VA . -17.34 -13.76 -14.76
CE2 TRP VA . -17.65 -14.74 -15.67
CE3 TRP VA . -18.56 -17.00 -15.62
CZ2 TRP VA . -17.52 -14.77 -17.08
CZ3 TRP VA . -18.44 -17.02 -17.03
CH2 TRP VA . -17.93 -15.92 -17.74
OXT TRP VA . -15.19 -16.37 -12.13
N TRP WA . -25.70 -10.10 -0.36
CA TRP WA . -25.31 -9.78 -1.74
C TRP WA . -23.78 -9.52 -1.89
O TRP WA . -23.17 -8.84 -1.03
CB TRP WA . -26.14 -8.56 -2.23
CG TRP WA . -25.88 -8.17 -3.67
CD1 TRP WA . -24.97 -7.24 -4.13
CD2 TRP WA . -26.52 -8.71 -4.83
NE1 TRP WA . -25.03 -7.17 -5.49
CE2 TRP WA . -25.97 -8.06 -5.96
CE3 TRP WA . -27.53 -9.67 -5.04
CZ2 TRP WA . -26.36 -8.36 -7.27
CZ3 TRP WA . -27.93 -9.97 -6.33
CH2 TRP WA . -27.33 -9.31 -7.44
OXT TRP WA . -23.11 -9.96 -2.85
N TRP XA . -25.99 2.17 9.01
CA TRP XA . -26.10 2.03 7.54
C TRP XA . -24.79 1.54 6.93
O TRP XA . -23.74 2.03 7.34
CB TRP XA . -26.54 3.37 6.90
CG TRP XA . -26.64 3.32 5.37
CD1 TRP XA . -25.66 3.63 4.46
CD2 TRP XA . -27.78 2.93 4.58
NE1 TRP XA . -26.12 3.45 3.18
CE2 TRP XA . -27.42 3.02 3.22
CE3 TRP XA . -29.08 2.51 4.90
CZ2 TRP XA . -28.31 2.74 2.20
CZ3 TRP XA . -29.97 2.22 3.88
CH2 TRP XA . -29.58 2.34 2.53
OXT TRP XA . -24.76 0.69 6.03
N TRP YA . -18.87 14.51 14.05
CA TRP YA . -19.44 14.24 12.74
C TRP YA . -18.62 13.19 12.00
O TRP YA . -17.36 13.23 11.97
CB TRP YA . -19.51 15.52 11.91
CG TRP YA . -20.16 15.31 10.53
CD1 TRP YA . -19.52 15.05 9.33
CD2 TRP YA . -21.57 15.30 10.23
NE1 TRP YA . -20.45 14.89 8.33
CE2 TRP YA . -21.70 15.05 8.84
CE3 TRP YA . -22.72 15.49 11.00
CZ2 TRP YA . -22.96 14.98 8.21
CZ3 TRP YA . -23.96 15.42 10.37
CH2 TRP YA . -24.07 15.19 8.98
OXT TRP YA . -19.20 12.31 11.39
N TRP ZA . -6.37 23.30 13.35
CA TRP ZA . -7.47 23.12 12.38
C TRP ZA . -7.41 21.71 11.81
O TRP ZA . -6.29 21.23 11.50
CB TRP ZA . -7.36 24.16 11.24
CG TRP ZA . -8.46 24.03 10.21
CD1 TRP ZA . -8.41 23.34 9.03
CD2 TRP ZA . -9.79 24.59 10.29
NE1 TRP ZA . -9.63 23.42 8.39
CE2 TRP ZA . -10.49 24.19 9.12
CE3 TRP ZA . -10.45 25.42 11.22
CZ2 TRP ZA . -11.81 24.58 8.86
CZ3 TRP ZA . -11.78 25.79 10.98
CH2 TRP ZA . -12.43 25.39 9.78
OXT TRP ZA . -8.47 21.07 11.67
N TRP AB . 7.33 25.62 7.16
CA TRP AB . 5.98 25.77 6.61
C TRP AB . 5.29 24.41 6.46
O TRP AB . 5.93 23.47 5.96
CB TRP AB . 6.05 26.47 5.23
CG TRP AB . 4.72 26.63 4.55
CD1 TRP AB . 4.18 25.81 3.61
CD2 TRP AB . 3.78 27.70 4.72
NE1 TRP AB . 2.95 26.26 3.21
CE2 TRP AB . 2.68 27.42 3.88
CE3 TRP AB . 3.74 28.85 5.52
CZ2 TRP AB . 1.56 28.26 3.80
CZ3 TRP AB . 2.63 29.69 5.46
CH2 TRP AB . 1.54 29.39 4.60
OXT TRP AB . 4.12 24.23 6.80
N TRP BB . 18.03 20.74 -2.72
CA TRP BB . 16.71 21.36 -2.88
C TRP BB . 15.61 20.42 -2.40
O TRP BB . 15.69 19.20 -2.61
CB TRP BB . 16.48 21.72 -4.35
CG TRP BB . 15.11 22.36 -4.65
CD1 TRP BB . 14.00 21.71 -5.08
CD2 TRP BB . 14.75 23.75 -4.57
NE1 TRP BB . 12.97 22.61 -5.28
CE2 TRP BB . 13.40 23.87 -4.97
CE3 TRP BB . 15.44 24.93 -4.20
CZ2 TRP BB . 12.72 25.11 -5.00
CZ3 TRP BB . 14.75 26.16 -4.23
CH2 TRP BB . 13.41 26.24 -4.63
OXT TRP BB . 14.63 20.85 -1.79
N TRP CB . 22.32 10.34 -13.00
CA TRP CB . 21.27 11.37 -13.04
C TRP CB . 20.16 11.08 -12.03
O TRP CB . 19.75 9.93 -11.86
CB TRP CB . 20.69 11.49 -14.47
CG TRP CB . 19.61 12.57 -14.60
CD1 TRP CB . 18.25 12.38 -14.54
CD2 TRP CB . 19.81 13.97 -14.79
NE1 TRP CB . 17.61 13.59 -14.70
CE2 TRP CB . 18.54 14.57 -14.86
CE3 TRP CB . 20.96 14.78 -14.95
CZ2 TRP CB . 18.37 15.96 -15.06
CZ3 TRP CB . 20.79 16.16 -15.16
CH2 TRP CB . 19.52 16.74 -15.21
OXT TRP CB . 19.61 11.95 -11.34
#